data_1ASS
# 
_entry.id   1ASS 
# 
_audit_conform.dict_name       mmcif_pdbx.dic 
_audit_conform.dict_version    5.385 
_audit_conform.dict_location   http://mmcif.pdb.org/dictionaries/ascii/mmcif_pdbx.dic 
# 
loop_
_database_2.database_id 
_database_2.database_code 
_database_2.pdbx_database_accession 
_database_2.pdbx_DOI 
PDB   1ASS         pdb_00001ass 10.2210/pdb1ass/pdb 
WWPDB D_1000171213 ?            ?                   
# 
loop_
_pdbx_audit_revision_history.ordinal 
_pdbx_audit_revision_history.data_content_type 
_pdbx_audit_revision_history.major_revision 
_pdbx_audit_revision_history.minor_revision 
_pdbx_audit_revision_history.revision_date 
1 'Structure model' 1 0 1997-12-03 
2 'Structure model' 1 1 2008-03-24 
3 'Structure model' 1 2 2011-07-13 
4 'Structure model' 1 3 2024-02-07 
# 
_pdbx_audit_revision_details.ordinal             1 
_pdbx_audit_revision_details.revision_ordinal    1 
_pdbx_audit_revision_details.data_content_type   'Structure model' 
_pdbx_audit_revision_details.provider            repository 
_pdbx_audit_revision_details.type                'Initial release' 
_pdbx_audit_revision_details.description         ? 
_pdbx_audit_revision_details.details             ? 
# 
loop_
_pdbx_audit_revision_group.ordinal 
_pdbx_audit_revision_group.revision_ordinal 
_pdbx_audit_revision_group.data_content_type 
_pdbx_audit_revision_group.group 
1 2 'Structure model' 'Version format compliance' 
2 3 'Structure model' 'Derived calculations'      
3 3 'Structure model' 'Version format compliance' 
4 4 'Structure model' 'Data collection'           
5 4 'Structure model' 'Database references'       
6 4 'Structure model' 'Derived calculations'      
# 
loop_
_pdbx_audit_revision_category.ordinal 
_pdbx_audit_revision_category.revision_ordinal 
_pdbx_audit_revision_category.data_content_type 
_pdbx_audit_revision_category.category 
1 4 'Structure model' chem_comp_atom 
2 4 'Structure model' chem_comp_bond 
3 4 'Structure model' database_2     
4 4 'Structure model' struct_site    
# 
loop_
_pdbx_audit_revision_item.ordinal 
_pdbx_audit_revision_item.revision_ordinal 
_pdbx_audit_revision_item.data_content_type 
_pdbx_audit_revision_item.item 
1 4 'Structure model' '_database_2.pdbx_DOI'                
2 4 'Structure model' '_database_2.pdbx_database_accession' 
3 4 'Structure model' '_struct_site.pdbx_auth_asym_id'      
4 4 'Structure model' '_struct_site.pdbx_auth_comp_id'      
5 4 'Structure model' '_struct_site.pdbx_auth_seq_id'       
# 
_pdbx_database_status.status_code                     REL 
_pdbx_database_status.entry_id                        1ASS 
_pdbx_database_status.recvd_initial_deposition_date   1997-08-11 
_pdbx_database_status.deposit_site                    ? 
_pdbx_database_status.process_site                    BNL 
_pdbx_database_status.status_code_sf                  REL 
_pdbx_database_status.status_code_mr                  ? 
_pdbx_database_status.SG_entry                        ? 
_pdbx_database_status.pdb_format_compatible           Y 
_pdbx_database_status.status_code_cs                  ? 
_pdbx_database_status.status_code_nmr_data            ? 
_pdbx_database_status.methods_development_category    ? 
# 
loop_
_audit_author.name 
_audit_author.pdbx_ordinal 
'Klumpp, M.'     1 
'Baumeister, W.' 2 
'Essen, L.-O.'   3 
# 
_citation.id                        primary 
_citation.title                     'Structure of the substrate binding domain of the thermosome, an archaeal group II chaperonin.' 
_citation.journal_abbrev            'Cell(Cambridge,Mass.)' 
_citation.journal_volume            91 
_citation.page_first                263 
_citation.page_last                 270 
_citation.year                      1997 
_citation.journal_id_ASTM           CELLB5 
_citation.country                   US 
_citation.journal_id_ISSN           0092-8674 
_citation.journal_id_CSD            0998 
_citation.book_publisher            ? 
_citation.pdbx_database_id_PubMed   9346243 
_citation.pdbx_database_id_DOI      '10.1016/S0092-8674(00)80408-0' 
# 
loop_
_citation_author.citation_id 
_citation_author.name 
_citation_author.ordinal 
_citation_author.identifier_ORCID 
primary 'Klumpp, M.'     1 ? 
primary 'Baumeister, W.' 2 ? 
primary 'Essen, L.O.'    3 ? 
# 
loop_
_entity.id 
_entity.type 
_entity.src_method 
_entity.pdbx_description 
_entity.formula_weight 
_entity.pdbx_number_of_molecules 
_entity.pdbx_ec 
_entity.pdbx_mutation 
_entity.pdbx_fragment 
_entity.details 
1 polymer     man THERMOSOME      17822.625 1  ? ? 'ALPHA-SUBUNIT, APICAL DOMAIN, SUBSTRATE-BINDING DOMAIN' ? 
2 non-polymer syn 'SODIUM ION'    22.990    1  ? ? ?                                                        ? 
3 non-polymer syn 'PHOSPHATE ION' 94.971    3  ? ? ?                                                        ? 
4 water       nat water           18.015    35 ? ? ?                                                        ? 
# 
_entity_poly.entity_id                      1 
_entity_poly.type                           'polypeptide(L)' 
_entity_poly.nstd_linkage                   no 
_entity_poly.nstd_monomer                   no 
_entity_poly.pdbx_seq_one_letter_code       
;MSGIVIDKEKVHSKMPDVVKNAKIALIDSALEIKKTEIEAKVQISDPSKIQDFLNQETNTFKQMVEKIKKSGANVVLCQK
GIDDVAQHYLAKEGIYAVRRVKKSDMEKLAKATGAKIVTDLDDLTPSVLGEAETVEERKIGDDRMTFVMGCKNHHHHHH
;
_entity_poly.pdbx_seq_one_letter_code_can   
;MSGIVIDKEKVHSKMPDVVKNAKIALIDSALEIKKTEIEAKVQISDPSKIQDFLNQETNTFKQMVEKIKKSGANVVLCQK
GIDDVAQHYLAKEGIYAVRRVKKSDMEKLAKATGAKIVTDLDDLTPSVLGEAETVEERKIGDDRMTFVMGCKNHHHHHH
;
_entity_poly.pdbx_strand_id                 A 
_entity_poly.pdbx_target_identifier         ? 
# 
loop_
_pdbx_entity_nonpoly.entity_id 
_pdbx_entity_nonpoly.name 
_pdbx_entity_nonpoly.comp_id 
2 'SODIUM ION'    NA  
3 'PHOSPHATE ION' PO4 
4 water           HOH 
# 
loop_
_entity_poly_seq.entity_id 
_entity_poly_seq.num 
_entity_poly_seq.mon_id 
_entity_poly_seq.hetero 
1 1   MET n 
1 2   SER n 
1 3   GLY n 
1 4   ILE n 
1 5   VAL n 
1 6   ILE n 
1 7   ASP n 
1 8   LYS n 
1 9   GLU n 
1 10  LYS n 
1 11  VAL n 
1 12  HIS n 
1 13  SER n 
1 14  LYS n 
1 15  MET n 
1 16  PRO n 
1 17  ASP n 
1 18  VAL n 
1 19  VAL n 
1 20  LYS n 
1 21  ASN n 
1 22  ALA n 
1 23  LYS n 
1 24  ILE n 
1 25  ALA n 
1 26  LEU n 
1 27  ILE n 
1 28  ASP n 
1 29  SER n 
1 30  ALA n 
1 31  LEU n 
1 32  GLU n 
1 33  ILE n 
1 34  LYS n 
1 35  LYS n 
1 36  THR n 
1 37  GLU n 
1 38  ILE n 
1 39  GLU n 
1 40  ALA n 
1 41  LYS n 
1 42  VAL n 
1 43  GLN n 
1 44  ILE n 
1 45  SER n 
1 46  ASP n 
1 47  PRO n 
1 48  SER n 
1 49  LYS n 
1 50  ILE n 
1 51  GLN n 
1 52  ASP n 
1 53  PHE n 
1 54  LEU n 
1 55  ASN n 
1 56  GLN n 
1 57  GLU n 
1 58  THR n 
1 59  ASN n 
1 60  THR n 
1 61  PHE n 
1 62  LYS n 
1 63  GLN n 
1 64  MET n 
1 65  VAL n 
1 66  GLU n 
1 67  LYS n 
1 68  ILE n 
1 69  LYS n 
1 70  LYS n 
1 71  SER n 
1 72  GLY n 
1 73  ALA n 
1 74  ASN n 
1 75  VAL n 
1 76  VAL n 
1 77  LEU n 
1 78  CYS n 
1 79  GLN n 
1 80  LYS n 
1 81  GLY n 
1 82  ILE n 
1 83  ASP n 
1 84  ASP n 
1 85  VAL n 
1 86  ALA n 
1 87  GLN n 
1 88  HIS n 
1 89  TYR n 
1 90  LEU n 
1 91  ALA n 
1 92  LYS n 
1 93  GLU n 
1 94  GLY n 
1 95  ILE n 
1 96  TYR n 
1 97  ALA n 
1 98  VAL n 
1 99  ARG n 
1 100 ARG n 
1 101 VAL n 
1 102 LYS n 
1 103 LYS n 
1 104 SER n 
1 105 ASP n 
1 106 MET n 
1 107 GLU n 
1 108 LYS n 
1 109 LEU n 
1 110 ALA n 
1 111 LYS n 
1 112 ALA n 
1 113 THR n 
1 114 GLY n 
1 115 ALA n 
1 116 LYS n 
1 117 ILE n 
1 118 VAL n 
1 119 THR n 
1 120 ASP n 
1 121 LEU n 
1 122 ASP n 
1 123 ASP n 
1 124 LEU n 
1 125 THR n 
1 126 PRO n 
1 127 SER n 
1 128 VAL n 
1 129 LEU n 
1 130 GLY n 
1 131 GLU n 
1 132 ALA n 
1 133 GLU n 
1 134 THR n 
1 135 VAL n 
1 136 GLU n 
1 137 GLU n 
1 138 ARG n 
1 139 LYS n 
1 140 ILE n 
1 141 GLY n 
1 142 ASP n 
1 143 ASP n 
1 144 ARG n 
1 145 MET n 
1 146 THR n 
1 147 PHE n 
1 148 VAL n 
1 149 MET n 
1 150 GLY n 
1 151 CYS n 
1 152 LYS n 
1 153 ASN n 
1 154 HIS n 
1 155 HIS n 
1 156 HIS n 
1 157 HIS n 
1 158 HIS n 
1 159 HIS n 
# 
_entity_src_gen.entity_id                          1 
_entity_src_gen.pdbx_src_id                        1 
_entity_src_gen.pdbx_alt_source_flag               sample 
_entity_src_gen.pdbx_seq_type                      ? 
_entity_src_gen.pdbx_beg_seq_num                   ? 
_entity_src_gen.pdbx_end_seq_num                   ? 
_entity_src_gen.gene_src_common_name               ? 
_entity_src_gen.gene_src_genus                     Thermoplasma 
_entity_src_gen.pdbx_gene_src_gene                 THSA 
_entity_src_gen.gene_src_species                   ? 
_entity_src_gen.gene_src_strain                    ? 
_entity_src_gen.gene_src_tissue                    ? 
_entity_src_gen.gene_src_tissue_fraction           ? 
_entity_src_gen.gene_src_details                   ? 
_entity_src_gen.pdbx_gene_src_fragment             ? 
_entity_src_gen.pdbx_gene_src_scientific_name      'Thermoplasma acidophilum' 
_entity_src_gen.pdbx_gene_src_ncbi_taxonomy_id     2303 
_entity_src_gen.pdbx_gene_src_variant              ? 
_entity_src_gen.pdbx_gene_src_cell_line            BL21 
_entity_src_gen.pdbx_gene_src_atcc                 25905 
_entity_src_gen.pdbx_gene_src_organ                ? 
_entity_src_gen.pdbx_gene_src_organelle            ? 
_entity_src_gen.pdbx_gene_src_cell                 ? 
_entity_src_gen.pdbx_gene_src_cellular_location    CYTOPLASM 
_entity_src_gen.host_org_common_name               ? 
_entity_src_gen.pdbx_host_org_scientific_name      'Escherichia coli BL21(DE3)' 
_entity_src_gen.pdbx_host_org_ncbi_taxonomy_id     469008 
_entity_src_gen.host_org_genus                     Escherichia 
_entity_src_gen.pdbx_host_org_gene                 THSA 
_entity_src_gen.pdbx_host_org_organ                ? 
_entity_src_gen.host_org_species                   'Escherichia coli' 
_entity_src_gen.pdbx_host_org_tissue               ? 
_entity_src_gen.pdbx_host_org_tissue_fraction      ? 
_entity_src_gen.pdbx_host_org_strain               'BL21 (DE3)' 
_entity_src_gen.pdbx_host_org_variant              ? 
_entity_src_gen.pdbx_host_org_cell_line            ? 
_entity_src_gen.pdbx_host_org_atcc                 ? 
_entity_src_gen.pdbx_host_org_culture_collection   ? 
_entity_src_gen.pdbx_host_org_cell                 ? 
_entity_src_gen.pdbx_host_org_organelle            ? 
_entity_src_gen.pdbx_host_org_cellular_location    ? 
_entity_src_gen.pdbx_host_org_vector_type          PLASMID 
_entity_src_gen.pdbx_host_org_vector               ? 
_entity_src_gen.host_org_details                   ? 
_entity_src_gen.expression_system_id               ? 
_entity_src_gen.plasmid_name                       PRSET6A 
_entity_src_gen.plasmid_details                    ? 
_entity_src_gen.pdbx_description                   ? 
# 
loop_
_chem_comp.id 
_chem_comp.type 
_chem_comp.mon_nstd_flag 
_chem_comp.name 
_chem_comp.pdbx_synonyms 
_chem_comp.formula 
_chem_comp.formula_weight 
ALA 'L-peptide linking' y ALANINE         ? 'C3 H7 N O2'     89.093  
ARG 'L-peptide linking' y ARGININE        ? 'C6 H15 N4 O2 1' 175.209 
ASN 'L-peptide linking' y ASPARAGINE      ? 'C4 H8 N2 O3'    132.118 
ASP 'L-peptide linking' y 'ASPARTIC ACID' ? 'C4 H7 N O4'     133.103 
CYS 'L-peptide linking' y CYSTEINE        ? 'C3 H7 N O2 S'   121.158 
GLN 'L-peptide linking' y GLUTAMINE       ? 'C5 H10 N2 O3'   146.144 
GLU 'L-peptide linking' y 'GLUTAMIC ACID' ? 'C5 H9 N O4'     147.129 
GLY 'peptide linking'   y GLYCINE         ? 'C2 H5 N O2'     75.067  
HIS 'L-peptide linking' y HISTIDINE       ? 'C6 H10 N3 O2 1' 156.162 
HOH non-polymer         . WATER           ? 'H2 O'           18.015  
ILE 'L-peptide linking' y ISOLEUCINE      ? 'C6 H13 N O2'    131.173 
LEU 'L-peptide linking' y LEUCINE         ? 'C6 H13 N O2'    131.173 
LYS 'L-peptide linking' y LYSINE          ? 'C6 H15 N2 O2 1' 147.195 
MET 'L-peptide linking' y METHIONINE      ? 'C5 H11 N O2 S'  149.211 
NA  non-polymer         . 'SODIUM ION'    ? 'Na 1'           22.990  
PHE 'L-peptide linking' y PHENYLALANINE   ? 'C9 H11 N O2'    165.189 
PO4 non-polymer         . 'PHOSPHATE ION' ? 'O4 P -3'        94.971  
PRO 'L-peptide linking' y PROLINE         ? 'C5 H9 N O2'     115.130 
SER 'L-peptide linking' y SERINE          ? 'C3 H7 N O3'     105.093 
THR 'L-peptide linking' y THREONINE       ? 'C4 H9 N O3'     119.119 
TYR 'L-peptide linking' y TYROSINE        ? 'C9 H11 N O3'    181.189 
VAL 'L-peptide linking' y VALINE          ? 'C5 H11 N O2'    117.146 
# 
loop_
_pdbx_poly_seq_scheme.asym_id 
_pdbx_poly_seq_scheme.entity_id 
_pdbx_poly_seq_scheme.seq_id 
_pdbx_poly_seq_scheme.mon_id 
_pdbx_poly_seq_scheme.ndb_seq_num 
_pdbx_poly_seq_scheme.pdb_seq_num 
_pdbx_poly_seq_scheme.auth_seq_num 
_pdbx_poly_seq_scheme.pdb_mon_id 
_pdbx_poly_seq_scheme.auth_mon_id 
_pdbx_poly_seq_scheme.pdb_strand_id 
_pdbx_poly_seq_scheme.pdb_ins_code 
_pdbx_poly_seq_scheme.hetero 
A 1 1   MET 1   1   1   MET MET A . n 
A 1 2   SER 2   2   2   SER SER A . n 
A 1 3   GLY 3   3   3   GLY GLY A . n 
A 1 4   ILE 4   4   4   ILE ILE A . n 
A 1 5   VAL 5   5   5   VAL VAL A . n 
A 1 6   ILE 6   6   6   ILE ILE A . n 
A 1 7   ASP 7   7   7   ASP ASP A . n 
A 1 8   LYS 8   8   8   LYS LYS A . n 
A 1 9   GLU 9   9   9   GLU GLU A . n 
A 1 10  LYS 10  10  10  LYS LYS A . n 
A 1 11  VAL 11  11  11  VAL VAL A . n 
A 1 12  HIS 12  12  12  HIS HIS A . n 
A 1 13  SER 13  13  13  SER SER A . n 
A 1 14  LYS 14  14  14  LYS LYS A . n 
A 1 15  MET 15  15  15  MET MET A . n 
A 1 16  PRO 16  16  16  PRO PRO A . n 
A 1 17  ASP 17  17  17  ASP ASP A . n 
A 1 18  VAL 18  18  18  VAL VAL A . n 
A 1 19  VAL 19  19  19  VAL VAL A . n 
A 1 20  LYS 20  20  20  LYS LYS A . n 
A 1 21  ASN 21  21  21  ASN ASN A . n 
A 1 22  ALA 22  22  22  ALA ALA A . n 
A 1 23  LYS 23  23  23  LYS LYS A . n 
A 1 24  ILE 24  24  24  ILE ILE A . n 
A 1 25  ALA 25  25  25  ALA ALA A . n 
A 1 26  LEU 26  26  26  LEU LEU A . n 
A 1 27  ILE 27  27  27  ILE ILE A . n 
A 1 28  ASP 28  28  28  ASP ASP A . n 
A 1 29  SER 29  29  29  SER SER A . n 
A 1 30  ALA 30  30  30  ALA ALA A . n 
A 1 31  LEU 31  31  31  LEU LEU A . n 
A 1 32  GLU 32  32  32  GLU GLU A . n 
A 1 33  ILE 33  33  33  ILE ILE A . n 
A 1 34  LYS 34  34  34  LYS LYS A . n 
A 1 35  LYS 35  35  35  LYS LYS A . n 
A 1 36  THR 36  36  36  THR THR A . n 
A 1 37  GLU 37  37  37  GLU GLU A . n 
A 1 38  ILE 38  38  38  ILE ILE A . n 
A 1 39  GLU 39  39  39  GLU GLU A . n 
A 1 40  ALA 40  40  40  ALA ALA A . n 
A 1 41  LYS 41  41  41  LYS LYS A . n 
A 1 42  VAL 42  42  42  VAL VAL A . n 
A 1 43  GLN 43  43  43  GLN GLN A . n 
A 1 44  ILE 44  44  44  ILE ILE A . n 
A 1 45  SER 45  45  45  SER SER A . n 
A 1 46  ASP 46  46  46  ASP ASP A . n 
A 1 47  PRO 47  47  47  PRO PRO A . n 
A 1 48  SER 48  48  48  SER SER A . n 
A 1 49  LYS 49  49  49  LYS LYS A . n 
A 1 50  ILE 50  50  50  ILE ILE A . n 
A 1 51  GLN 51  51  51  GLN GLN A . n 
A 1 52  ASP 52  52  52  ASP ASP A . n 
A 1 53  PHE 53  53  53  PHE PHE A . n 
A 1 54  LEU 54  54  54  LEU LEU A . n 
A 1 55  ASN 55  55  55  ASN ASN A . n 
A 1 56  GLN 56  56  56  GLN GLN A . n 
A 1 57  GLU 57  57  57  GLU GLU A . n 
A 1 58  THR 58  58  58  THR THR A . n 
A 1 59  ASN 59  59  59  ASN ASN A . n 
A 1 60  THR 60  60  60  THR THR A . n 
A 1 61  PHE 61  61  61  PHE PHE A . n 
A 1 62  LYS 62  62  62  LYS LYS A . n 
A 1 63  GLN 63  63  63  GLN GLN A . n 
A 1 64  MET 64  64  64  MET MET A . n 
A 1 65  VAL 65  65  65  VAL VAL A . n 
A 1 66  GLU 66  66  66  GLU GLU A . n 
A 1 67  LYS 67  67  67  LYS LYS A . n 
A 1 68  ILE 68  68  68  ILE ILE A . n 
A 1 69  LYS 69  69  69  LYS LYS A . n 
A 1 70  LYS 70  70  70  LYS LYS A . n 
A 1 71  SER 71  71  71  SER SER A . n 
A 1 72  GLY 72  72  72  GLY GLY A . n 
A 1 73  ALA 73  73  73  ALA ALA A . n 
A 1 74  ASN 74  74  74  ASN ASN A . n 
A 1 75  VAL 75  75  75  VAL VAL A . n 
A 1 76  VAL 76  76  76  VAL VAL A . n 
A 1 77  LEU 77  77  77  LEU LEU A . n 
A 1 78  CYS 78  78  78  CYS CYS A . n 
A 1 79  GLN 79  79  79  GLN GLN A . n 
A 1 80  LYS 80  80  80  LYS LYS A . n 
A 1 81  GLY 81  81  81  GLY GLY A . n 
A 1 82  ILE 82  82  82  ILE ILE A . n 
A 1 83  ASP 83  83  83  ASP ASP A . n 
A 1 84  ASP 84  84  84  ASP ASP A . n 
A 1 85  VAL 85  85  85  VAL VAL A . n 
A 1 86  ALA 86  86  86  ALA ALA A . n 
A 1 87  GLN 87  87  87  GLN GLN A . n 
A 1 88  HIS 88  88  88  HIS HIS A . n 
A 1 89  TYR 89  89  89  TYR TYR A . n 
A 1 90  LEU 90  90  90  LEU LEU A . n 
A 1 91  ALA 91  91  91  ALA ALA A . n 
A 1 92  LYS 92  92  92  LYS LYS A . n 
A 1 93  GLU 93  93  93  GLU GLU A . n 
A 1 94  GLY 94  94  94  GLY GLY A . n 
A 1 95  ILE 95  95  95  ILE ILE A . n 
A 1 96  TYR 96  96  96  TYR TYR A . n 
A 1 97  ALA 97  97  97  ALA ALA A . n 
A 1 98  VAL 98  98  98  VAL VAL A . n 
A 1 99  ARG 99  99  99  ARG ARG A . n 
A 1 100 ARG 100 100 100 ARG ARG A . n 
A 1 101 VAL 101 101 101 VAL VAL A . n 
A 1 102 LYS 102 102 102 LYS LYS A . n 
A 1 103 LYS 103 103 103 LYS LYS A . n 
A 1 104 SER 104 104 104 SER SER A . n 
A 1 105 ASP 105 105 105 ASP ASP A . n 
A 1 106 MET 106 106 106 MET MET A . n 
A 1 107 GLU 107 107 107 GLU GLU A . n 
A 1 108 LYS 108 108 108 LYS LYS A . n 
A 1 109 LEU 109 109 109 LEU LEU A . n 
A 1 110 ALA 110 110 110 ALA ALA A . n 
A 1 111 LYS 111 111 111 LYS LYS A . n 
A 1 112 ALA 112 112 112 ALA ALA A . n 
A 1 113 THR 113 113 113 THR THR A . n 
A 1 114 GLY 114 114 114 GLY GLY A . n 
A 1 115 ALA 115 115 115 ALA ALA A . n 
A 1 116 LYS 116 116 116 LYS LYS A . n 
A 1 117 ILE 117 117 117 ILE ILE A . n 
A 1 118 VAL 118 118 118 VAL VAL A . n 
A 1 119 THR 119 119 119 THR THR A . n 
A 1 120 ASP 120 120 120 ASP ASP A . n 
A 1 121 LEU 121 121 121 LEU LEU A . n 
A 1 122 ASP 122 122 122 ASP ASP A . n 
A 1 123 ASP 123 123 123 ASP ASP A . n 
A 1 124 LEU 124 124 124 LEU LEU A . n 
A 1 125 THR 125 125 125 THR THR A . n 
A 1 126 PRO 126 126 126 PRO PRO A . n 
A 1 127 SER 127 127 127 SER SER A . n 
A 1 128 VAL 128 128 128 VAL VAL A . n 
A 1 129 LEU 129 129 129 LEU LEU A . n 
A 1 130 GLY 130 130 130 GLY GLY A . n 
A 1 131 GLU 131 131 131 GLU GLU A . n 
A 1 132 ALA 132 132 132 ALA ALA A . n 
A 1 133 GLU 133 133 133 GLU GLU A . n 
A 1 134 THR 134 134 134 THR THR A . n 
A 1 135 VAL 135 135 135 VAL VAL A . n 
A 1 136 GLU 136 136 136 GLU GLU A . n 
A 1 137 GLU 137 137 137 GLU GLU A . n 
A 1 138 ARG 138 138 138 ARG ARG A . n 
A 1 139 LYS 139 139 139 LYS LYS A . n 
A 1 140 ILE 140 140 140 ILE ILE A . n 
A 1 141 GLY 141 141 141 GLY GLY A . n 
A 1 142 ASP 142 142 142 ASP ASP A . n 
A 1 143 ASP 143 143 143 ASP ASP A . n 
A 1 144 ARG 144 144 144 ARG ARG A . n 
A 1 145 MET 145 145 145 MET MET A . n 
A 1 146 THR 146 146 146 THR THR A . n 
A 1 147 PHE 147 147 147 PHE PHE A . n 
A 1 148 VAL 148 148 148 VAL VAL A . n 
A 1 149 MET 149 149 149 MET MET A . n 
A 1 150 GLY 150 150 150 GLY GLY A . n 
A 1 151 CYS 151 151 151 CYS CYS A . n 
A 1 152 LYS 152 152 152 LYS LYS A . n 
A 1 153 ASN 153 153 ?   ?   ?   A . n 
A 1 154 HIS 154 154 ?   ?   ?   A . n 
A 1 155 HIS 155 155 ?   ?   ?   A . n 
A 1 156 HIS 156 156 ?   ?   ?   A . n 
A 1 157 HIS 157 157 ?   ?   ?   A . n 
A 1 158 HIS 158 158 ?   ?   ?   A . n 
A 1 159 HIS 159 159 ?   ?   ?   A . n 
# 
loop_
_pdbx_nonpoly_scheme.asym_id 
_pdbx_nonpoly_scheme.entity_id 
_pdbx_nonpoly_scheme.mon_id 
_pdbx_nonpoly_scheme.ndb_seq_num 
_pdbx_nonpoly_scheme.pdb_seq_num 
_pdbx_nonpoly_scheme.auth_seq_num 
_pdbx_nonpoly_scheme.pdb_mon_id 
_pdbx_nonpoly_scheme.auth_mon_id 
_pdbx_nonpoly_scheme.pdb_strand_id 
_pdbx_nonpoly_scheme.pdb_ins_code 
B 2 NA  1  160 3  NA  NA  A . 
C 3 PO4 1  161 37 PO4 PO4 A . 
D 3 PO4 1  162 38 PO4 PO4 A . 
E 3 PO4 1  163 39 PO4 PO4 A . 
F 4 HOH 1  164 1  HOH HOH A . 
F 4 HOH 2  165 2  HOH HOH A . 
F 4 HOH 3  166 4  HOH HOH A . 
F 4 HOH 4  167 5  HOH HOH A . 
F 4 HOH 5  168 6  HOH HOH A . 
F 4 HOH 6  169 7  HOH HOH A . 
F 4 HOH 7  170 8  HOH HOH A . 
F 4 HOH 8  171 9  HOH HOH A . 
F 4 HOH 9  172 10 HOH HOH A . 
F 4 HOH 10 173 11 HOH HOH A . 
F 4 HOH 11 174 12 HOH HOH A . 
F 4 HOH 12 175 13 HOH HOH A . 
F 4 HOH 13 176 14 HOH HOH A . 
F 4 HOH 14 177 15 HOH HOH A . 
F 4 HOH 15 178 16 HOH HOH A . 
F 4 HOH 16 179 17 HOH HOH A . 
F 4 HOH 17 180 18 HOH HOH A . 
F 4 HOH 18 181 19 HOH HOH A . 
F 4 HOH 19 182 20 HOH HOH A . 
F 4 HOH 20 183 21 HOH HOH A . 
F 4 HOH 21 184 22 HOH HOH A . 
F 4 HOH 22 185 23 HOH HOH A . 
F 4 HOH 23 186 24 HOH HOH A . 
F 4 HOH 24 187 25 HOH HOH A . 
F 4 HOH 25 188 26 HOH HOH A . 
F 4 HOH 26 189 27 HOH HOH A . 
F 4 HOH 27 190 28 HOH HOH A . 
F 4 HOH 28 191 29 HOH HOH A . 
F 4 HOH 29 192 30 HOH HOH A . 
F 4 HOH 30 193 31 HOH HOH A . 
F 4 HOH 31 194 32 HOH HOH A . 
F 4 HOH 32 195 33 HOH HOH A . 
F 4 HOH 33 196 34 HOH HOH A . 
F 4 HOH 34 197 35 HOH HOH A . 
F 4 HOH 35 198 36 HOH HOH A . 
# 
loop_
_pdbx_unobs_or_zero_occ_atoms.id 
_pdbx_unobs_or_zero_occ_atoms.PDB_model_num 
_pdbx_unobs_or_zero_occ_atoms.polymer_flag 
_pdbx_unobs_or_zero_occ_atoms.occupancy_flag 
_pdbx_unobs_or_zero_occ_atoms.auth_asym_id 
_pdbx_unobs_or_zero_occ_atoms.auth_comp_id 
_pdbx_unobs_or_zero_occ_atoms.auth_seq_id 
_pdbx_unobs_or_zero_occ_atoms.PDB_ins_code 
_pdbx_unobs_or_zero_occ_atoms.auth_atom_id 
_pdbx_unobs_or_zero_occ_atoms.label_alt_id 
_pdbx_unobs_or_zero_occ_atoms.label_asym_id 
_pdbx_unobs_or_zero_occ_atoms.label_comp_id 
_pdbx_unobs_or_zero_occ_atoms.label_seq_id 
_pdbx_unobs_or_zero_occ_atoms.label_atom_id 
1  1 Y 0 A LYS 111 ? CG  ? A LYS 111 CG  
2  1 Y 0 A LYS 111 ? CD  ? A LYS 111 CD  
3  1 Y 0 A LYS 111 ? CE  ? A LYS 111 CE  
4  1 Y 0 A LYS 111 ? NZ  ? A LYS 111 NZ  
5  1 Y 0 A LYS 116 ? CG  ? A LYS 116 CG  
6  1 Y 0 A LYS 116 ? CD  ? A LYS 116 CD  
7  1 Y 0 A LYS 116 ? CE  ? A LYS 116 CE  
8  1 Y 0 A LYS 116 ? NZ  ? A LYS 116 NZ  
9  1 Y 0 A ASP 120 ? CG  ? A ASP 120 CG  
10 1 Y 0 A ASP 120 ? OD1 ? A ASP 120 OD1 
11 1 Y 0 A ASP 120 ? OD2 ? A ASP 120 OD2 
12 1 Y 0 A ASP 122 ? CG  ? A ASP 122 CG  
13 1 Y 0 A ASP 122 ? OD1 ? A ASP 122 OD1 
14 1 Y 0 A ASP 122 ? OD2 ? A ASP 122 OD2 
15 1 Y 0 A ASP 123 ? CG  ? A ASP 123 CG  
16 1 Y 0 A ASP 123 ? OD1 ? A ASP 123 OD1 
17 1 Y 0 A ASP 123 ? OD2 ? A ASP 123 OD2 
# 
loop_
_software.name 
_software.classification 
_software.version 
_software.citation_id 
_software.pdbx_ordinal 
MLPHARE   phasing          .     ? 1 
SOLOMON   phasing          .     ? 2 
X-PLOR    refinement       3.851 ? 3 
DENZO     'data reduction' .     ? 4 
SCALEPACK 'data scaling'   .     ? 5 
# 
_cell.entry_id           1ASS 
_cell.length_a           82.350 
_cell.length_b           82.350 
_cell.length_c           77.830 
_cell.angle_alpha        90.00 
_cell.angle_beta         90.00 
_cell.angle_gamma        120.00 
_cell.Z_PDB              6 
_cell.pdbx_unique_axis   ? 
# 
_symmetry.entry_id                         1ASS 
_symmetry.space_group_name_H-M             'P 31 2 1' 
_symmetry.pdbx_full_space_group_name_H-M   ? 
_symmetry.cell_setting                     ? 
_symmetry.Int_Tables_number                152 
# 
_exptl.entry_id          1ASS 
_exptl.method            'X-RAY DIFFRACTION' 
_exptl.crystals_number   1 
# 
_exptl_crystal.id                    1 
_exptl_crystal.density_meas          ? 
_exptl_crystal.density_Matthews      4.27 
_exptl_crystal.density_percent_sol   70. 
_exptl_crystal.description           ? 
# 
_exptl_crystal_grow.crystal_id      1 
_exptl_crystal_grow.method          ? 
_exptl_crystal_grow.temp            ? 
_exptl_crystal_grow.temp_details    ? 
_exptl_crystal_grow.pH              3.5 
_exptl_crystal_grow.pdbx_pH_range   ? 
_exptl_crystal_grow.pdbx_details    'pH 3.5' 
# 
_diffrn.id                     1 
_diffrn.ambient_temp           100 
_diffrn.ambient_temp_details   ? 
_diffrn.crystal_id             1 
# 
_diffrn_detector.diffrn_id              1 
_diffrn_detector.detector               'IMAGE PLATE' 
_diffrn_detector.type                   MARRESEARCH 
_diffrn_detector.pdbx_collection_date   1997-04-14 
_diffrn_detector.details                MIRRORS 
# 
_diffrn_radiation.diffrn_id                        1 
_diffrn_radiation.wavelength_id                    1 
_diffrn_radiation.pdbx_monochromatic_or_laue_m_l   M 
_diffrn_radiation.monochromator                    'SI(111)' 
_diffrn_radiation.pdbx_diffrn_protocol             ? 
_diffrn_radiation.pdbx_scattering_type             x-ray 
# 
_diffrn_radiation_wavelength.id           1 
_diffrn_radiation_wavelength.wavelength   1.05 
_diffrn_radiation_wavelength.wt           1.0 
# 
_diffrn_source.diffrn_id                   1 
_diffrn_source.source                      SYNCHROTRON 
_diffrn_source.type                        'MPG/DESY, HAMBURG BEAMLINE BW6' 
_diffrn_source.pdbx_synchrotron_site       'MPG/DESY, HAMBURG' 
_diffrn_source.pdbx_synchrotron_beamline   BW6 
_diffrn_source.pdbx_wavelength             1.05 
_diffrn_source.pdbx_wavelength_list        ? 
# 
_reflns.entry_id                     1ASS 
_reflns.observed_criterion_sigma_I   -3. 
_reflns.observed_criterion_sigma_F   ? 
_reflns.d_resolution_low             18. 
_reflns.d_resolution_high            2.3 
_reflns.number_obs                   10935 
_reflns.number_all                   ? 
_reflns.percent_possible_obs         96.3 
_reflns.pdbx_Rmerge_I_obs            0.0500000 
_reflns.pdbx_Rsym_value              ? 
_reflns.pdbx_netI_over_sigmaI        24.3 
_reflns.B_iso_Wilson_estimate        57.4 
_reflns.pdbx_redundancy              4.0 
_reflns.pdbx_ordinal                 1 
_reflns.pdbx_diffrn_id               1 
# 
_reflns_shell.d_res_high             2.3 
_reflns_shell.d_res_low              ? 
_reflns_shell.percent_possible_all   95.5 
_reflns_shell.Rmerge_I_obs           0.2560000 
_reflns_shell.pdbx_Rsym_value        ? 
_reflns_shell.meanI_over_sigI_obs    7.0 
_reflns_shell.pdbx_redundancy        ? 
_reflns_shell.pdbx_ordinal           1 
_reflns_shell.pdbx_diffrn_id         1 
# 
_refine.entry_id                                 1ASS 
_refine.ls_number_reflns_obs                     12774 
_refine.ls_number_reflns_all                     ? 
_refine.pdbx_ls_sigma_I                          ? 
_refine.pdbx_ls_sigma_F                          0.0 
_refine.pdbx_data_cutoff_high_absF               1000000. 
_refine.pdbx_data_cutoff_low_absF                0.001 
_refine.pdbx_data_cutoff_high_rms_absF           ? 
_refine.ls_d_res_low                             10. 
_refine.ls_d_res_high                            2.3 
_refine.ls_percent_reflns_obs                    96.3 
_refine.ls_R_factor_obs                          0.2220000 
_refine.ls_R_factor_all                          ? 
_refine.ls_R_factor_R_work                       0.2220000 
_refine.ls_R_factor_R_free                       0.2510000 
_refine.ls_R_factor_R_free_error                 ? 
_refine.ls_R_factor_R_free_error_details         ? 
_refine.ls_percent_reflns_R_free                 4.0 
_refine.ls_number_reflns_R_free                  516 
_refine.ls_number_parameters                     ? 
_refine.ls_number_restraints                     ? 
_refine.occupancy_min                            ? 
_refine.occupancy_max                            ? 
_refine.B_iso_mean                               60.0 
_refine.aniso_B[1][1]                            22.95 
_refine.aniso_B[2][2]                            22.95 
_refine.aniso_B[3][3]                            16.28 
_refine.aniso_B[1][2]                            8.95 
_refine.aniso_B[1][3]                            0.0 
_refine.aniso_B[2][3]                            0.0 
_refine.solvent_model_details                    ? 
_refine.solvent_model_param_ksol                 ? 
_refine.solvent_model_param_bsol                 ? 
_refine.pdbx_ls_cross_valid_method               RFREE 
_refine.details                                  ? 
_refine.pdbx_starting_model                      ? 
_refine.pdbx_method_to_determine_struct          MIR 
_refine.pdbx_isotropic_thermal_model             RESTRAINED 
_refine.pdbx_stereochemistry_target_values       ? 
_refine.pdbx_stereochem_target_val_spec_case     ? 
_refine.pdbx_R_Free_selection_details            'CONCENTRIC SHELLS' 
_refine.pdbx_overall_ESU_R                       ? 
_refine.pdbx_overall_ESU_R_Free                  ? 
_refine.overall_SU_ML                            ? 
_refine.overall_SU_B                             ? 
_refine.pdbx_refine_id                           'X-RAY DIFFRACTION' 
_refine.pdbx_diffrn_id                           1 
_refine.pdbx_TLS_residual_ADP_flag               ? 
_refine.correlation_coeff_Fo_to_Fc               ? 
_refine.correlation_coeff_Fo_to_Fc_free          ? 
_refine.pdbx_solvent_vdw_probe_radii             ? 
_refine.pdbx_solvent_ion_probe_radii             ? 
_refine.pdbx_solvent_shrinkage_radii             ? 
_refine.pdbx_overall_phase_error                 ? 
_refine.overall_SU_R_Cruickshank_DPI             ? 
_refine.pdbx_overall_SU_R_free_Cruickshank_DPI   ? 
_refine.pdbx_overall_SU_R_Blow_DPI               ? 
_refine.pdbx_overall_SU_R_free_Blow_DPI          ? 
# 
_refine_analyze.entry_id                        1ASS 
_refine_analyze.Luzzati_coordinate_error_obs    0.39 
_refine_analyze.Luzzati_sigma_a_obs             0.46 
_refine_analyze.Luzzati_d_res_low_obs           5.0 
_refine_analyze.Luzzati_coordinate_error_free   0.48 
_refine_analyze.Luzzati_sigma_a_free            0.43 
_refine_analyze.Luzzati_d_res_low_free          ? 
_refine_analyze.number_disordered_residues      ? 
_refine_analyze.occupancy_sum_hydrogen          ? 
_refine_analyze.occupancy_sum_non_hydrogen      ? 
_refine_analyze.pdbx_refine_id                  'X-RAY DIFFRACTION' 
# 
_refine_hist.pdbx_refine_id                   'X-RAY DIFFRACTION' 
_refine_hist.cycle_id                         LAST 
_refine_hist.pdbx_number_atoms_protein        1175 
_refine_hist.pdbx_number_atoms_nucleic_acid   0 
_refine_hist.pdbx_number_atoms_ligand         16 
_refine_hist.number_atoms_solvent             35 
_refine_hist.number_atoms_total               1226 
_refine_hist.d_res_high                       2.3 
_refine_hist.d_res_low                        10. 
# 
loop_
_refine_ls_restr.type 
_refine_ls_restr.dev_ideal 
_refine_ls_restr.dev_ideal_target 
_refine_ls_restr.weight 
_refine_ls_restr.number 
_refine_ls_restr.pdbx_refine_id 
_refine_ls_restr.pdbx_restraint_function 
x_bond_d                0.017 ?    ? ? 'X-RAY DIFFRACTION' ? 
x_bond_d_na             ?     ?    ? ? 'X-RAY DIFFRACTION' ? 
x_bond_d_prot           ?     ?    ? ? 'X-RAY DIFFRACTION' ? 
x_angle_d               ?     ?    ? ? 'X-RAY DIFFRACTION' ? 
x_angle_d_na            ?     ?    ? ? 'X-RAY DIFFRACTION' ? 
x_angle_d_prot          ?     ?    ? ? 'X-RAY DIFFRACTION' ? 
x_angle_deg             2.031 ?    ? ? 'X-RAY DIFFRACTION' ? 
x_angle_deg_na          ?     ?    ? ? 'X-RAY DIFFRACTION' ? 
x_angle_deg_prot        ?     ?    ? ? 'X-RAY DIFFRACTION' ? 
x_dihedral_angle_d      25.70 ?    ? ? 'X-RAY DIFFRACTION' ? 
x_dihedral_angle_d_na   ?     ?    ? ? 'X-RAY DIFFRACTION' ? 
x_dihedral_angle_d_prot ?     ?    ? ? 'X-RAY DIFFRACTION' ? 
x_improper_angle_d      1.686 ?    ? ? 'X-RAY DIFFRACTION' ? 
x_improper_angle_d_na   ?     ?    ? ? 'X-RAY DIFFRACTION' ? 
x_improper_angle_d_prot ?     ?    ? ? 'X-RAY DIFFRACTION' ? 
x_mcbond_it             3.25  1.50 ? ? 'X-RAY DIFFRACTION' ? 
x_mcangle_it            4.62  2.00 ? ? 'X-RAY DIFFRACTION' ? 
x_scbond_it             5.06  2.00 ? ? 'X-RAY DIFFRACTION' ? 
x_scangle_it            7.35  2.50 ? ? 'X-RAY DIFFRACTION' ? 
# 
_refine_ls_shell.pdbx_total_number_of_bins_used   ? 
_refine_ls_shell.d_res_high                       2.33 
_refine_ls_shell.d_res_low                        2.40 
_refine_ls_shell.number_reflns_R_work             ? 
_refine_ls_shell.R_factor_R_work                  ? 
_refine_ls_shell.percent_reflns_obs               95.5 
_refine_ls_shell.R_factor_R_free                  ? 
_refine_ls_shell.R_factor_R_free_error            ? 
_refine_ls_shell.percent_reflns_R_free            ? 
_refine_ls_shell.number_reflns_R_free             ? 
_refine_ls_shell.pdbx_refine_id                   'X-RAY DIFFRACTION' 
_refine_ls_shell.number_reflns_all                ? 
_refine_ls_shell.R_factor_all                     ? 
# 
loop_
_pdbx_xplor_file.serial_no 
_pdbx_xplor_file.param_file 
_pdbx_xplor_file.topol_file 
_pdbx_xplor_file.pdbx_refine_id 
1 PARHCSDX.PRO TOPHCSDX.PRO 'X-RAY DIFFRACTION' 
2 ?            ?            'X-RAY DIFFRACTION' 
# 
_struct.entry_id                  1ASS 
_struct.title                     'APICAL DOMAIN OF THE CHAPERONIN FROM THERMOPLASMA ACIDOPHILUM' 
_struct.pdbx_model_details        ? 
_struct.pdbx_CASP_flag            ? 
_struct.pdbx_model_type_details   ? 
# 
_struct_keywords.entry_id        1ASS 
_struct_keywords.pdbx_keywords   CHAPERONIN 
_struct_keywords.text            'CHAPERONIN, HSP60, THERMOSOME, TCP1, GROEL, THERMOPLASMA ACIDOPHILUM, ATP-BINDING' 
# 
loop_
_struct_asym.id 
_struct_asym.pdbx_blank_PDB_chainid_flag 
_struct_asym.pdbx_modified 
_struct_asym.entity_id 
_struct_asym.details 
A N N 1 ? 
B N N 2 ? 
C N N 3 ? 
D N N 3 ? 
E N N 3 ? 
F N N 4 ? 
# 
_struct_ref.id                         1 
_struct_ref.db_name                    UNP 
_struct_ref.db_code                    THSA_THEAC 
_struct_ref.entity_id                  1 
_struct_ref.pdbx_db_accession          P48424 
_struct_ref.pdbx_align_begin           1 
_struct_ref.pdbx_seq_one_letter_code   
;MMTGQVPILVLKEGTQREQGKNAQRNNIEAAKAIADAVRTTLGPKGMDKMLVDSIGDIIISNDGATILKEMDVEHPTAKM
IVEVSKAQDTAVGDGTTTAVVLSGELLKQAETLLDQGVHPTVISNGYRLAVNEARKIIDEIAEKSTDDATLRKIALTALS
GKNTGLSNDFLADLVVKAVNAVAEVRDGKTIVDTANIKVDKKNGGSVNDTQFISGIVIDKEKVHSKMPDVVKNAKIALID
SALEIKKTEIEAKVQISDPSKIQDFLNQETNTFKQMVEKIKKSGANVVLCQKGIDDVAQHYLAKEGIYAVRRVKKSDMEK
LAKATGAKIVTDLDDLTPSVLGEAETVEERKIGDDRMTFVMGCKNPKAVSILIRGGTDHVVSEVERALNDAIRVVAITKE
DGKFLWGGGAVEAELAMRLAKYANSVGGREQLAIEAFAKALEIIPRTLAENAGIDPINTLIKLKAEHEKGRISVGVDLDN
NGVGDMKAKGVVDPLRVKTHALESAVEVATMILRIDDVIASKKSTPPSGQGGQGQGMPGGGMPEY
;
_struct_ref.pdbx_db_isoform            ? 
# 
_struct_ref_seq.align_id                      1 
_struct_ref_seq.ref_id                        1 
_struct_ref_seq.pdbx_PDB_id_code              1ASS 
_struct_ref_seq.pdbx_strand_id                A 
_struct_ref_seq.seq_align_beg                 2 
_struct_ref_seq.pdbx_seq_align_beg_ins_code   ? 
_struct_ref_seq.seq_align_end                 153 
_struct_ref_seq.pdbx_seq_align_end_ins_code   ? 
_struct_ref_seq.pdbx_db_accession             P48424 
_struct_ref_seq.db_align_beg                  214 
_struct_ref_seq.pdbx_db_align_beg_ins_code    ? 
_struct_ref_seq.db_align_end                  365 
_struct_ref_seq.pdbx_db_align_end_ins_code    ? 
_struct_ref_seq.pdbx_auth_seq_align_beg       2 
_struct_ref_seq.pdbx_auth_seq_align_end       153 
# 
_pdbx_struct_assembly.id                   1 
_pdbx_struct_assembly.details              author_and_software_defined_assembly 
_pdbx_struct_assembly.method_details       PISA,PQS 
_pdbx_struct_assembly.oligomeric_details   dimeric 
_pdbx_struct_assembly.oligomeric_count     2 
# 
loop_
_pdbx_struct_assembly_prop.biol_id 
_pdbx_struct_assembly_prop.type 
_pdbx_struct_assembly_prop.value 
_pdbx_struct_assembly_prop.details 
1 'ABSA (A^2)' 3910  ? 
1 MORE         -75   ? 
1 'SSA (A^2)'  14710 ? 
# 
_pdbx_struct_assembly_gen.assembly_id       1 
_pdbx_struct_assembly_gen.oper_expression   1,2 
_pdbx_struct_assembly_gen.asym_id_list      A,B,C,D,E,F 
# 
loop_
_pdbx_struct_oper_list.id 
_pdbx_struct_oper_list.type 
_pdbx_struct_oper_list.name 
_pdbx_struct_oper_list.symmetry_operation 
_pdbx_struct_oper_list.matrix[1][1] 
_pdbx_struct_oper_list.matrix[1][2] 
_pdbx_struct_oper_list.matrix[1][3] 
_pdbx_struct_oper_list.vector[1] 
_pdbx_struct_oper_list.matrix[2][1] 
_pdbx_struct_oper_list.matrix[2][2] 
_pdbx_struct_oper_list.matrix[2][3] 
_pdbx_struct_oper_list.vector[2] 
_pdbx_struct_oper_list.matrix[3][1] 
_pdbx_struct_oper_list.matrix[3][2] 
_pdbx_struct_oper_list.matrix[3][3] 
_pdbx_struct_oper_list.vector[3] 
1 'identity operation'         1_555 x,y,z    1.0000000000  0.0000000000 0.0000000000 0.0000000000  0.0000000000 1.0000000000 0.0000000000 0.0000000000  0.0000000000 0.0000000000 1.0000000000  0.0000000000  
2 'crystal symmetry operation' 4_556 y,x,-z+1 -0.9480073679 0.3145457152 0.0484047870 41.4394868656 0.3145457152 0.9029428403 0.2928399225 -5.4608780953 0.0484047870 0.2928399225 -0.9549354724 -9.0249790424 
# 
_struct_biol.id   1 
# 
loop_
_struct_conf.conf_type_id 
_struct_conf.id 
_struct_conf.pdbx_PDB_helix_id 
_struct_conf.beg_label_comp_id 
_struct_conf.beg_label_asym_id 
_struct_conf.beg_label_seq_id 
_struct_conf.pdbx_beg_PDB_ins_code 
_struct_conf.end_label_comp_id 
_struct_conf.end_label_asym_id 
_struct_conf.end_label_seq_id 
_struct_conf.pdbx_end_PDB_ins_code 
_struct_conf.beg_auth_comp_id 
_struct_conf.beg_auth_asym_id 
_struct_conf.beg_auth_seq_id 
_struct_conf.end_auth_comp_id 
_struct_conf.end_auth_asym_id 
_struct_conf.end_auth_seq_id 
_struct_conf.pdbx_PDB_helix_class 
_struct_conf.details 
_struct_conf.pdbx_PDB_helix_length 
HELX_P HELX_P1 1 LYS A 35  ? GLN A 43  ? LYS A 35  GLN A 43  1 ? 9  
HELX_P HELX_P2 2 PRO A 47  ? SER A 71  ? PRO A 47  SER A 71  5 ? 25 
HELX_P HELX_P3 3 ASP A 84  ? GLU A 93  ? ASP A 84  GLU A 93  1 ? 10 
HELX_P HELX_P4 4 LYS A 103 ? THR A 113 ? LYS A 103 THR A 113 1 ? 11 
# 
_struct_conf_type.id          HELX_P 
_struct_conf_type.criteria    ? 
_struct_conf_type.reference   ? 
# 
loop_
_struct_sheet.id 
_struct_sheet.type 
_struct_sheet.number_strands 
_struct_sheet.details 
A ? 4 ? 
B ? 4 ? 
# 
loop_
_struct_sheet_order.sheet_id 
_struct_sheet_order.range_id_1 
_struct_sheet_order.range_id_2 
_struct_sheet_order.offset 
_struct_sheet_order.sense 
A 1 2 ? anti-parallel 
A 2 3 ? anti-parallel 
A 3 4 ? anti-parallel 
B 1 2 ? anti-parallel 
B 2 3 ? parallel      
B 3 4 ? parallel      
# 
loop_
_struct_sheet_range.sheet_id 
_struct_sheet_range.id 
_struct_sheet_range.beg_label_comp_id 
_struct_sheet_range.beg_label_asym_id 
_struct_sheet_range.beg_label_seq_id 
_struct_sheet_range.pdbx_beg_PDB_ins_code 
_struct_sheet_range.end_label_comp_id 
_struct_sheet_range.end_label_asym_id 
_struct_sheet_range.end_label_seq_id 
_struct_sheet_range.pdbx_end_PDB_ins_code 
_struct_sheet_range.beg_auth_comp_id 
_struct_sheet_range.beg_auth_asym_id 
_struct_sheet_range.beg_auth_seq_id 
_struct_sheet_range.end_auth_comp_id 
_struct_sheet_range.end_auth_asym_id 
_struct_sheet_range.end_auth_seq_id 
A 1 ILE A 4   ? ILE A 6   ? ILE A 4   ILE A 6   
A 2 ASP A 143 ? MET A 149 ? ASP A 143 MET A 149 
A 3 THR A 134 ? ILE A 140 ? THR A 134 ILE A 140 
A 4 VAL A 18  ? LYS A 20  ? VAL A 18  LYS A 20  
B 1 GLY A 130 ? ALA A 132 ? GLY A 130 ALA A 132 
B 2 ALA A 22  ? ILE A 27  ? ALA A 22  ILE A 27  
B 3 VAL A 75  ? CYS A 78  ? VAL A 75  CYS A 78  
B 4 TYR A 96  ? VAL A 98  ? TYR A 96  VAL A 98  
# 
loop_
_pdbx_struct_sheet_hbond.sheet_id 
_pdbx_struct_sheet_hbond.range_id_1 
_pdbx_struct_sheet_hbond.range_id_2 
_pdbx_struct_sheet_hbond.range_1_label_atom_id 
_pdbx_struct_sheet_hbond.range_1_label_comp_id 
_pdbx_struct_sheet_hbond.range_1_label_asym_id 
_pdbx_struct_sheet_hbond.range_1_label_seq_id 
_pdbx_struct_sheet_hbond.range_1_PDB_ins_code 
_pdbx_struct_sheet_hbond.range_1_auth_atom_id 
_pdbx_struct_sheet_hbond.range_1_auth_comp_id 
_pdbx_struct_sheet_hbond.range_1_auth_asym_id 
_pdbx_struct_sheet_hbond.range_1_auth_seq_id 
_pdbx_struct_sheet_hbond.range_2_label_atom_id 
_pdbx_struct_sheet_hbond.range_2_label_comp_id 
_pdbx_struct_sheet_hbond.range_2_label_asym_id 
_pdbx_struct_sheet_hbond.range_2_label_seq_id 
_pdbx_struct_sheet_hbond.range_2_PDB_ins_code 
_pdbx_struct_sheet_hbond.range_2_auth_atom_id 
_pdbx_struct_sheet_hbond.range_2_auth_comp_id 
_pdbx_struct_sheet_hbond.range_2_auth_asym_id 
_pdbx_struct_sheet_hbond.range_2_auth_seq_id 
A 1 2 O ILE A 4   ? O ILE A 4   N VAL A 148 ? N VAL A 148 
A 2 3 O ASP A 143 ? O ASP A 143 N ILE A 140 ? N ILE A 140 
A 3 4 O VAL A 135 ? O VAL A 135 N VAL A 19  ? N VAL A 19  
B 1 2 O GLY A 130 ? O GLY A 130 N ILE A 24  ? N ILE A 24  
B 2 3 O ALA A 25  ? O ALA A 25  N VAL A 75  ? N VAL A 75  
B 3 4 O VAL A 76  ? O VAL A 76  N TYR A 96  ? N TYR A 96  
# 
loop_
_struct_site.id 
_struct_site.pdbx_evidence_code 
_struct_site.pdbx_auth_asym_id 
_struct_site.pdbx_auth_comp_id 
_struct_site.pdbx_auth_seq_id 
_struct_site.pdbx_auth_ins_code 
_struct_site.pdbx_num_residues 
_struct_site.details 
AC1 Software A NA  160 ? 3 'BINDING SITE FOR RESIDUE NA A 160'  
AC2 Software A PO4 161 ? 4 'BINDING SITE FOR RESIDUE PO4 A 161' 
AC3 Software A PO4 162 ? 4 'BINDING SITE FOR RESIDUE PO4 A 162' 
AC4 Software A PO4 163 ? 4 'BINDING SITE FOR RESIDUE PO4 A 163' 
# 
loop_
_struct_site_gen.id 
_struct_site_gen.site_id 
_struct_site_gen.pdbx_num_res 
_struct_site_gen.label_comp_id 
_struct_site_gen.label_asym_id 
_struct_site_gen.label_seq_id 
_struct_site_gen.pdbx_auth_ins_code 
_struct_site_gen.auth_comp_id 
_struct_site_gen.auth_asym_id 
_struct_site_gen.auth_seq_id 
_struct_site_gen.label_atom_id 
_struct_site_gen.label_alt_id 
_struct_site_gen.symmetry 
_struct_site_gen.details 
1  AC1 3 ASP A 28  ? ASP A 28  . ? 1_555 ? 
2  AC1 3 GLN A 79  ? GLN A 79  . ? 1_555 ? 
3  AC1 3 LYS A 103 ? LYS A 103 . ? 1_555 ? 
4  AC2 4 HIS A 12  ? HIS A 12  . ? 1_555 ? 
5  AC2 4 LYS A 14  ? LYS A 14  . ? 1_555 ? 
6  AC2 4 HIS A 88  ? HIS A 88  . ? 1_555 ? 
7  AC2 4 ALA A 91  ? ALA A 91  . ? 1_555 ? 
8  AC3 4 LYS A 35  ? LYS A 35  . ? 4_556 ? 
9  AC3 4 PRO A 47  ? PRO A 47  . ? 1_555 ? 
10 AC3 4 HOH F .   ? HOH A 164 . ? 4_556 ? 
11 AC3 4 HOH F .   ? HOH A 190 . ? 1_555 ? 
12 AC4 4 GLU A 32  ? GLU A 32  . ? 4_556 ? 
13 AC4 4 ARG A 100 ? ARG A 100 . ? 4_556 ? 
14 AC4 4 HOH F .   ? HOH A 171 . ? 4_556 ? 
15 AC4 4 HOH F .   ? HOH A 173 . ? 1_555 ? 
# 
loop_
_pdbx_validate_torsion.id 
_pdbx_validate_torsion.PDB_model_num 
_pdbx_validate_torsion.auth_comp_id 
_pdbx_validate_torsion.auth_asym_id 
_pdbx_validate_torsion.auth_seq_id 
_pdbx_validate_torsion.PDB_ins_code 
_pdbx_validate_torsion.label_alt_id 
_pdbx_validate_torsion.phi 
_pdbx_validate_torsion.psi 
1 1 SER A 2   ? ? -71.62  34.46   
2 1 ASN A 21  ? ? 43.16   77.52   
3 1 LYS A 80  ? ? -121.70 -161.80 
4 1 THR A 119 ? ? -126.39 -63.75  
5 1 LEU A 121 ? ? -56.65  28.46   
6 1 PRO A 126 ? ? -67.87  0.97    
# 
loop_
_pdbx_unobs_or_zero_occ_residues.id 
_pdbx_unobs_or_zero_occ_residues.PDB_model_num 
_pdbx_unobs_or_zero_occ_residues.polymer_flag 
_pdbx_unobs_or_zero_occ_residues.occupancy_flag 
_pdbx_unobs_or_zero_occ_residues.auth_asym_id 
_pdbx_unobs_or_zero_occ_residues.auth_comp_id 
_pdbx_unobs_or_zero_occ_residues.auth_seq_id 
_pdbx_unobs_or_zero_occ_residues.PDB_ins_code 
_pdbx_unobs_or_zero_occ_residues.label_asym_id 
_pdbx_unobs_or_zero_occ_residues.label_comp_id 
_pdbx_unobs_or_zero_occ_residues.label_seq_id 
1 1 Y 1 A ASN 153 ? A ASN 153 
2 1 Y 1 A HIS 154 ? A HIS 154 
3 1 Y 1 A HIS 155 ? A HIS 155 
4 1 Y 1 A HIS 156 ? A HIS 156 
5 1 Y 1 A HIS 157 ? A HIS 157 
6 1 Y 1 A HIS 158 ? A HIS 158 
7 1 Y 1 A HIS 159 ? A HIS 159 
# 
loop_
_chem_comp_atom.comp_id 
_chem_comp_atom.atom_id 
_chem_comp_atom.type_symbol 
_chem_comp_atom.pdbx_aromatic_flag 
_chem_comp_atom.pdbx_stereo_config 
_chem_comp_atom.pdbx_ordinal 
ALA N    N  N N 1   
ALA CA   C  N S 2   
ALA C    C  N N 3   
ALA O    O  N N 4   
ALA CB   C  N N 5   
ALA OXT  O  N N 6   
ALA H    H  N N 7   
ALA H2   H  N N 8   
ALA HA   H  N N 9   
ALA HB1  H  N N 10  
ALA HB2  H  N N 11  
ALA HB3  H  N N 12  
ALA HXT  H  N N 13  
ARG N    N  N N 14  
ARG CA   C  N S 15  
ARG C    C  N N 16  
ARG O    O  N N 17  
ARG CB   C  N N 18  
ARG CG   C  N N 19  
ARG CD   C  N N 20  
ARG NE   N  N N 21  
ARG CZ   C  N N 22  
ARG NH1  N  N N 23  
ARG NH2  N  N N 24  
ARG OXT  O  N N 25  
ARG H    H  N N 26  
ARG H2   H  N N 27  
ARG HA   H  N N 28  
ARG HB2  H  N N 29  
ARG HB3  H  N N 30  
ARG HG2  H  N N 31  
ARG HG3  H  N N 32  
ARG HD2  H  N N 33  
ARG HD3  H  N N 34  
ARG HE   H  N N 35  
ARG HH11 H  N N 36  
ARG HH12 H  N N 37  
ARG HH21 H  N N 38  
ARG HH22 H  N N 39  
ARG HXT  H  N N 40  
ASN N    N  N N 41  
ASN CA   C  N S 42  
ASN C    C  N N 43  
ASN O    O  N N 44  
ASN CB   C  N N 45  
ASN CG   C  N N 46  
ASN OD1  O  N N 47  
ASN ND2  N  N N 48  
ASN OXT  O  N N 49  
ASN H    H  N N 50  
ASN H2   H  N N 51  
ASN HA   H  N N 52  
ASN HB2  H  N N 53  
ASN HB3  H  N N 54  
ASN HD21 H  N N 55  
ASN HD22 H  N N 56  
ASN HXT  H  N N 57  
ASP N    N  N N 58  
ASP CA   C  N S 59  
ASP C    C  N N 60  
ASP O    O  N N 61  
ASP CB   C  N N 62  
ASP CG   C  N N 63  
ASP OD1  O  N N 64  
ASP OD2  O  N N 65  
ASP OXT  O  N N 66  
ASP H    H  N N 67  
ASP H2   H  N N 68  
ASP HA   H  N N 69  
ASP HB2  H  N N 70  
ASP HB3  H  N N 71  
ASP HD2  H  N N 72  
ASP HXT  H  N N 73  
CYS N    N  N N 74  
CYS CA   C  N R 75  
CYS C    C  N N 76  
CYS O    O  N N 77  
CYS CB   C  N N 78  
CYS SG   S  N N 79  
CYS OXT  O  N N 80  
CYS H    H  N N 81  
CYS H2   H  N N 82  
CYS HA   H  N N 83  
CYS HB2  H  N N 84  
CYS HB3  H  N N 85  
CYS HG   H  N N 86  
CYS HXT  H  N N 87  
GLN N    N  N N 88  
GLN CA   C  N S 89  
GLN C    C  N N 90  
GLN O    O  N N 91  
GLN CB   C  N N 92  
GLN CG   C  N N 93  
GLN CD   C  N N 94  
GLN OE1  O  N N 95  
GLN NE2  N  N N 96  
GLN OXT  O  N N 97  
GLN H    H  N N 98  
GLN H2   H  N N 99  
GLN HA   H  N N 100 
GLN HB2  H  N N 101 
GLN HB3  H  N N 102 
GLN HG2  H  N N 103 
GLN HG3  H  N N 104 
GLN HE21 H  N N 105 
GLN HE22 H  N N 106 
GLN HXT  H  N N 107 
GLU N    N  N N 108 
GLU CA   C  N S 109 
GLU C    C  N N 110 
GLU O    O  N N 111 
GLU CB   C  N N 112 
GLU CG   C  N N 113 
GLU CD   C  N N 114 
GLU OE1  O  N N 115 
GLU OE2  O  N N 116 
GLU OXT  O  N N 117 
GLU H    H  N N 118 
GLU H2   H  N N 119 
GLU HA   H  N N 120 
GLU HB2  H  N N 121 
GLU HB3  H  N N 122 
GLU HG2  H  N N 123 
GLU HG3  H  N N 124 
GLU HE2  H  N N 125 
GLU HXT  H  N N 126 
GLY N    N  N N 127 
GLY CA   C  N N 128 
GLY C    C  N N 129 
GLY O    O  N N 130 
GLY OXT  O  N N 131 
GLY H    H  N N 132 
GLY H2   H  N N 133 
GLY HA2  H  N N 134 
GLY HA3  H  N N 135 
GLY HXT  H  N N 136 
HIS N    N  N N 137 
HIS CA   C  N S 138 
HIS C    C  N N 139 
HIS O    O  N N 140 
HIS CB   C  N N 141 
HIS CG   C  Y N 142 
HIS ND1  N  Y N 143 
HIS CD2  C  Y N 144 
HIS CE1  C  Y N 145 
HIS NE2  N  Y N 146 
HIS OXT  O  N N 147 
HIS H    H  N N 148 
HIS H2   H  N N 149 
HIS HA   H  N N 150 
HIS HB2  H  N N 151 
HIS HB3  H  N N 152 
HIS HD1  H  N N 153 
HIS HD2  H  N N 154 
HIS HE1  H  N N 155 
HIS HE2  H  N N 156 
HIS HXT  H  N N 157 
HOH O    O  N N 158 
HOH H1   H  N N 159 
HOH H2   H  N N 160 
ILE N    N  N N 161 
ILE CA   C  N S 162 
ILE C    C  N N 163 
ILE O    O  N N 164 
ILE CB   C  N S 165 
ILE CG1  C  N N 166 
ILE CG2  C  N N 167 
ILE CD1  C  N N 168 
ILE OXT  O  N N 169 
ILE H    H  N N 170 
ILE H2   H  N N 171 
ILE HA   H  N N 172 
ILE HB   H  N N 173 
ILE HG12 H  N N 174 
ILE HG13 H  N N 175 
ILE HG21 H  N N 176 
ILE HG22 H  N N 177 
ILE HG23 H  N N 178 
ILE HD11 H  N N 179 
ILE HD12 H  N N 180 
ILE HD13 H  N N 181 
ILE HXT  H  N N 182 
LEU N    N  N N 183 
LEU CA   C  N S 184 
LEU C    C  N N 185 
LEU O    O  N N 186 
LEU CB   C  N N 187 
LEU CG   C  N N 188 
LEU CD1  C  N N 189 
LEU CD2  C  N N 190 
LEU OXT  O  N N 191 
LEU H    H  N N 192 
LEU H2   H  N N 193 
LEU HA   H  N N 194 
LEU HB2  H  N N 195 
LEU HB3  H  N N 196 
LEU HG   H  N N 197 
LEU HD11 H  N N 198 
LEU HD12 H  N N 199 
LEU HD13 H  N N 200 
LEU HD21 H  N N 201 
LEU HD22 H  N N 202 
LEU HD23 H  N N 203 
LEU HXT  H  N N 204 
LYS N    N  N N 205 
LYS CA   C  N S 206 
LYS C    C  N N 207 
LYS O    O  N N 208 
LYS CB   C  N N 209 
LYS CG   C  N N 210 
LYS CD   C  N N 211 
LYS CE   C  N N 212 
LYS NZ   N  N N 213 
LYS OXT  O  N N 214 
LYS H    H  N N 215 
LYS H2   H  N N 216 
LYS HA   H  N N 217 
LYS HB2  H  N N 218 
LYS HB3  H  N N 219 
LYS HG2  H  N N 220 
LYS HG3  H  N N 221 
LYS HD2  H  N N 222 
LYS HD3  H  N N 223 
LYS HE2  H  N N 224 
LYS HE3  H  N N 225 
LYS HZ1  H  N N 226 
LYS HZ2  H  N N 227 
LYS HZ3  H  N N 228 
LYS HXT  H  N N 229 
MET N    N  N N 230 
MET CA   C  N S 231 
MET C    C  N N 232 
MET O    O  N N 233 
MET CB   C  N N 234 
MET CG   C  N N 235 
MET SD   S  N N 236 
MET CE   C  N N 237 
MET OXT  O  N N 238 
MET H    H  N N 239 
MET H2   H  N N 240 
MET HA   H  N N 241 
MET HB2  H  N N 242 
MET HB3  H  N N 243 
MET HG2  H  N N 244 
MET HG3  H  N N 245 
MET HE1  H  N N 246 
MET HE2  H  N N 247 
MET HE3  H  N N 248 
MET HXT  H  N N 249 
NA  NA   NA N N 250 
PHE N    N  N N 251 
PHE CA   C  N S 252 
PHE C    C  N N 253 
PHE O    O  N N 254 
PHE CB   C  N N 255 
PHE CG   C  Y N 256 
PHE CD1  C  Y N 257 
PHE CD2  C  Y N 258 
PHE CE1  C  Y N 259 
PHE CE2  C  Y N 260 
PHE CZ   C  Y N 261 
PHE OXT  O  N N 262 
PHE H    H  N N 263 
PHE H2   H  N N 264 
PHE HA   H  N N 265 
PHE HB2  H  N N 266 
PHE HB3  H  N N 267 
PHE HD1  H  N N 268 
PHE HD2  H  N N 269 
PHE HE1  H  N N 270 
PHE HE2  H  N N 271 
PHE HZ   H  N N 272 
PHE HXT  H  N N 273 
PO4 P    P  N N 274 
PO4 O1   O  N N 275 
PO4 O2   O  N N 276 
PO4 O3   O  N N 277 
PO4 O4   O  N N 278 
PRO N    N  N N 279 
PRO CA   C  N S 280 
PRO C    C  N N 281 
PRO O    O  N N 282 
PRO CB   C  N N 283 
PRO CG   C  N N 284 
PRO CD   C  N N 285 
PRO OXT  O  N N 286 
PRO H    H  N N 287 
PRO HA   H  N N 288 
PRO HB2  H  N N 289 
PRO HB3  H  N N 290 
PRO HG2  H  N N 291 
PRO HG3  H  N N 292 
PRO HD2  H  N N 293 
PRO HD3  H  N N 294 
PRO HXT  H  N N 295 
SER N    N  N N 296 
SER CA   C  N S 297 
SER C    C  N N 298 
SER O    O  N N 299 
SER CB   C  N N 300 
SER OG   O  N N 301 
SER OXT  O  N N 302 
SER H    H  N N 303 
SER H2   H  N N 304 
SER HA   H  N N 305 
SER HB2  H  N N 306 
SER HB3  H  N N 307 
SER HG   H  N N 308 
SER HXT  H  N N 309 
THR N    N  N N 310 
THR CA   C  N S 311 
THR C    C  N N 312 
THR O    O  N N 313 
THR CB   C  N R 314 
THR OG1  O  N N 315 
THR CG2  C  N N 316 
THR OXT  O  N N 317 
THR H    H  N N 318 
THR H2   H  N N 319 
THR HA   H  N N 320 
THR HB   H  N N 321 
THR HG1  H  N N 322 
THR HG21 H  N N 323 
THR HG22 H  N N 324 
THR HG23 H  N N 325 
THR HXT  H  N N 326 
TYR N    N  N N 327 
TYR CA   C  N S 328 
TYR C    C  N N 329 
TYR O    O  N N 330 
TYR CB   C  N N 331 
TYR CG   C  Y N 332 
TYR CD1  C  Y N 333 
TYR CD2  C  Y N 334 
TYR CE1  C  Y N 335 
TYR CE2  C  Y N 336 
TYR CZ   C  Y N 337 
TYR OH   O  N N 338 
TYR OXT  O  N N 339 
TYR H    H  N N 340 
TYR H2   H  N N 341 
TYR HA   H  N N 342 
TYR HB2  H  N N 343 
TYR HB3  H  N N 344 
TYR HD1  H  N N 345 
TYR HD2  H  N N 346 
TYR HE1  H  N N 347 
TYR HE2  H  N N 348 
TYR HH   H  N N 349 
TYR HXT  H  N N 350 
VAL N    N  N N 351 
VAL CA   C  N S 352 
VAL C    C  N N 353 
VAL O    O  N N 354 
VAL CB   C  N N 355 
VAL CG1  C  N N 356 
VAL CG2  C  N N 357 
VAL OXT  O  N N 358 
VAL H    H  N N 359 
VAL H2   H  N N 360 
VAL HA   H  N N 361 
VAL HB   H  N N 362 
VAL HG11 H  N N 363 
VAL HG12 H  N N 364 
VAL HG13 H  N N 365 
VAL HG21 H  N N 366 
VAL HG22 H  N N 367 
VAL HG23 H  N N 368 
VAL HXT  H  N N 369 
# 
loop_
_chem_comp_bond.comp_id 
_chem_comp_bond.atom_id_1 
_chem_comp_bond.atom_id_2 
_chem_comp_bond.value_order 
_chem_comp_bond.pdbx_aromatic_flag 
_chem_comp_bond.pdbx_stereo_config 
_chem_comp_bond.pdbx_ordinal 
ALA N   CA   sing N N 1   
ALA N   H    sing N N 2   
ALA N   H2   sing N N 3   
ALA CA  C    sing N N 4   
ALA CA  CB   sing N N 5   
ALA CA  HA   sing N N 6   
ALA C   O    doub N N 7   
ALA C   OXT  sing N N 8   
ALA CB  HB1  sing N N 9   
ALA CB  HB2  sing N N 10  
ALA CB  HB3  sing N N 11  
ALA OXT HXT  sing N N 12  
ARG N   CA   sing N N 13  
ARG N   H    sing N N 14  
ARG N   H2   sing N N 15  
ARG CA  C    sing N N 16  
ARG CA  CB   sing N N 17  
ARG CA  HA   sing N N 18  
ARG C   O    doub N N 19  
ARG C   OXT  sing N N 20  
ARG CB  CG   sing N N 21  
ARG CB  HB2  sing N N 22  
ARG CB  HB3  sing N N 23  
ARG CG  CD   sing N N 24  
ARG CG  HG2  sing N N 25  
ARG CG  HG3  sing N N 26  
ARG CD  NE   sing N N 27  
ARG CD  HD2  sing N N 28  
ARG CD  HD3  sing N N 29  
ARG NE  CZ   sing N N 30  
ARG NE  HE   sing N N 31  
ARG CZ  NH1  sing N N 32  
ARG CZ  NH2  doub N N 33  
ARG NH1 HH11 sing N N 34  
ARG NH1 HH12 sing N N 35  
ARG NH2 HH21 sing N N 36  
ARG NH2 HH22 sing N N 37  
ARG OXT HXT  sing N N 38  
ASN N   CA   sing N N 39  
ASN N   H    sing N N 40  
ASN N   H2   sing N N 41  
ASN CA  C    sing N N 42  
ASN CA  CB   sing N N 43  
ASN CA  HA   sing N N 44  
ASN C   O    doub N N 45  
ASN C   OXT  sing N N 46  
ASN CB  CG   sing N N 47  
ASN CB  HB2  sing N N 48  
ASN CB  HB3  sing N N 49  
ASN CG  OD1  doub N N 50  
ASN CG  ND2  sing N N 51  
ASN ND2 HD21 sing N N 52  
ASN ND2 HD22 sing N N 53  
ASN OXT HXT  sing N N 54  
ASP N   CA   sing N N 55  
ASP N   H    sing N N 56  
ASP N   H2   sing N N 57  
ASP CA  C    sing N N 58  
ASP CA  CB   sing N N 59  
ASP CA  HA   sing N N 60  
ASP C   O    doub N N 61  
ASP C   OXT  sing N N 62  
ASP CB  CG   sing N N 63  
ASP CB  HB2  sing N N 64  
ASP CB  HB3  sing N N 65  
ASP CG  OD1  doub N N 66  
ASP CG  OD2  sing N N 67  
ASP OD2 HD2  sing N N 68  
ASP OXT HXT  sing N N 69  
CYS N   CA   sing N N 70  
CYS N   H    sing N N 71  
CYS N   H2   sing N N 72  
CYS CA  C    sing N N 73  
CYS CA  CB   sing N N 74  
CYS CA  HA   sing N N 75  
CYS C   O    doub N N 76  
CYS C   OXT  sing N N 77  
CYS CB  SG   sing N N 78  
CYS CB  HB2  sing N N 79  
CYS CB  HB3  sing N N 80  
CYS SG  HG   sing N N 81  
CYS OXT HXT  sing N N 82  
GLN N   CA   sing N N 83  
GLN N   H    sing N N 84  
GLN N   H2   sing N N 85  
GLN CA  C    sing N N 86  
GLN CA  CB   sing N N 87  
GLN CA  HA   sing N N 88  
GLN C   O    doub N N 89  
GLN C   OXT  sing N N 90  
GLN CB  CG   sing N N 91  
GLN CB  HB2  sing N N 92  
GLN CB  HB3  sing N N 93  
GLN CG  CD   sing N N 94  
GLN CG  HG2  sing N N 95  
GLN CG  HG3  sing N N 96  
GLN CD  OE1  doub N N 97  
GLN CD  NE2  sing N N 98  
GLN NE2 HE21 sing N N 99  
GLN NE2 HE22 sing N N 100 
GLN OXT HXT  sing N N 101 
GLU N   CA   sing N N 102 
GLU N   H    sing N N 103 
GLU N   H2   sing N N 104 
GLU CA  C    sing N N 105 
GLU CA  CB   sing N N 106 
GLU CA  HA   sing N N 107 
GLU C   O    doub N N 108 
GLU C   OXT  sing N N 109 
GLU CB  CG   sing N N 110 
GLU CB  HB2  sing N N 111 
GLU CB  HB3  sing N N 112 
GLU CG  CD   sing N N 113 
GLU CG  HG2  sing N N 114 
GLU CG  HG3  sing N N 115 
GLU CD  OE1  doub N N 116 
GLU CD  OE2  sing N N 117 
GLU OE2 HE2  sing N N 118 
GLU OXT HXT  sing N N 119 
GLY N   CA   sing N N 120 
GLY N   H    sing N N 121 
GLY N   H2   sing N N 122 
GLY CA  C    sing N N 123 
GLY CA  HA2  sing N N 124 
GLY CA  HA3  sing N N 125 
GLY C   O    doub N N 126 
GLY C   OXT  sing N N 127 
GLY OXT HXT  sing N N 128 
HIS N   CA   sing N N 129 
HIS N   H    sing N N 130 
HIS N   H2   sing N N 131 
HIS CA  C    sing N N 132 
HIS CA  CB   sing N N 133 
HIS CA  HA   sing N N 134 
HIS C   O    doub N N 135 
HIS C   OXT  sing N N 136 
HIS CB  CG   sing N N 137 
HIS CB  HB2  sing N N 138 
HIS CB  HB3  sing N N 139 
HIS CG  ND1  sing Y N 140 
HIS CG  CD2  doub Y N 141 
HIS ND1 CE1  doub Y N 142 
HIS ND1 HD1  sing N N 143 
HIS CD2 NE2  sing Y N 144 
HIS CD2 HD2  sing N N 145 
HIS CE1 NE2  sing Y N 146 
HIS CE1 HE1  sing N N 147 
HIS NE2 HE2  sing N N 148 
HIS OXT HXT  sing N N 149 
HOH O   H1   sing N N 150 
HOH O   H2   sing N N 151 
ILE N   CA   sing N N 152 
ILE N   H    sing N N 153 
ILE N   H2   sing N N 154 
ILE CA  C    sing N N 155 
ILE CA  CB   sing N N 156 
ILE CA  HA   sing N N 157 
ILE C   O    doub N N 158 
ILE C   OXT  sing N N 159 
ILE CB  CG1  sing N N 160 
ILE CB  CG2  sing N N 161 
ILE CB  HB   sing N N 162 
ILE CG1 CD1  sing N N 163 
ILE CG1 HG12 sing N N 164 
ILE CG1 HG13 sing N N 165 
ILE CG2 HG21 sing N N 166 
ILE CG2 HG22 sing N N 167 
ILE CG2 HG23 sing N N 168 
ILE CD1 HD11 sing N N 169 
ILE CD1 HD12 sing N N 170 
ILE CD1 HD13 sing N N 171 
ILE OXT HXT  sing N N 172 
LEU N   CA   sing N N 173 
LEU N   H    sing N N 174 
LEU N   H2   sing N N 175 
LEU CA  C    sing N N 176 
LEU CA  CB   sing N N 177 
LEU CA  HA   sing N N 178 
LEU C   O    doub N N 179 
LEU C   OXT  sing N N 180 
LEU CB  CG   sing N N 181 
LEU CB  HB2  sing N N 182 
LEU CB  HB3  sing N N 183 
LEU CG  CD1  sing N N 184 
LEU CG  CD2  sing N N 185 
LEU CG  HG   sing N N 186 
LEU CD1 HD11 sing N N 187 
LEU CD1 HD12 sing N N 188 
LEU CD1 HD13 sing N N 189 
LEU CD2 HD21 sing N N 190 
LEU CD2 HD22 sing N N 191 
LEU CD2 HD23 sing N N 192 
LEU OXT HXT  sing N N 193 
LYS N   CA   sing N N 194 
LYS N   H    sing N N 195 
LYS N   H2   sing N N 196 
LYS CA  C    sing N N 197 
LYS CA  CB   sing N N 198 
LYS CA  HA   sing N N 199 
LYS C   O    doub N N 200 
LYS C   OXT  sing N N 201 
LYS CB  CG   sing N N 202 
LYS CB  HB2  sing N N 203 
LYS CB  HB3  sing N N 204 
LYS CG  CD   sing N N 205 
LYS CG  HG2  sing N N 206 
LYS CG  HG3  sing N N 207 
LYS CD  CE   sing N N 208 
LYS CD  HD2  sing N N 209 
LYS CD  HD3  sing N N 210 
LYS CE  NZ   sing N N 211 
LYS CE  HE2  sing N N 212 
LYS CE  HE3  sing N N 213 
LYS NZ  HZ1  sing N N 214 
LYS NZ  HZ2  sing N N 215 
LYS NZ  HZ3  sing N N 216 
LYS OXT HXT  sing N N 217 
MET N   CA   sing N N 218 
MET N   H    sing N N 219 
MET N   H2   sing N N 220 
MET CA  C    sing N N 221 
MET CA  CB   sing N N 222 
MET CA  HA   sing N N 223 
MET C   O    doub N N 224 
MET C   OXT  sing N N 225 
MET CB  CG   sing N N 226 
MET CB  HB2  sing N N 227 
MET CB  HB3  sing N N 228 
MET CG  SD   sing N N 229 
MET CG  HG2  sing N N 230 
MET CG  HG3  sing N N 231 
MET SD  CE   sing N N 232 
MET CE  HE1  sing N N 233 
MET CE  HE2  sing N N 234 
MET CE  HE3  sing N N 235 
MET OXT HXT  sing N N 236 
PHE N   CA   sing N N 237 
PHE N   H    sing N N 238 
PHE N   H2   sing N N 239 
PHE CA  C    sing N N 240 
PHE CA  CB   sing N N 241 
PHE CA  HA   sing N N 242 
PHE C   O    doub N N 243 
PHE C   OXT  sing N N 244 
PHE CB  CG   sing N N 245 
PHE CB  HB2  sing N N 246 
PHE CB  HB3  sing N N 247 
PHE CG  CD1  doub Y N 248 
PHE CG  CD2  sing Y N 249 
PHE CD1 CE1  sing Y N 250 
PHE CD1 HD1  sing N N 251 
PHE CD2 CE2  doub Y N 252 
PHE CD2 HD2  sing N N 253 
PHE CE1 CZ   doub Y N 254 
PHE CE1 HE1  sing N N 255 
PHE CE2 CZ   sing Y N 256 
PHE CE2 HE2  sing N N 257 
PHE CZ  HZ   sing N N 258 
PHE OXT HXT  sing N N 259 
PO4 P   O1   doub N N 260 
PO4 P   O2   sing N N 261 
PO4 P   O3   sing N N 262 
PO4 P   O4   sing N N 263 
PRO N   CA   sing N N 264 
PRO N   CD   sing N N 265 
PRO N   H    sing N N 266 
PRO CA  C    sing N N 267 
PRO CA  CB   sing N N 268 
PRO CA  HA   sing N N 269 
PRO C   O    doub N N 270 
PRO C   OXT  sing N N 271 
PRO CB  CG   sing N N 272 
PRO CB  HB2  sing N N 273 
PRO CB  HB3  sing N N 274 
PRO CG  CD   sing N N 275 
PRO CG  HG2  sing N N 276 
PRO CG  HG3  sing N N 277 
PRO CD  HD2  sing N N 278 
PRO CD  HD3  sing N N 279 
PRO OXT HXT  sing N N 280 
SER N   CA   sing N N 281 
SER N   H    sing N N 282 
SER N   H2   sing N N 283 
SER CA  C    sing N N 284 
SER CA  CB   sing N N 285 
SER CA  HA   sing N N 286 
SER C   O    doub N N 287 
SER C   OXT  sing N N 288 
SER CB  OG   sing N N 289 
SER CB  HB2  sing N N 290 
SER CB  HB3  sing N N 291 
SER OG  HG   sing N N 292 
SER OXT HXT  sing N N 293 
THR N   CA   sing N N 294 
THR N   H    sing N N 295 
THR N   H2   sing N N 296 
THR CA  C    sing N N 297 
THR CA  CB   sing N N 298 
THR CA  HA   sing N N 299 
THR C   O    doub N N 300 
THR C   OXT  sing N N 301 
THR CB  OG1  sing N N 302 
THR CB  CG2  sing N N 303 
THR CB  HB   sing N N 304 
THR OG1 HG1  sing N N 305 
THR CG2 HG21 sing N N 306 
THR CG2 HG22 sing N N 307 
THR CG2 HG23 sing N N 308 
THR OXT HXT  sing N N 309 
TYR N   CA   sing N N 310 
TYR N   H    sing N N 311 
TYR N   H2   sing N N 312 
TYR CA  C    sing N N 313 
TYR CA  CB   sing N N 314 
TYR CA  HA   sing N N 315 
TYR C   O    doub N N 316 
TYR C   OXT  sing N N 317 
TYR CB  CG   sing N N 318 
TYR CB  HB2  sing N N 319 
TYR CB  HB3  sing N N 320 
TYR CG  CD1  doub Y N 321 
TYR CG  CD2  sing Y N 322 
TYR CD1 CE1  sing Y N 323 
TYR CD1 HD1  sing N N 324 
TYR CD2 CE2  doub Y N 325 
TYR CD2 HD2  sing N N 326 
TYR CE1 CZ   doub Y N 327 
TYR CE1 HE1  sing N N 328 
TYR CE2 CZ   sing Y N 329 
TYR CE2 HE2  sing N N 330 
TYR CZ  OH   sing N N 331 
TYR OH  HH   sing N N 332 
TYR OXT HXT  sing N N 333 
VAL N   CA   sing N N 334 
VAL N   H    sing N N 335 
VAL N   H2   sing N N 336 
VAL CA  C    sing N N 337 
VAL CA  CB   sing N N 338 
VAL CA  HA   sing N N 339 
VAL C   O    doub N N 340 
VAL C   OXT  sing N N 341 
VAL CB  CG1  sing N N 342 
VAL CB  CG2  sing N N 343 
VAL CB  HB   sing N N 344 
VAL CG1 HG11 sing N N 345 
VAL CG1 HG12 sing N N 346 
VAL CG1 HG13 sing N N 347 
VAL CG2 HG21 sing N N 348 
VAL CG2 HG22 sing N N 349 
VAL CG2 HG23 sing N N 350 
VAL OXT HXT  sing N N 351 
# 
_atom_sites.entry_id                    1ASS 
_atom_sites.fract_transf_matrix[1][1]   -0.00887046 
_atom_sites.fract_transf_matrix[1][2]   -0.01077440 
_atom_sites.fract_transf_matrix[1][3]   -0.00135414 
_atom_sites.fract_transf_matrix[2][1]   0.00495499 
_atom_sites.fract_transf_matrix[2][2]   -0.01291564 
_atom_sites.fract_transf_matrix[2][3]   -0.00229149 
_atom_sites.fract_transf_matrix[3][1]   0.00054332 
_atom_sites.fract_transf_matrix[3][2]   -0.00204024 
_atom_sites.fract_transf_matrix[3][3]   0.01267435 
_atom_sites.fract_transf_vector[1]      0.440216 
_atom_sites.fract_transf_vector[2]      0.143685 
_atom_sites.fract_transf_vector[3]      0.540383 
# 
loop_
_atom_type.symbol 
C  
N  
NA 
O  
P  
S  
# 
loop_
_atom_site.group_PDB 
_atom_site.id 
_atom_site.type_symbol 
_atom_site.label_atom_id 
_atom_site.label_alt_id 
_atom_site.label_comp_id 
_atom_site.label_asym_id 
_atom_site.label_entity_id 
_atom_site.label_seq_id 
_atom_site.pdbx_PDB_ins_code 
_atom_site.Cartn_x 
_atom_site.Cartn_y 
_atom_site.Cartn_z 
_atom_site.occupancy 
_atom_site.B_iso_or_equiv 
_atom_site.pdbx_formal_charge 
_atom_site.auth_seq_id 
_atom_site.auth_comp_id 
_atom_site.auth_asym_id 
_atom_site.auth_atom_id 
_atom_site.pdbx_PDB_model_num 
ATOM   1    N  N   . MET A 1 1   ? -20.501 5.447   4.737   1.00 99.98  ? 1   MET A N   1 
ATOM   2    C  CA  . MET A 1 1   ? -20.264 4.908   6.105   1.00 100.00 ? 1   MET A CA  1 
ATOM   3    C  C   . MET A 1 1   ? -19.514 5.875   7.025   1.00 98.47  ? 1   MET A C   1 
ATOM   4    O  O   . MET A 1 1   ? -18.332 6.139   6.825   1.00 97.32  ? 1   MET A O   1 
ATOM   5    C  CB  . MET A 1 1   ? -19.526 3.555   6.039   1.00 97.71  ? 1   MET A CB  1 
ATOM   6    C  CG  . MET A 1 1   ? -20.429 2.316   6.069   1.00 99.34  ? 1   MET A CG  1 
ATOM   7    S  SD  . MET A 1 1   ? -20.032 1.013   4.865   1.00 100.00 ? 1   MET A SD  1 
ATOM   8    C  CE  . MET A 1 1   ? -21.410 1.177   3.603   1.00 96.26  ? 1   MET A CE  1 
ATOM   9    N  N   . SER A 1 2   ? -20.256 6.458   7.971   1.00 95.43  ? 2   SER A N   1 
ATOM   10   C  CA  . SER A 1 2   ? -19.668 7.335   8.973   1.00 90.63  ? 2   SER A CA  1 
ATOM   11   C  C   . SER A 1 2   ? -18.855 6.436   9.939   1.00 87.92  ? 2   SER A C   1 
ATOM   12   O  O   . SER A 1 2   ? -18.849 6.634   11.159  1.00 81.14  ? 2   SER A O   1 
ATOM   13   C  CB  . SER A 1 2   ? -20.755 8.101   9.728   1.00 88.48  ? 2   SER A CB  1 
ATOM   14   O  OG  . SER A 1 2   ? -20.704 9.483   9.406   1.00 82.96  ? 2   SER A OG  1 
ATOM   15   N  N   . GLY A 1 3   ? -18.281 5.385   9.309   1.00 83.45  ? 3   GLY A N   1 
ATOM   16   C  CA  . GLY A 1 3   ? -17.411 4.432   9.982   1.00 69.73  ? 3   GLY A CA  1 
ATOM   17   C  C   . GLY A 1 3   ? -17.211 3.005   9.493   1.00 59.77  ? 3   GLY A C   1 
ATOM   18   O  O   . GLY A 1 3   ? -18.167 2.293   9.217   1.00 60.62  ? 3   GLY A O   1 
ATOM   19   N  N   . ILE A 1 4   ? -15.943 2.632   9.316   1.00 56.77  ? 4   ILE A N   1 
ATOM   20   C  CA  . ILE A 1 4   ? -15.530 1.248   9.013   1.00 53.55  ? 4   ILE A CA  1 
ATOM   21   C  C   . ILE A 1 4   ? -14.268 1.078   9.859   1.00 52.28  ? 4   ILE A C   1 
ATOM   22   O  O   . ILE A 1 4   ? -13.363 1.923   9.758   1.00 53.15  ? 4   ILE A O   1 
ATOM   23   C  CB  . ILE A 1 4   ? -15.095 0.984   7.582   1.00 44.98  ? 4   ILE A CB  1 
ATOM   24   C  CG1 . ILE A 1 4   ? -16.275 1.094   6.654   1.00 47.39  ? 4   ILE A CG1 1 
ATOM   25   C  CG2 . ILE A 1 4   ? -14.662 -0.456  7.473   1.00 40.66  ? 4   ILE A CG2 1 
ATOM   26   C  CD1 . ILE A 1 4   ? -16.025 0.513   5.315   1.00 43.73  ? 4   ILE A CD1 1 
ATOM   27   N  N   . VAL A 1 5   ? -14.245 0.085   10.747  1.00 51.45  ? 5   VAL A N   1 
ATOM   28   C  CA  . VAL A 1 5   ? -13.066 -0.160  11.577  1.00 47.99  ? 5   VAL A CA  1 
ATOM   29   C  C   . VAL A 1 5   ? -12.226 -1.268  10.962  1.00 50.36  ? 5   VAL A C   1 
ATOM   30   O  O   . VAL A 1 5   ? -12.756 -2.282  10.560  1.00 51.75  ? 5   VAL A O   1 
ATOM   31   C  CB  . VAL A 1 5   ? -13.462 -0.606  12.969  1.00 49.79  ? 5   VAL A CB  1 
ATOM   32   C  CG1 . VAL A 1 5   ? -12.216 -0.868  13.804  1.00 45.95  ? 5   VAL A CG1 1 
ATOM   33   C  CG2 . VAL A 1 5   ? -14.336 0.459   13.644  1.00 45.89  ? 5   VAL A CG2 1 
ATOM   34   N  N   . ILE A 1 6   ? -10.919 -1.056  10.864  1.00 50.21  ? 6   ILE A N   1 
ATOM   35   C  CA  . ILE A 1 6   ? -9.993  -2.042  10.312  1.00 46.64  ? 6   ILE A CA  1 
ATOM   36   C  C   . ILE A 1 6   ? -9.073  -2.413  11.467  1.00 44.75  ? 6   ILE A C   1 
ATOM   37   O  O   . ILE A 1 6   ? -8.452  -1.530  12.076  1.00 44.66  ? 6   ILE A O   1 
ATOM   38   C  CB  . ILE A 1 6   ? -9.091  -1.390  9.226   1.00 51.92  ? 6   ILE A CB  1 
ATOM   39   C  CG1 . ILE A 1 6   ? -9.916  -0.793  8.092   1.00 52.43  ? 6   ILE A CG1 1 
ATOM   40   C  CG2 . ILE A 1 6   ? -8.138  -2.392  8.660   1.00 48.71  ? 6   ILE A CG2 1 
ATOM   41   C  CD1 . ILE A 1 6   ? -10.781 -1.808  7.409   1.00 58.02  ? 6   ILE A CD1 1 
ATOM   42   N  N   . ASP A 1 7   ? -8.972  -3.695  11.801  1.00 45.39  ? 7   ASP A N   1 
ATOM   43   C  CA  . ASP A 1 7   ? -8.090  -4.075  12.908  1.00 49.83  ? 7   ASP A CA  1 
ATOM   44   C  C   . ASP A 1 7   ? -6.634  -4.223  12.501  1.00 46.06  ? 7   ASP A C   1 
ATOM   45   O  O   . ASP A 1 7   ? -6.049  -5.279  12.696  1.00 52.00  ? 7   ASP A O   1 
ATOM   46   C  CB  . ASP A 1 7   ? -8.572  -5.359  13.594  1.00 55.94  ? 7   ASP A CB  1 
ATOM   47   C  CG  . ASP A 1 7   ? -7.996  -5.530  15.019  1.00 67.10  ? 7   ASP A CG  1 
ATOM   48   O  OD1 . ASP A 1 7   ? -7.467  -4.557  15.626  1.00 66.93  ? 7   ASP A OD1 1 
ATOM   49   O  OD2 . ASP A 1 7   ? -8.101  -6.656  15.554  1.00 75.79  ? 7   ASP A OD2 1 
ATOM   50   N  N   . LYS A 1 8   ? -6.053  -3.156  11.979  1.00 43.96  ? 8   LYS A N   1 
ATOM   51   C  CA  . LYS A 1 8   ? -4.670  -3.166  11.538  1.00 44.81  ? 8   LYS A CA  1 
ATOM   52   C  C   . LYS A 1 8   ? -4.190  -1.740  11.626  1.00 45.38  ? 8   LYS A C   1 
ATOM   53   O  O   . LYS A 1 8   ? -4.938  -0.851  11.270  1.00 51.14  ? 8   LYS A O   1 
ATOM   54   C  CB  . LYS A 1 8   ? -4.609  -3.632  10.096  1.00 49.20  ? 8   LYS A CB  1 
ATOM   55   C  CG  . LYS A 1 8   ? -4.832  -5.108  9.901   1.00 51.11  ? 8   LYS A CG  1 
ATOM   56   C  CD  . LYS A 1 8   ? -3.630  -5.814  10.389  1.00 58.88  ? 8   LYS A CD  1 
ATOM   57   C  CE  . LYS A 1 8   ? -3.745  -7.268  10.092  1.00 67.51  ? 8   LYS A CE  1 
ATOM   58   N  NZ  . LYS A 1 8   ? -2.351  -7.804  10.238  1.00 80.46  ? 8   LYS A NZ  1 
ATOM   59   N  N   . GLU A 1 9   ? -2.948  -1.512  12.049  1.00 48.16  ? 9   GLU A N   1 
ATOM   60   C  CA  . GLU A 1 9   ? -2.390  -0.153  12.216  1.00 53.58  ? 9   GLU A CA  1 
ATOM   61   C  C   . GLU A 1 9   ? -1.574  0.355   11.039  1.00 51.56  ? 9   GLU A C   1 
ATOM   62   O  O   . GLU A 1 9   ? -1.169  -0.426  10.232  1.00 50.18  ? 9   GLU A O   1 
ATOM   63   C  CB  . GLU A 1 9   ? -1.456  -0.155  13.393  1.00 56.27  ? 9   GLU A CB  1 
ATOM   64   C  CG  . GLU A 1 9   ? -0.300  -1.070  13.152  1.00 74.55  ? 9   GLU A CG  1 
ATOM   65   C  CD  . GLU A 1 9   ? 0.715   -1.060  14.277  1.00 88.64  ? 9   GLU A CD  1 
ATOM   66   O  OE1 . GLU A 1 9   ? 0.540   -0.323  15.278  1.00 94.94  ? 9   GLU A OE1 1 
ATOM   67   O  OE2 . GLU A 1 9   ? 1.712   -1.799  14.144  1.00 93.64  ? 9   GLU A OE2 1 
ATOM   68   N  N   . LYS A 1 10  ? -1.298  1.659   10.966  1.00 51.44  ? 10  LYS A N   1 
ATOM   69   C  CA  . LYS A 1 10  ? -0.485  2.199   9.877   1.00 46.56  ? 10  LYS A CA  1 
ATOM   70   C  C   . LYS A 1 10  ? 0.826   1.492   10.114  1.00 49.54  ? 10  LYS A C   1 
ATOM   71   O  O   . LYS A 1 10  ? 1.153   1.237   11.285  1.00 43.96  ? 10  LYS A O   1 
ATOM   72   C  CB  . LYS A 1 10  ? -0.300  3.710   10.018  1.00 40.25  ? 10  LYS A CB  1 
ATOM   73   C  CG  . LYS A 1 10  ? 0.313   4.197   11.342  1.00 39.55  ? 10  LYS A CG  1 
ATOM   74   C  CD  . LYS A 1 10  ? 0.429   5.752   11.257  1.00 42.23  ? 10  LYS A CD  1 
ATOM   75   C  CE  . LYS A 1 10  ? 0.357   6.497   12.601  1.00 44.53  ? 10  LYS A CE  1 
ATOM   76   N  NZ  . LYS A 1 10  ? 1.674   6.707   13.284  1.00 45.87  ? 10  LYS A NZ  1 
ATOM   77   N  N   . VAL A 1 11  ? 1.561   1.165   9.037   1.00 50.49  ? 11  VAL A N   1 
ATOM   78   C  CA  . VAL A 1 11  ? 2.827   0.427   9.181   1.00 45.55  ? 11  VAL A CA  1 
ATOM   79   C  C   . VAL A 1 11  ? 4.041   1.098   9.787   1.00 48.31  ? 11  VAL A C   1 
ATOM   80   O  O   . VAL A 1 11  ? 4.829   0.427   10.423  1.00 48.18  ? 11  VAL A O   1 
ATOM   81   C  CB  . VAL A 1 11  ? 3.275   -0.334  7.904   1.00 43.53  ? 11  VAL A CB  1 
ATOM   82   C  CG1 . VAL A 1 11  ? 2.465   -1.569  7.741   1.00 45.01  ? 11  VAL A CG1 1 
ATOM   83   C  CG2 . VAL A 1 11  ? 3.141   0.510   6.663   1.00 42.91  ? 11  VAL A CG2 1 
ATOM   84   N  N   . HIS A 1 12  ? 4.174   2.411   9.677   1.00 53.74  ? 12  HIS A N   1 
ATOM   85   C  CA  . HIS A 1 12  ? 5.340   3.079   10.244  1.00 55.68  ? 12  HIS A CA  1 
ATOM   86   C  C   . HIS A 1 12  ? 4.980   4.212   11.141  1.00 57.83  ? 12  HIS A C   1 
ATOM   87   O  O   . HIS A 1 12  ? 4.020   4.910   10.868  1.00 59.37  ? 12  HIS A O   1 
ATOM   88   C  CB  . HIS A 1 12  ? 6.132   3.667   9.128   1.00 62.48  ? 12  HIS A CB  1 
ATOM   89   C  CG  . HIS A 1 12  ? 7.357   2.872   8.800   1.00 64.80  ? 12  HIS A CG  1 
ATOM   90   N  ND1 . HIS A 1 12  ? 8.581   3.494   8.633   1.00 73.16  ? 12  HIS A ND1 1 
ATOM   91   C  CD2 . HIS A 1 12  ? 7.536   1.571   8.591   1.00 60.32  ? 12  HIS A CD2 1 
ATOM   92   C  CE1 . HIS A 1 12  ? 9.467   2.575   8.324   1.00 70.35  ? 12  HIS A CE1 1 
ATOM   93   N  NE2 . HIS A 1 12  ? 8.879   1.394   8.288   1.00 59.43  ? 12  HIS A NE2 1 
ATOM   94   N  N   . SER A 1 13  ? 5.808   4.484   12.142  1.00 65.98  ? 13  SER A N   1 
ATOM   95   C  CA  . SER A 1 13  ? 5.527   5.582   13.076  1.00 72.62  ? 13  SER A CA  1 
ATOM   96   C  C   . SER A 1 13  ? 5.530   6.928   12.395  1.00 75.03  ? 13  SER A C   1 
ATOM   97   O  O   . SER A 1 13  ? 4.660   7.764   12.639  1.00 79.41  ? 13  SER A O   1 
ATOM   98   C  CB  . SER A 1 13  ? 6.548   5.625   14.214  1.00 73.23  ? 13  SER A CB  1 
ATOM   99   O  OG  . SER A 1 13  ? 6.198   4.694   15.230  1.00 82.12  ? 13  SER A OG  1 
ATOM   100  N  N   . LYS A 1 14  ? 6.525   7.134   11.539  1.00 74.58  ? 14  LYS A N   1 
ATOM   101  C  CA  . LYS A 1 14  ? 6.657   8.401   10.859  1.00 73.66  ? 14  LYS A CA  1 
ATOM   102  C  C   . LYS A 1 14  ? 5.556   8.621   9.817   1.00 73.53  ? 14  LYS A C   1 
ATOM   103  O  O   . LYS A 1 14  ? 5.680   9.488   8.937   1.00 80.89  ? 14  LYS A O   1 
ATOM   104  C  CB  . LYS A 1 14  ? 8.065   8.518   10.273  1.00 84.30  ? 14  LYS A CB  1 
ATOM   105  C  CG  . LYS A 1 14  ? 9.151   8.634   11.367  1.00 85.04  ? 14  LYS A CG  1 
ATOM   106  C  CD  . LYS A 1 14  ? 10.524  8.996   10.814  1.00 92.79  ? 14  LYS A CD  1 
ATOM   107  C  CE  . LYS A 1 14  ? 11.615  8.960   11.883  1.00 93.15  ? 14  LYS A CE  1 
ATOM   108  N  NZ  . LYS A 1 14  ? 12.979  9.183   11.334  1.00 99.98  ? 14  LYS A NZ  1 
ATOM   109  N  N   . MET A 1 15  ? 4.495   7.839   9.897   1.00 67.22  ? 15  MET A N   1 
ATOM   110  C  CA  . MET A 1 15  ? 3.395   8.016   8.966   1.00 60.47  ? 15  MET A CA  1 
ATOM   111  C  C   . MET A 1 15  ? 2.338   8.914   9.637   1.00 63.07  ? 15  MET A C   1 
ATOM   112  O  O   . MET A 1 15  ? 2.267   8.983   10.861  1.00 59.64  ? 15  MET A O   1 
ATOM   113  C  CB  . MET A 1 15  ? 2.808   6.679   8.558   1.00 54.73  ? 15  MET A CB  1 
ATOM   114  C  CG  . MET A 1 15  ? 3.512   5.966   7.412   1.00 47.75  ? 15  MET A CG  1 
ATOM   115  S  SD  . MET A 1 15  ? 2.924   4.292   7.195   1.00 51.20  ? 15  MET A SD  1 
ATOM   116  C  CE  . MET A 1 15  ? 3.412   3.890   5.611   1.00 43.59  ? 15  MET A CE  1 
ATOM   117  N  N   . PRO A 1 16  ? 1.542   9.587   8.809   1.00 62.10  ? 16  PRO A N   1 
ATOM   118  C  CA  . PRO A 1 16  ? 0.490   10.492  9.352   1.00 59.11  ? 16  PRO A CA  1 
ATOM   119  C  C   . PRO A 1 16  ? -0.456  9.825   10.268  1.00 57.91  ? 16  PRO A C   1 
ATOM   120  O  O   . PRO A 1 16  ? -0.884  8.691   10.072  1.00 55.30  ? 16  PRO A O   1 
ATOM   121  C  CB  . PRO A 1 16  ? -0.209  11.000  8.101   1.00 56.45  ? 16  PRO A CB  1 
ATOM   122  C  CG  . PRO A 1 16  ? 0.312   10.329  6.965   1.00 56.56  ? 16  PRO A CG  1 
ATOM   123  C  CD  . PRO A 1 16  ? 1.468   9.479   7.373   1.00 64.62  ? 16  PRO A CD  1 
ATOM   124  N  N   . ASP A 1 17  ? -0.802  10.585  11.301  1.00 59.37  ? 17  ASP A N   1 
ATOM   125  C  CA  . ASP A 1 17  ? -1.737  10.138  12.275  1.00 57.41  ? 17  ASP A CA  1 
ATOM   126  C  C   . ASP A 1 17  ? -3.139  10.258  11.789  1.00 62.63  ? 17  ASP A C   1 
ATOM   127  O  O   . ASP A 1 17  ? -3.968  9.395   12.041  1.00 63.74  ? 17  ASP A O   1 
ATOM   128  C  CB  . ASP A 1 17  ? -1.533  10.924  13.530  1.00 61.52  ? 17  ASP A CB  1 
ATOM   129  C  CG  . ASP A 1 17  ? -0.730  10.136  14.531  1.00 70.41  ? 17  ASP A CG  1 
ATOM   130  O  OD1 . ASP A 1 17  ? -0.882  8.885   14.531  1.00 74.06  ? 17  ASP A OD1 1 
ATOM   131  O  OD2 . ASP A 1 17  ? 0.058   10.758  15.305  1.00 76.21  ? 17  ASP A OD2 1 
ATOM   132  N  N   . VAL A 1 18  ? -3.464  11.358  11.107  1.00 65.99  ? 18  VAL A N   1 
ATOM   133  C  CA  . VAL A 1 18  ? -4.805  11.499  10.555  1.00 61.28  ? 18  VAL A CA  1 
ATOM   134  C  C   . VAL A 1 18  ? -4.677  11.978  9.140   1.00 59.97  ? 18  VAL A C   1 
ATOM   135  O  O   . VAL A 1 18  ? -3.762  12.725  8.824   1.00 61.11  ? 18  VAL A O   1 
ATOM   136  C  CB  . VAL A 1 18  ? -5.698  12.465  11.361  1.00 59.59  ? 18  VAL A CB  1 
ATOM   137  C  CG1 . VAL A 1 18  ? -7.160  12.299  10.902  1.00 52.82  ? 18  VAL A CG1 1 
ATOM   138  C  CG2 . VAL A 1 18  ? -5.561  12.200  12.883  1.00 53.98  ? 18  VAL A CG2 1 
ATOM   139  N  N   . VAL A 1 19  ? -5.521  11.472  8.262   1.00 59.56  ? 19  VAL A N   1 
ATOM   140  C  CA  . VAL A 1 19  ? -5.439  11.854  6.881   1.00 58.53  ? 19  VAL A CA  1 
ATOM   141  C  C   . VAL A 1 19  ? -6.779  12.428  6.501   1.00 66.58  ? 19  VAL A C   1 
ATOM   142  O  O   . VAL A 1 19  ? -7.786  11.718  6.512   1.00 68.07  ? 19  VAL A O   1 
ATOM   143  C  CB  . VAL A 1 19  ? -5.140  10.622  6.008   1.00 55.42  ? 19  VAL A CB  1 
ATOM   144  C  CG1 . VAL A 1 19  ? -5.305  10.946  4.534   1.00 44.97  ? 19  VAL A CG1 1 
ATOM   145  C  CG2 . VAL A 1 19  ? -3.729  10.103  6.262   1.00 46.31  ? 19  VAL A CG2 1 
ATOM   146  N  N   . LYS A 1 20  ? -6.806  13.729  6.218   1.00 69.57  ? 20  LYS A N   1 
ATOM   147  C  CA  . LYS A 1 20  ? -8.032  14.410  5.801   1.00 66.54  ? 20  LYS A CA  1 
ATOM   148  C  C   . LYS A 1 20  ? -8.237  14.217  4.306   1.00 65.38  ? 20  LYS A C   1 
ATOM   149  O  O   . LYS A 1 20  ? -7.275  14.297  3.530   1.00 63.89  ? 20  LYS A O   1 
ATOM   150  C  CB  . LYS A 1 20  ? -7.880  15.893  6.037   1.00 73.01  ? 20  LYS A CB  1 
ATOM   151  C  CG  . LYS A 1 20  ? -7.860  16.261  7.488   1.00 81.38  ? 20  LYS A CG  1 
ATOM   152  C  CD  . LYS A 1 20  ? -9.172  15.898  8.119   1.00 85.89  ? 20  LYS A CD  1 
ATOM   153  C  CE  . LYS A 1 20  ? -9.116  16.145  9.618   1.00 90.69  ? 20  LYS A CE  1 
ATOM   154  N  NZ  . LYS A 1 20  ? -10.428 15.850  10.253  1.00 99.98  ? 20  LYS A NZ  1 
ATOM   155  N  N   . ASN A 1 21  ? -9.498  14.063  3.900   1.00 66.97  ? 21  ASN A N   1 
ATOM   156  C  CA  . ASN A 1 21  ? -9.905  13.873  2.487   1.00 73.65  ? 21  ASN A CA  1 
ATOM   157  C  C   . ASN A 1 21  ? -8.957  12.899  1.838   1.00 72.75  ? 21  ASN A C   1 
ATOM   158  O  O   . ASN A 1 21  ? -8.073  13.282  1.060   1.00 77.34  ? 21  ASN A O   1 
ATOM   159  C  CB  . ASN A 1 21  ? -9.893  15.194  1.683   1.00 79.29  ? 21  ASN A CB  1 
ATOM   160  C  CG  . ASN A 1 21  ? -10.291 16.426  2.528   1.00 82.42  ? 21  ASN A CG  1 
ATOM   161  O  OD1 . ASN A 1 21  ? -9.511  17.378  2.663   1.00 80.67  ? 21  ASN A OD1 1 
ATOM   162  N  ND2 . ASN A 1 21  ? -11.504 16.413  3.077   1.00 86.79  ? 21  ASN A ND2 1 
ATOM   163  N  N   . ALA A 1 22  ? -9.169  11.635  2.139   1.00 69.36  ? 22  ALA A N   1 
ATOM   164  C  CA  . ALA A 1 22  ? -8.282  10.609  1.661   1.00 66.19  ? 22  ALA A CA  1 
ATOM   165  C  C   . ALA A 1 22  ? -8.695  9.915   0.403   1.00 65.61  ? 22  ALA A C   1 
ATOM   166  O  O   . ALA A 1 22  ? -9.858  9.543   0.277   1.00 66.26  ? 22  ALA A O   1 
ATOM   167  C  CB  . ALA A 1 22  ? -8.091  9.582   2.768   1.00 66.04  ? 22  ALA A CB  1 
ATOM   168  N  N   . LYS A 1 23  ? -7.775  9.805   -0.561  1.00 68.81  ? 23  LYS A N   1 
ATOM   169  C  CA  . LYS A 1 23  ? -8.061  9.023   -1.773  1.00 68.59  ? 23  LYS A CA  1 
ATOM   170  C  C   . LYS A 1 23  ? -7.316  7.742   -1.393  1.00 63.93  ? 23  LYS A C   1 
ATOM   171  O  O   . LYS A 1 23  ? -6.147  7.788   -0.977  1.00 66.71  ? 23  LYS A O   1 
ATOM   172  C  CB  . LYS A 1 23  ? -7.528  9.694   -3.042  1.00 72.07  ? 23  LYS A CB  1 
ATOM   173  C  CG  . LYS A 1 23  ? -8.300  10.968  -3.446  1.00 74.73  ? 23  LYS A CG  1 
ATOM   174  C  CD  . LYS A 1 23  ? -7.675  12.242  -2.855  1.00 71.90  ? 23  LYS A CD  1 
ATOM   175  C  CE  . LYS A 1 23  ? -6.634  12.835  -3.830  1.00 79.68  ? 23  LYS A CE  1 
ATOM   176  N  NZ  . LYS A 1 23  ? -6.967  12.495  -5.249  1.00 90.66  ? 23  LYS A NZ  1 
ATOM   177  N  N   . ILE A 1 24  ? -8.048  6.635   -1.392  1.00 57.76  ? 24  ILE A N   1 
ATOM   178  C  CA  . ILE A 1 24  ? -7.532  5.359   -0.932  1.00 54.36  ? 24  ILE A CA  1 
ATOM   179  C  C   . ILE A 1 24  ? -7.287  4.295   -1.972  1.00 60.05  ? 24  ILE A C   1 
ATOM   180  O  O   . ILE A 1 24  ? -8.213  3.893   -2.686  1.00 63.89  ? 24  ILE A O   1 
ATOM   181  C  CB  . ILE A 1 24  ? -8.514  4.794   0.062   1.00 48.73  ? 24  ILE A CB  1 
ATOM   182  C  CG1 . ILE A 1 24  ? -8.670  5.756   1.201   1.00 48.87  ? 24  ILE A CG1 1 
ATOM   183  C  CG2 . ILE A 1 24  ? -8.104  3.456   0.559   1.00 45.18  ? 24  ILE A CG2 1 
ATOM   184  C  CD1 . ILE A 1 24  ? -9.828  5.377   2.065   1.00 52.54  ? 24  ILE A CD1 1 
ATOM   185  N  N   . ALA A 1 25  ? -6.076  3.746   -1.973  1.00 61.02  ? 25  ALA A N   1 
ATOM   186  C  CA  . ALA A 1 25  ? -5.748  2.701   -2.927  1.00 59.82  ? 25  ALA A CA  1 
ATOM   187  C  C   . ALA A 1 25  ? -5.901  1.313   -2.293  1.00 58.93  ? 25  ALA A C   1 
ATOM   188  O  O   . ALA A 1 25  ? -5.463  1.126   -1.156  1.00 56.85  ? 25  ALA A O   1 
ATOM   189  C  CB  . ALA A 1 25  ? -4.350  2.914   -3.418  1.00 56.06  ? 25  ALA A CB  1 
ATOM   190  N  N   . LEU A 1 26  ? -6.566  0.378   -2.988  1.00 60.08  ? 26  LEU A N   1 
ATOM   191  C  CA  . LEU A 1 26  ? -6.763  -1.014  -2.516  1.00 59.87  ? 26  LEU A CA  1 
ATOM   192  C  C   . LEU A 1 26  ? -6.026  -2.043  -3.392  1.00 60.37  ? 26  LEU A C   1 
ATOM   193  O  O   . LEU A 1 26  ? -6.452  -2.308  -4.520  1.00 63.43  ? 26  LEU A O   1 
ATOM   194  C  CB  . LEU A 1 26  ? -8.255  -1.372  -2.497  1.00 60.98  ? 26  LEU A CB  1 
ATOM   195  C  CG  . LEU A 1 26  ? -8.987  -0.985  -1.220  1.00 57.86  ? 26  LEU A CG  1 
ATOM   196  C  CD1 . LEU A 1 26  ? -8.263  0.101   -0.477  1.00 64.57  ? 26  LEU A CD1 1 
ATOM   197  C  CD2 . LEU A 1 26  ? -10.326 -0.521  -1.580  1.00 56.47  ? 26  LEU A CD2 1 
ATOM   198  N  N   . ILE A 1 27  ? -4.981  -2.677  -2.851  1.00 55.16  ? 27  ILE A N   1 
ATOM   199  C  CA  . ILE A 1 27  ? -4.192  -3.646  -3.607  1.00 46.49  ? 27  ILE A CA  1 
ATOM   200  C  C   . ILE A 1 27  ? -4.313  -5.046  -3.009  1.00 48.27  ? 27  ILE A C   1 
ATOM   201  O  O   . ILE A 1 27  ? -4.145  -5.267  -1.825  1.00 49.56  ? 27  ILE A O   1 
ATOM   202  C  CB  . ILE A 1 27  ? -2.728  -3.210  -3.634  1.00 51.55  ? 27  ILE A CB  1 
ATOM   203  C  CG1 . ILE A 1 27  ? -2.644  -1.770  -4.141  1.00 52.28  ? 27  ILE A CG1 1 
ATOM   204  C  CG2 . ILE A 1 27  ? -1.904  -4.084  -4.576  1.00 53.46  ? 27  ILE A CG2 1 
ATOM   205  C  CD1 . ILE A 1 27  ? -1.315  -1.073  -3.895  1.00 52.21  ? 27  ILE A CD1 1 
ATOM   206  N  N   . ASP A 1 28  ? -4.681  -5.972  -3.879  1.00 55.38  ? 28  ASP A N   1 
ATOM   207  C  CA  . ASP A 1 28  ? -4.890  -7.375  -3.561  1.00 65.92  ? 28  ASP A CA  1 
ATOM   208  C  C   . ASP A 1 28  ? -3.562  -8.066  -3.294  1.00 69.23  ? 28  ASP A C   1 
ATOM   209  O  O   . ASP A 1 28  ? -3.457  -8.979  -2.480  1.00 72.95  ? 28  ASP A O   1 
ATOM   210  C  CB  . ASP A 1 28  ? -5.446  -8.022  -4.821  1.00 76.87  ? 28  ASP A CB  1 
ATOM   211  C  CG  . ASP A 1 28  ? -6.735  -8.792  -4.620  1.00 89.49  ? 28  ASP A CG  1 
ATOM   212  O  OD1 . ASP A 1 28  ? -7.143  -9.054  -3.454  1.00 93.57  ? 28  ASP A OD1 1 
ATOM   213  O  OD2 . ASP A 1 28  ? -7.353  -9.133  -5.643  1.00 99.97  ? 28  ASP A OD2 1 
ATOM   214  N  N   . SER A 1 29  ? -2.603  -7.677  -4.138  1.00 69.24  ? 29  SER A N   1 
ATOM   215  C  CA  . SER A 1 29  ? -1.239  -8.219  -4.174  1.00 65.78  ? 29  SER A CA  1 
ATOM   216  C  C   . SER A 1 29  ? -0.257  -7.591  -3.181  1.00 60.78  ? 29  SER A C   1 
ATOM   217  O  O   . SER A 1 29  ? -0.388  -6.408  -2.819  1.00 57.82  ? 29  SER A O   1 
ATOM   218  C  CB  . SER A 1 29  ? -0.690  -8.016  -5.592  1.00 70.17  ? 29  SER A CB  1 
ATOM   219  O  OG  . SER A 1 29  ? -0.640  -6.624  -5.910  1.00 70.10  ? 29  SER A OG  1 
ATOM   220  N  N   . ALA A 1 30  ? 0.772   -8.352  -2.824  1.00 54.84  ? 30  ALA A N   1 
ATOM   221  C  CA  . ALA A 1 30  ? 1.775   -7.869  -1.883  1.00 48.64  ? 30  ALA A CA  1 
ATOM   222  C  C   . ALA A 1 30  ? 2.712   -6.826  -2.504  1.00 49.42  ? 30  ALA A C   1 
ATOM   223  O  O   . ALA A 1 30  ? 3.064   -6.935  -3.684  1.00 52.45  ? 30  ALA A O   1 
ATOM   224  C  CB  . ALA A 1 30  ? 2.541   -9.020  -1.363  1.00 43.20  ? 30  ALA A CB  1 
ATOM   225  N  N   . LEU A 1 31  ? 3.074   -5.799  -1.743  1.00 46.45  ? 31  LEU A N   1 
ATOM   226  C  CA  . LEU A 1 31  ? 3.953   -4.786  -2.268  1.00 44.60  ? 31  LEU A CA  1 
ATOM   227  C  C   . LEU A 1 31  ? 5.330   -5.333  -1.977  1.00 47.12  ? 31  LEU A C   1 
ATOM   228  O  O   . LEU A 1 31  ? 6.072   -4.783  -1.151  1.00 46.44  ? 31  LEU A O   1 
ATOM   229  C  CB  . LEU A 1 31  ? 3.719   -3.468  -1.546  1.00 46.03  ? 31  LEU A CB  1 
ATOM   230  C  CG  . LEU A 1 31  ? 2.328   -2.841  -1.672  1.00 45.14  ? 31  LEU A CG  1 
ATOM   231  C  CD1 . LEU A 1 31  ? 2.451   -1.359  -1.317  1.00 40.94  ? 31  LEU A CD1 1 
ATOM   232  C  CD2 . LEU A 1 31  ? 1.774   -2.981  -3.076  1.00 40.69  ? 31  LEU A CD2 1 
ATOM   233  N  N   . GLU A 1 32  ? 5.671   -6.424  -2.650  1.00 46.61  ? 32  GLU A N   1 
ATOM   234  C  CA  . GLU A 1 32  ? 6.957   -7.068  -2.422  1.00 47.20  ? 32  GLU A CA  1 
ATOM   235  C  C   . GLU A 1 32  ? 7.606   -7.530  -3.717  1.00 49.07  ? 32  GLU A C   1 
ATOM   236  O  O   . GLU A 1 32  ? 6.956   -7.531  -4.780  1.00 49.72  ? 32  GLU A O   1 
ATOM   237  C  CB  . GLU A 1 32  ? 6.754   -8.271  -1.509  1.00 41.28  ? 32  GLU A CB  1 
ATOM   238  C  CG  . GLU A 1 32  ? 6.479   -7.925  -0.066  1.00 38.69  ? 32  GLU A CG  1 
ATOM   239  C  CD  . GLU A 1 32  ? 6.038   -9.146  0.769   1.00 40.17  ? 32  GLU A CD  1 
ATOM   240  O  OE1 . GLU A 1 32  ? 5.608   -10.180 0.197   1.00 53.95  ? 32  GLU A OE1 1 
ATOM   241  O  OE2 . GLU A 1 32  ? 6.147   -9.089  2.014   1.00 47.35  ? 32  GLU A OE2 1 
ATOM   242  N  N   . ILE A 1 33  ? 8.894   -7.881  -3.612  1.00 49.73  ? 33  ILE A N   1 
ATOM   243  C  CA  . ILE A 1 33  ? 9.721   -8.360  -4.732  1.00 46.28  ? 33  ILE A CA  1 
ATOM   244  C  C   . ILE A 1 33  ? 9.511   -9.874  -4.843  1.00 43.03  ? 33  ILE A C   1 
ATOM   245  O  O   . ILE A 1 33  ? 9.497   -10.551 -3.815  1.00 46.10  ? 33  ILE A O   1 
ATOM   246  C  CB  . ILE A 1 33  ? 11.237  -8.073  -4.430  1.00 48.04  ? 33  ILE A CB  1 
ATOM   247  C  CG1 . ILE A 1 33  ? 11.558  -6.577  -4.586  1.00 41.85  ? 33  ILE A CG1 1 
ATOM   248  C  CG2 . ILE A 1 33  ? 12.121  -8.885  -5.371  1.00 50.52  ? 33  ILE A CG2 1 
ATOM   249  C  CD1 . ILE A 1 33  ? 12.808  -6.084  -3.844  1.00 34.16  ? 33  ILE A CD1 1 
ATOM   250  N  N   . LYS A 1 34  ? 9.297   -10.404 -6.047  1.00 43.98  ? 34  LYS A N   1 
ATOM   251  C  CA  . LYS A 1 34  ? 9.107   -11.857 -6.215  1.00 50.09  ? 34  LYS A CA  1 
ATOM   252  C  C   . LYS A 1 34  ? 10.441  -12.623 -6.157  1.00 48.27  ? 34  LYS A C   1 
ATOM   253  O  O   . LYS A 1 34  ? 11.283  -12.490 -7.043  1.00 50.66  ? 34  LYS A O   1 
ATOM   254  C  CB  . LYS A 1 34  ? 8.422   -12.155 -7.553  1.00 59.08  ? 34  LYS A CB  1 
ATOM   255  C  CG  . LYS A 1 34  ? 6.957   -11.714 -7.664  1.00 72.19  ? 34  LYS A CG  1 
ATOM   256  C  CD  . LYS A 1 34  ? 6.318   -12.153 -8.997  1.00 83.64  ? 34  LYS A CD  1 
ATOM   257  C  CE  . LYS A 1 34  ? 4.761   -11.977 -8.961  1.00 90.13  ? 34  LYS A CE  1 
ATOM   258  N  NZ  . LYS A 1 34  ? 4.047   -12.703 -10.074 1.00 93.33  ? 34  LYS A NZ  1 
ATOM   259  N  N   . LYS A 1 35  ? 10.596  -13.489 -5.162  1.00 47.95  ? 35  LYS A N   1 
ATOM   260  C  CA  . LYS A 1 35  ? 11.839  -14.248 -4.976  1.00 47.01  ? 35  LYS A CA  1 
ATOM   261  C  C   . LYS A 1 35  ? 12.291  -14.988 -6.196  1.00 47.31  ? 35  LYS A C   1 
ATOM   262  O  O   . LYS A 1 35  ? 13.405  -14.805 -6.691  1.00 54.01  ? 35  LYS A O   1 
ATOM   263  C  CB  . LYS A 1 35  ? 11.697  -15.288 -3.873  1.00 38.58  ? 35  LYS A CB  1 
ATOM   264  C  CG  . LYS A 1 35  ? 11.935  -14.754 -2.501  1.00 41.86  ? 35  LYS A CG  1 
ATOM   265  C  CD  . LYS A 1 35  ? 11.723  -15.884 -1.537  1.00 40.80  ? 35  LYS A CD  1 
ATOM   266  C  CE  . LYS A 1 35  ? 11.742  -15.338 -0.126  1.00 45.62  ? 35  LYS A CE  1 
ATOM   267  N  NZ  . LYS A 1 35  ? 11.530  -16.477 0.880   1.00 40.62  ? 35  LYS A NZ  1 
ATOM   268  N  N   . THR A 1 36  ? 11.431  -15.884 -6.633  1.00 52.15  ? 36  THR A N   1 
ATOM   269  C  CA  . THR A 1 36  ? 11.706  -16.729 -7.761  1.00 51.54  ? 36  THR A CA  1 
ATOM   270  C  C   . THR A 1 36  ? 12.094  -15.985 -9.012  1.00 50.32  ? 36  THR A C   1 
ATOM   271  O  O   . THR A 1 36  ? 12.981  -16.410 -9.739  1.00 55.35  ? 36  THR A O   1 
ATOM   272  C  CB  . THR A 1 36  ? 10.528  -17.661 -7.939  1.00 51.87  ? 36  THR A CB  1 
ATOM   273  O  OG1 . THR A 1 36  ? 10.694  -18.777 -7.058  1.00 58.55  ? 36  THR A OG1 1 
ATOM   274  C  CG2 . THR A 1 36  ? 10.436  -18.168 -9.321  1.00 61.37  ? 36  THR A CG2 1 
ATOM   275  N  N   . GLU A 1 37  ? 11.504  -14.812 -9.204  1.00 49.70  ? 37  GLU A N   1 
ATOM   276  C  CA  . GLU A 1 37  ? 11.792  -14.002 -10.372 1.00 51.83  ? 37  GLU A CA  1 
ATOM   277  C  C   . GLU A 1 37  ? 13.160  -13.313 -10.287 1.00 51.94  ? 37  GLU A C   1 
ATOM   278  O  O   . GLU A 1 37  ? 13.871  -13.270 -11.284 1.00 56.31  ? 37  GLU A O   1 
ATOM   279  C  CB  . GLU A 1 37  ? 10.677  -12.976 -10.608 1.00 56.91  ? 37  GLU A CB  1 
ATOM   280  C  CG  . GLU A 1 37  ? 10.714  -12.326 -11.967 1.00 72.72  ? 37  GLU A CG  1 
ATOM   281  C  CD  . GLU A 1 37  ? 10.618  -10.794 -11.918 1.00 85.46  ? 37  GLU A CD  1 
ATOM   282  O  OE1 . GLU A 1 37  ? 11.217  -10.155 -11.012 1.00 91.90  ? 37  GLU A OE1 1 
ATOM   283  O  OE2 . GLU A 1 37  ? 9.971   -10.219 -12.825 1.00 95.45  ? 37  GLU A OE2 1 
ATOM   284  N  N   . ILE A 1 38  ? 13.561  -12.777 -9.127  1.00 46.55  ? 38  ILE A N   1 
ATOM   285  C  CA  . ILE A 1 38  ? 14.871  -12.155 -9.103  1.00 41.94  ? 38  ILE A CA  1 
ATOM   286  C  C   . ILE A 1 38  ? 16.015  -13.153 -8.947  1.00 43.64  ? 38  ILE A C   1 
ATOM   287  O  O   . ILE A 1 38  ? 17.148  -12.883 -9.344  1.00 48.36  ? 38  ILE A O   1 
ATOM   288  C  CB  . ILE A 1 38  ? 15.005  -10.974 -8.140  1.00 42.93  ? 38  ILE A CB  1 
ATOM   289  C  CG1 . ILE A 1 38  ? 15.348  -11.423 -6.766  1.00 42.77  ? 38  ILE A CG1 1 
ATOM   290  C  CG2 . ILE A 1 38  ? 13.725  -10.203 -8.050  1.00 43.63  ? 38  ILE A CG2 1 
ATOM   291  C  CD1 . ILE A 1 38  ? 15.926  -10.257 -6.040  1.00 58.09  ? 38  ILE A CD1 1 
ATOM   292  N  N   . GLU A 1 39  ? 15.714  -14.341 -8.445  1.00 42.20  ? 39  GLU A N   1 
ATOM   293  C  CA  . GLU A 1 39  ? 16.741  -15.361 -8.300  1.00 37.36  ? 39  GLU A CA  1 
ATOM   294  C  C   . GLU A 1 39  ? 17.092  -15.787 -9.679  1.00 38.45  ? 39  GLU A C   1 
ATOM   295  O  O   . GLU A 1 39  ? 18.252  -16.022 -10.019 1.00 42.06  ? 39  GLU A O   1 
ATOM   296  C  CB  . GLU A 1 39  ? 16.203  -16.581 -7.586  1.00 40.58  ? 39  GLU A CB  1 
ATOM   297  C  CG  . GLU A 1 39  ? 15.988  -16.359 -6.102  1.00 49.29  ? 39  GLU A CG  1 
ATOM   298  C  CD  . GLU A 1 39  ? 15.752  -17.648 -5.325  1.00 56.53  ? 39  GLU A CD  1 
ATOM   299  O  OE1 . GLU A 1 39  ? 16.549  -18.598 -5.484  1.00 54.66  ? 39  GLU A OE1 1 
ATOM   300  O  OE2 . GLU A 1 39  ? 14.790  -17.702 -4.516  1.00 62.71  ? 39  GLU A OE2 1 
ATOM   301  N  N   . ALA A 1 40  ? 16.083  -15.874 -10.506 1.00 37.98  ? 40  ALA A N   1 
ATOM   302  C  CA  . ALA A 1 40  ? 16.347  -16.328 -11.837 1.00 38.44  ? 40  ALA A CA  1 
ATOM   303  C  C   . ALA A 1 40  ? 17.095  -15.289 -12.615 1.00 40.68  ? 40  ALA A C   1 
ATOM   304  O  O   . ALA A 1 40  ? 17.939  -15.643 -13.436 1.00 46.84  ? 40  ALA A O   1 
ATOM   305  C  CB  . ALA A 1 40  ? 15.075  -16.713 -12.531 1.00 36.88  ? 40  ALA A CB  1 
ATOM   306  N  N   . LYS A 1 41  ? 16.825  -14.000 -12.374 1.00 43.06  ? 41  LYS A N   1 
ATOM   307  C  CA  . LYS A 1 41  ? 17.551  -12.991 -13.141 1.00 41.13  ? 41  LYS A CA  1 
ATOM   308  C  C   . LYS A 1 41  ? 18.985  -12.933 -12.653 1.00 42.18  ? 41  LYS A C   1 
ATOM   309  O  O   . LYS A 1 41  ? 19.882  -12.559 -13.380 1.00 41.51  ? 41  LYS A O   1 
ATOM   310  C  CB  . LYS A 1 41  ? 16.893  -11.617 -13.096 1.00 37.48  ? 41  LYS A CB  1 
ATOM   311  C  CG  . LYS A 1 41  ? 15.548  -11.582 -13.810 1.00 44.64  ? 41  LYS A CG  1 
ATOM   312  C  CD  . LYS A 1 41  ? 15.276  -10.244 -14.512 1.00 60.53  ? 41  LYS A CD  1 
ATOM   313  C  CE  . LYS A 1 41  ? 13.754  -9.938  -14.576 1.00 62.46  ? 41  LYS A CE  1 
ATOM   314  N  NZ  . LYS A 1 41  ? 13.265  -9.174  -13.366 1.00 75.42  ? 41  LYS A NZ  1 
ATOM   315  N  N   . VAL A 1 42  ? 19.211  -13.330 -11.412 1.00 42.80  ? 42  VAL A N   1 
ATOM   316  C  CA  . VAL A 1 42  ? 20.555  -13.315 -10.895 1.00 37.44  ? 42  VAL A CA  1 
ATOM   317  C  C   . VAL A 1 42  ? 21.200  -14.506 -11.565 1.00 40.55  ? 42  VAL A C   1 
ATOM   318  O  O   . VAL A 1 42  ? 22.256  -14.365 -12.177 1.00 44.61  ? 42  VAL A O   1 
ATOM   319  C  CB  . VAL A 1 42  ? 20.579  -13.479 -9.361  1.00 36.34  ? 42  VAL A CB  1 
ATOM   320  C  CG1 . VAL A 1 42  ? 21.916  -13.976 -8.914  1.00 28.76  ? 42  VAL A CG1 1 
ATOM   321  C  CG2 . VAL A 1 42  ? 20.292  -12.144 -8.693  1.00 32.22  ? 42  VAL A CG2 1 
ATOM   322  N  N   . GLN A 1 43  ? 20.518  -15.651 -11.563 1.00 44.19  ? 43  GLN A N   1 
ATOM   323  C  CA  . GLN A 1 43  ? 21.090  -16.873 -12.139 1.00 41.58  ? 43  GLN A CA  1 
ATOM   324  C  C   . GLN A 1 43  ? 21.480  -16.797 -13.622 1.00 43.83  ? 43  GLN A C   1 
ATOM   325  O  O   . GLN A 1 43  ? 22.521  -17.347 -14.015 1.00 47.44  ? 43  GLN A O   1 
ATOM   326  C  CB  . GLN A 1 43  ? 20.165  -18.070 -11.890 1.00 42.44  ? 43  GLN A CB  1 
ATOM   327  C  CG  . GLN A 1 43  ? 20.795  -19.450 -12.178 1.00 43.41  ? 43  GLN A CG  1 
ATOM   328  C  CD  . GLN A 1 43  ? 20.017  -20.628 -11.537 1.00 54.82  ? 43  GLN A CD  1 
ATOM   329  O  OE1 . GLN A 1 43  ? 19.475  -20.508 -10.428 1.00 61.24  ? 43  GLN A OE1 1 
ATOM   330  N  NE2 . GLN A 1 43  ? 19.981  -21.774 -12.226 1.00 56.87  ? 43  GLN A NE2 1 
ATOM   331  N  N   . ILE A 1 44  ? 20.689  -16.092 -14.432 1.00 43.41  ? 44  ILE A N   1 
ATOM   332  C  CA  . ILE A 1 44  ? 20.937  -15.995 -15.870 1.00 40.56  ? 44  ILE A CA  1 
ATOM   333  C  C   . ILE A 1 44  ? 21.861  -14.822 -16.227 1.00 48.37  ? 44  ILE A C   1 
ATOM   334  O  O   . ILE A 1 44  ? 22.228  -14.591 -17.400 1.00 51.24  ? 44  ILE A O   1 
ATOM   335  C  CB  . ILE A 1 44  ? 19.598  -15.813 -16.581 1.00 38.84  ? 44  ILE A CB  1 
ATOM   336  C  CG1 . ILE A 1 44  ? 19.655  -16.405 -17.983 1.00 35.10  ? 44  ILE A CG1 1 
ATOM   337  C  CG2 . ILE A 1 44  ? 19.195  -14.327 -16.622 1.00 30.82  ? 44  ILE A CG2 1 
ATOM   338  C  CD1 . ILE A 1 44  ? 18.291  -16.349 -18.701 1.00 35.95  ? 44  ILE A CD1 1 
ATOM   339  N  N   . SER A 1 45  ? 22.276  -14.094 -15.202 1.00 49.48  ? 45  SER A N   1 
ATOM   340  C  CA  . SER A 1 45  ? 23.123  -12.923 -15.406 1.00 47.62  ? 45  SER A CA  1 
ATOM   341  C  C   . SER A 1 45  ? 24.575  -13.175 -15.744 1.00 49.20  ? 45  SER A C   1 
ATOM   342  O  O   . SER A 1 45  ? 25.146  -14.175 -15.302 1.00 41.59  ? 45  SER A O   1 
ATOM   343  C  CB  . SER A 1 45  ? 23.146  -12.090 -14.156 1.00 44.18  ? 45  SER A CB  1 
ATOM   344  O  OG  . SER A 1 45  ? 23.834  -10.886 -14.440 1.00 44.52  ? 45  SER A OG  1 
ATOM   345  N  N   . ASP A 1 46  ? 25.154  -12.281 -16.548 1.00 49.33  ? 46  ASP A N   1 
ATOM   346  C  CA  . ASP A 1 46  ? 26.571  -12.357 -16.896 1.00 50.23  ? 46  ASP A CA  1 
ATOM   347  C  C   . ASP A 1 46  ? 27.195  -12.083 -15.544 1.00 48.90  ? 46  ASP A C   1 
ATOM   348  O  O   . ASP A 1 46  ? 26.858  -11.065 -14.929 1.00 48.87  ? 46  ASP A O   1 
ATOM   349  C  CB  . ASP A 1 46  ? 26.939  -11.191 -17.796 1.00 57.10  ? 46  ASP A CB  1 
ATOM   350  C  CG  . ASP A 1 46  ? 26.642  -11.453 -19.236 1.00 60.70  ? 46  ASP A CG  1 
ATOM   351  O  OD1 . ASP A 1 46  ? 26.522  -12.662 -19.585 1.00 60.13  ? 46  ASP A OD1 1 
ATOM   352  O  OD2 . ASP A 1 46  ? 26.538  -10.451 -20.007 1.00 62.99  ? 46  ASP A OD2 1 
ATOM   353  N  N   . PRO A 1 47  ? 28.231  -12.872 -15.153 1.00 48.00  ? 47  PRO A N   1 
ATOM   354  C  CA  . PRO A 1 47  ? 28.843  -12.655 -13.842 1.00 42.33  ? 47  PRO A CA  1 
ATOM   355  C  C   . PRO A 1 47  ? 29.243  -11.248 -13.585 1.00 42.66  ? 47  PRO A C   1 
ATOM   356  O  O   . PRO A 1 47  ? 29.071  -10.780 -12.462 1.00 50.17  ? 47  PRO A O   1 
ATOM   357  C  CB  . PRO A 1 47  ? 30.038  -13.585 -13.852 1.00 35.25  ? 47  PRO A CB  1 
ATOM   358  C  CG  . PRO A 1 47  ? 29.631  -14.659 -14.796 1.00 39.31  ? 47  PRO A CG  1 
ATOM   359  C  CD  . PRO A 1 47  ? 28.989  -13.865 -15.910 1.00 42.03  ? 47  PRO A CD  1 
ATOM   360  N  N   . SER A 1 48  ? 29.645  -10.521 -14.616 1.00 40.14  ? 48  SER A N   1 
ATOM   361  C  CA  . SER A 1 48  ? 30.070  -9.162  -14.388 1.00 40.40  ? 48  SER A CA  1 
ATOM   362  C  C   . SER A 1 48  ? 28.919  -8.191  -14.326 1.00 41.42  ? 48  SER A C   1 
ATOM   363  O  O   . SER A 1 48  ? 29.113  -6.984  -14.124 1.00 43.06  ? 48  SER A O   1 
ATOM   364  C  CB  . SER A 1 48  ? 31.033  -8.757  -15.474 1.00 38.05  ? 48  SER A CB  1 
ATOM   365  O  OG  . SER A 1 48  ? 30.357  -8.832  -16.705 1.00 45.78  ? 48  SER A OG  1 
ATOM   366  N  N   . LYS A 1 49  ? 27.702  -8.708  -14.454 1.00 41.60  ? 49  LYS A N   1 
ATOM   367  C  CA  . LYS A 1 49  ? 26.548  -7.818  -14.417 1.00 40.11  ? 49  LYS A CA  1 
ATOM   368  C  C   . LYS A 1 49  ? 25.689  -8.020  -13.181 1.00 39.54  ? 49  LYS A C   1 
ATOM   369  O  O   . LYS A 1 49  ? 24.635  -7.377  -13.051 1.00 38.53  ? 49  LYS A O   1 
ATOM   370  C  CB  . LYS A 1 49  ? 25.664  -8.060  -15.619 1.00 43.64  ? 49  LYS A CB  1 
ATOM   371  C  CG  . LYS A 1 49  ? 26.386  -7.982  -16.947 1.00 51.75  ? 49  LYS A CG  1 
ATOM   372  C  CD  . LYS A 1 49  ? 26.468  -6.556  -17.493 1.00 63.09  ? 49  LYS A CD  1 
ATOM   373  C  CE  . LYS A 1 49  ? 25.300  -6.255  -18.450 1.00 82.66  ? 49  LYS A CE  1 
ATOM   374  N  NZ  . LYS A 1 49  ? 25.396  -4.878  -19.037 1.00 88.61  ? 49  LYS A NZ  1 
ATOM   375  N  N   . ILE A 1 50  ? 26.134  -8.852  -12.249 1.00 40.35  ? 50  ILE A N   1 
ATOM   376  C  CA  . ILE A 1 50  ? 25.325  -9.093  -11.058 1.00 37.75  ? 50  ILE A CA  1 
ATOM   377  C  C   . ILE A 1 50  ? 24.931  -7.786  -10.376 1.00 37.96  ? 50  ILE A C   1 
ATOM   378  O  O   . ILE A 1 50  ? 23.768  -7.479  -10.254 1.00 46.78  ? 50  ILE A O   1 
ATOM   379  C  CB  . ILE A 1 50  ? 26.016  -9.983  -10.051 1.00 37.22  ? 50  ILE A CB  1 
ATOM   380  C  CG1 . ILE A 1 50  ? 26.483  -11.287 -10.688 1.00 33.11  ? 50  ILE A CG1 1 
ATOM   381  C  CG2 . ILE A 1 50  ? 25.066  -10.332 -8.971  1.00 32.74  ? 50  ILE A CG2 1 
ATOM   382  C  CD1 . ILE A 1 50  ? 25.430  -12.041 -11.304 1.00 38.26  ? 50  ILE A CD1 1 
ATOM   383  N  N   . GLN A 1 51  ? 25.894  -6.964  -10.013 1.00 40.54  ? 51  GLN A N   1 
ATOM   384  C  CA  . GLN A 1 51  ? 25.564  -5.721  -9.340  1.00 41.14  ? 51  GLN A CA  1 
ATOM   385  C  C   . GLN A 1 51  ? 24.756  -4.805  -10.204 1.00 42.18  ? 51  GLN A C   1 
ATOM   386  O  O   . GLN A 1 51  ? 23.950  -4.047  -9.668  1.00 48.79  ? 51  GLN A O   1 
ATOM   387  C  CB  . GLN A 1 51  ? 26.817  -4.993  -8.841  1.00 44.90  ? 51  GLN A CB  1 
ATOM   388  C  CG  . GLN A 1 51  ? 26.561  -3.711  -8.001  1.00 40.50  ? 51  GLN A CG  1 
ATOM   389  C  CD  . GLN A 1 51  ? 25.855  -4.019  -6.713  1.00 46.15  ? 51  GLN A CD  1 
ATOM   390  O  OE1 . GLN A 1 51  ? 24.724  -3.580  -6.507  1.00 52.22  ? 51  GLN A OE1 1 
ATOM   391  N  NE2 . GLN A 1 51  ? 26.492  -4.816  -5.844  1.00 44.04  ? 51  GLN A NE2 1 
ATOM   392  N  N   . ASP A 1 52  ? 24.936  -4.843  -11.516 1.00 41.83  ? 52  ASP A N   1 
ATOM   393  C  CA  . ASP A 1 52  ? 24.127  -3.949  -12.354 1.00 45.08  ? 52  ASP A CA  1 
ATOM   394  C  C   . ASP A 1 52  ? 22.663  -4.317  -12.140 1.00 47.21  ? 52  ASP A C   1 
ATOM   395  O  O   . ASP A 1 52  ? 21.779  -3.460  -11.998 1.00 48.15  ? 52  ASP A O   1 
ATOM   396  C  CB  . ASP A 1 52  ? 24.481  -4.105  -13.844 1.00 46.77  ? 52  ASP A CB  1 
ATOM   397  C  CG  . ASP A 1 52  ? 25.663  -3.243  -14.261 1.00 50.71  ? 52  ASP A CG  1 
ATOM   398  O  OD1 . ASP A 1 52  ? 26.007  -2.310  -13.501 1.00 55.18  ? 52  ASP A OD1 1 
ATOM   399  O  OD2 . ASP A 1 52  ? 26.234  -3.465  -15.366 1.00 52.87  ? 52  ASP A OD2 1 
ATOM   400  N  N   . PHE A 1 53  ? 22.424  -5.629  -12.109 1.00 49.18  ? 53  PHE A N   1 
ATOM   401  C  CA  . PHE A 1 53  ? 21.085  -6.129  -11.967 1.00 46.16  ? 53  PHE A CA  1 
ATOM   402  C  C   . PHE A 1 53  ? 20.513  -5.745  -10.652 1.00 48.10  ? 53  PHE A C   1 
ATOM   403  O  O   . PHE A 1 53  ? 19.430  -5.177  -10.618 1.00 52.43  ? 53  PHE A O   1 
ATOM   404  C  CB  . PHE A 1 53  ? 20.992  -7.639  -12.084 1.00 43.60  ? 53  PHE A CB  1 
ATOM   405  C  CG  . PHE A 1 53  ? 19.606  -8.156  -11.873 1.00 47.05  ? 53  PHE A CG  1 
ATOM   406  C  CD1 . PHE A 1 53  ? 18.596  -7.857  -12.784 1.00 50.01  ? 53  PHE A CD1 1 
ATOM   407  C  CD2 . PHE A 1 53  ? 19.265  -8.762  -10.681 1.00 46.20  ? 53  PHE A CD2 1 
ATOM   408  C  CE1 . PHE A 1 53  ? 17.286  -8.171  -12.515 1.00 53.28  ? 53  PHE A CE1 1 
ATOM   409  C  CE2 . PHE A 1 53  ? 17.953  -9.084  -10.394 1.00 45.55  ? 53  PHE A CE2 1 
ATOM   410  C  CZ  . PHE A 1 53  ? 16.958  -8.772  -11.306 1.00 46.50  ? 53  PHE A CZ  1 
ATOM   411  N  N   . LEU A 1 54  ? 21.227  -6.021  -9.562  1.00 45.24  ? 54  LEU A N   1 
ATOM   412  C  CA  . LEU A 1 54  ? 20.669  -5.689  -8.255  1.00 39.63  ? 54  LEU A CA  1 
ATOM   413  C  C   . LEU A 1 54  ? 20.325  -4.226  -8.230  1.00 39.28  ? 54  LEU A C   1 
ATOM   414  O  O   . LEU A 1 54  ? 19.297  -3.829  -7.684  1.00 46.18  ? 54  LEU A O   1 
ATOM   415  C  CB  . LEU A 1 54  ? 21.632  -6.031  -7.123  1.00 40.72  ? 54  LEU A CB  1 
ATOM   416  C  CG  . LEU A 1 54  ? 22.214  -7.444  -7.058  1.00 37.78  ? 54  LEU A CG  1 
ATOM   417  C  CD1 . LEU A 1 54  ? 23.123  -7.554  -5.859  1.00 38.66  ? 54  LEU A CD1 1 
ATOM   418  C  CD2 . LEU A 1 54  ? 21.126  -8.472  -6.938  1.00 38.97  ? 54  LEU A CD2 1 
ATOM   419  N  N   . ASN A 1 55  ? 21.108  -3.414  -8.918  1.00 41.20  ? 55  ASN A N   1 
ATOM   420  C  CA  . ASN A 1 55  ? 20.801  -1.993  -8.916  1.00 39.91  ? 55  ASN A CA  1 
ATOM   421  C  C   . ASN A 1 55  ? 19.636  -1.634  -9.754  1.00 44.59  ? 55  ASN A C   1 
ATOM   422  O  O   . ASN A 1 55  ? 18.875  -0.760  -9.400  1.00 49.90  ? 55  ASN A O   1 
ATOM   423  C  CB  . ASN A 1 55  ? 22.006  -1.177  -9.289  1.00 43.61  ? 55  ASN A CB  1 
ATOM   424  C  CG  . ASN A 1 55  ? 23.063  -1.248  -8.205  1.00 50.17  ? 55  ASN A CG  1 
ATOM   425  O  OD1 . ASN A 1 55  ? 22.767  -1.704  -7.089  1.00 57.89  ? 55  ASN A OD1 1 
ATOM   426  N  ND2 . ASN A 1 55  ? 24.275  -0.815  -8.501  1.00 52.52  ? 55  ASN A ND2 1 
ATOM   427  N  N   . GLN A 1 56  ? 19.500  -2.271  -10.898 1.00 46.17  ? 56  GLN A N   1 
ATOM   428  C  CA  . GLN A 1 56  ? 18.353  -1.997  -11.737 1.00 48.40  ? 56  GLN A CA  1 
ATOM   429  C  C   . GLN A 1 56  ? 17.042  -2.435  -11.016 1.00 48.08  ? 56  GLN A C   1 
ATOM   430  O  O   . GLN A 1 56  ? 15.987  -1.828  -11.177 1.00 46.94  ? 56  GLN A O   1 
ATOM   431  C  CB  . GLN A 1 56  ? 18.511  -2.779  -13.014 1.00 55.85  ? 56  GLN A CB  1 
ATOM   432  C  CG  . GLN A 1 56  ? 17.332  -2.633  -13.927 1.00 74.14  ? 56  GLN A CG  1 
ATOM   433  C  CD  . GLN A 1 56  ? 17.060  -3.915  -14.681 1.00 78.85  ? 56  GLN A CD  1 
ATOM   434  O  OE1 . GLN A 1 56  ? 17.860  -4.333  -15.524 1.00 83.82  ? 56  GLN A OE1 1 
ATOM   435  N  NE2 . GLN A 1 56  ? 15.948  -4.579  -14.347 1.00 78.88  ? 56  GLN A NE2 1 
ATOM   436  N  N   . GLU A 1 57  ? 17.113  -3.514  -10.242 1.00 48.62  ? 57  GLU A N   1 
ATOM   437  C  CA  . GLU A 1 57  ? 15.964  -4.032  -9.496  1.00 43.16  ? 57  GLU A CA  1 
ATOM   438  C  C   . GLU A 1 57  ? 15.666  -3.105  -8.350  1.00 41.76  ? 57  GLU A C   1 
ATOM   439  O  O   . GLU A 1 57  ? 14.529  -2.957  -7.986  1.00 43.08  ? 57  GLU A O   1 
ATOM   440  C  CB  . GLU A 1 57  ? 16.252  -5.423  -8.919  1.00 49.15  ? 57  GLU A CB  1 
ATOM   441  C  CG  . GLU A 1 57  ? 15.188  -6.037  -7.977  1.00 52.54  ? 57  GLU A CG  1 
ATOM   442  C  CD  . GLU A 1 57  ? 13.866  -6.385  -8.659  1.00 59.60  ? 57  GLU A CD  1 
ATOM   443  O  OE1 . GLU A 1 57  ? 13.868  -6.693  -9.879  1.00 61.44  ? 57  GLU A OE1 1 
ATOM   444  O  OE2 . GLU A 1 57  ? 12.809  -6.341  -7.973  1.00 54.63  ? 57  GLU A OE2 1 
ATOM   445  N  N   . THR A 1 58  ? 16.670  -2.524  -7.725  1.00 41.82  ? 58  THR A N   1 
ATOM   446  C  CA  . THR A 1 58  ? 16.364  -1.607  -6.636  1.00 42.81  ? 58  THR A CA  1 
ATOM   447  C  C   . THR A 1 58  ? 15.590  -0.408  -7.189  1.00 48.03  ? 58  THR A C   1 
ATOM   448  O  O   . THR A 1 58  ? 14.745  0.175   -6.502  1.00 55.71  ? 58  THR A O   1 
ATOM   449  C  CB  . THR A 1 58  ? 17.615  -1.145  -5.911  1.00 38.02  ? 58  THR A CB  1 
ATOM   450  O  OG1 . THR A 1 58  ? 18.056  -2.208  -5.063  1.00 44.21  ? 58  THR A OG1 1 
ATOM   451  C  CG2 . THR A 1 58  ? 17.339  0.071   -5.019  1.00 32.10  ? 58  THR A CG2 1 
ATOM   452  N  N   . ASN A 1 59  ? 15.794  -0.091  -8.443  1.00 50.21  ? 59  ASN A N   1 
ATOM   453  C  CA  . ASN A 1 59  ? 15.105  1.032   -9.019  1.00 54.33  ? 59  ASN A CA  1 
ATOM   454  C  C   . ASN A 1 59  ? 13.740  0.654   -9.531  1.00 55.05  ? 59  ASN A C   1 
ATOM   455  O  O   . ASN A 1 59  ? 12.762  1.383   -9.359  1.00 56.30  ? 59  ASN A O   1 
ATOM   456  C  CB  . ASN A 1 59  ? 15.967  1.601   -10.124 1.00 63.61  ? 59  ASN A CB  1 
ATOM   457  C  CG  . ASN A 1 59  ? 17.083  2.472   -9.600  1.00 82.47  ? 59  ASN A CG  1 
ATOM   458  O  OD1 . ASN A 1 59  ? 17.050  2.984   -8.467  1.00 89.25  ? 59  ASN A OD1 1 
ATOM   459  N  ND2 . ASN A 1 59  ? 18.125  2.676   -10.447 1.00 91.64  ? 59  ASN A ND2 1 
ATOM   460  N  N   . THR A 1 60  ? 13.674  -0.529  -10.136 1.00 52.78  ? 60  THR A N   1 
ATOM   461  C  CA  . THR A 1 60  ? 12.439  -1.004  -10.678 1.00 50.56  ? 60  THR A CA  1 
ATOM   462  C  C   . THR A 1 60  ? 11.387  -1.133  -9.576  1.00 55.06  ? 60  THR A C   1 
ATOM   463  O  O   . THR A 1 60  ? 10.240  -0.754  -9.791  1.00 61.96  ? 60  THR A O   1 
ATOM   464  C  CB  . THR A 1 60  ? 12.632  -2.365  -11.380 1.00 54.46  ? 60  THR A CB  1 
ATOM   465  O  OG1 . THR A 1 60  ? 13.628  -2.250  -12.407 1.00 55.88  ? 60  THR A OG1 1 
ATOM   466  C  CG2 . THR A 1 60  ? 11.334  -2.837  -12.023 1.00 55.17  ? 60  THR A CG2 1 
ATOM   467  N  N   . PHE A 1 61  ? 11.767  -1.643  -8.407  1.00 55.02  ? 61  PHE A N   1 
ATOM   468  C  CA  . PHE A 1 61  ? 10.818  -1.832  -7.293  1.00 51.37  ? 61  PHE A CA  1 
ATOM   469  C  C   . PHE A 1 61  ? 10.381  -0.477  -6.742  1.00 53.07  ? 61  PHE A C   1 
ATOM   470  O  O   . PHE A 1 61  ? 9.207   -0.227  -6.548  1.00 56.05  ? 61  PHE A O   1 
ATOM   471  C  CB  . PHE A 1 61  ? 11.447  -2.703  -6.191  1.00 44.10  ? 61  PHE A CB  1 
ATOM   472  C  CG  . PHE A 1 61  ? 10.527  -3.037  -5.044  1.00 45.26  ? 61  PHE A CG  1 
ATOM   473  C  CD1 . PHE A 1 61  ? 9.299   -3.637  -5.263  1.00 45.38  ? 61  PHE A CD1 1 
ATOM   474  C  CD2 . PHE A 1 61  ? 10.898  -2.763  -3.739  1.00 42.66  ? 61  PHE A CD2 1 
ATOM   475  C  CE1 . PHE A 1 61  ? 8.454   -3.966  -4.182  1.00 49.41  ? 61  PHE A CE1 1 
ATOM   476  C  CE2 . PHE A 1 61  ? 10.071  -3.079  -2.659  1.00 41.72  ? 61  PHE A CE2 1 
ATOM   477  C  CZ  . PHE A 1 61  ? 8.848   -3.678  -2.873  1.00 44.76  ? 61  PHE A CZ  1 
ATOM   478  N  N   . LYS A 1 62  ? 11.333  0.406   -6.490  1.00 50.15  ? 62  LYS A N   1 
ATOM   479  C  CA  . LYS A 1 62  ? 11.000  1.706   -5.967  1.00 48.42  ? 62  LYS A CA  1 
ATOM   480  C  C   . LYS A 1 62  ? 10.031  2.399   -6.902  1.00 53.20  ? 62  LYS A C   1 
ATOM   481  O  O   . LYS A 1 62  ? 9.190   3.179   -6.474  1.00 54.61  ? 62  LYS A O   1 
ATOM   482  C  CB  . LYS A 1 62  ? 12.249  2.538   -5.877  1.00 46.91  ? 62  LYS A CB  1 
ATOM   483  C  CG  . LYS A 1 62  ? 12.014  3.849   -5.260  1.00 47.34  ? 62  LYS A CG  1 
ATOM   484  C  CD  . LYS A 1 62  ? 13.287  4.629   -5.376  1.00 62.67  ? 62  LYS A CD  1 
ATOM   485  C  CE  . LYS A 1 62  ? 13.153  6.025   -4.779  1.00 63.53  ? 62  LYS A CE  1 
ATOM   486  N  NZ  . LYS A 1 62  ? 13.509  6.044   -3.330  1.00 70.62  ? 62  LYS A NZ  1 
ATOM   487  N  N   . GLN A 1 63  ? 10.154  2.139   -8.199  1.00 51.86  ? 63  GLN A N   1 
ATOM   488  C  CA  . GLN A 1 63  ? 9.257   2.779   -9.147  1.00 54.31  ? 63  GLN A CA  1 
ATOM   489  C  C   . GLN A 1 63  ? 7.895   2.151   -9.014  1.00 54.88  ? 63  GLN A C   1 
ATOM   490  O  O   . GLN A 1 63  ? 6.901   2.855   -9.076  1.00 63.37  ? 63  GLN A O   1 
ATOM   491  C  CB  . GLN A 1 63  ? 9.753   2.663   -10.603 1.00 58.41  ? 63  GLN A CB  1 
ATOM   492  C  CG  . GLN A 1 63  ? 10.956  3.581   -10.946 1.00 68.19  ? 63  GLN A CG  1 
ATOM   493  C  CD  . GLN A 1 63  ? 10.669  5.074   -10.726 1.00 77.70  ? 63  GLN A CD  1 
ATOM   494  O  OE1 . GLN A 1 63  ? 10.014  5.733   -11.554 1.00 86.70  ? 63  GLN A OE1 1 
ATOM   495  N  NE2 . GLN A 1 63  ? 11.185  5.619   -9.627  1.00 69.82  ? 63  GLN A NE2 1 
ATOM   496  N  N   . MET A 1 64  ? 7.837   0.834   -8.862  1.00 54.37  ? 64  MET A N   1 
ATOM   497  C  CA  . MET A 1 64  ? 6.564   0.122   -8.708  1.00 53.10  ? 64  MET A CA  1 
ATOM   498  C  C   . MET A 1 64  ? 5.846   0.704   -7.479  1.00 56.64  ? 64  MET A C   1 
ATOM   499  O  O   . MET A 1 64  ? 4.657   0.997   -7.516  1.00 58.46  ? 64  MET A O   1 
ATOM   500  C  CB  . MET A 1 64  ? 6.841   -1.362  -8.513  1.00 58.67  ? 64  MET A CB  1 
ATOM   501  C  CG  . MET A 1 64  ? 5.725   -2.324  -8.874  1.00 64.27  ? 64  MET A CG  1 
ATOM   502  S  SD  . MET A 1 64  ? 5.445   -3.297  -7.426  1.00 86.70  ? 64  MET A SD  1 
ATOM   503  C  CE  . MET A 1 64  ? 6.286   -4.977  -7.794  1.00 81.06  ? 64  MET A CE  1 
ATOM   504  N  N   . VAL A 1 65  ? 6.596   0.934   -6.404  1.00 56.67  ? 65  VAL A N   1 
ATOM   505  C  CA  . VAL A 1 65  ? 6.035   1.505   -5.187  1.00 53.88  ? 65  VAL A CA  1 
ATOM   506  C  C   . VAL A 1 65  ? 5.552   2.953   -5.350  1.00 60.89  ? 65  VAL A C   1 
ATOM   507  O  O   . VAL A 1 65  ? 4.546   3.337   -4.739  1.00 69.20  ? 65  VAL A O   1 
ATOM   508  C  CB  . VAL A 1 65  ? 7.030   1.411   -4.016  1.00 49.25  ? 65  VAL A CB  1 
ATOM   509  C  CG1 . VAL A 1 65  ? 6.524   2.175   -2.804  1.00 40.72  ? 65  VAL A CG1 1 
ATOM   510  C  CG2 . VAL A 1 65  ? 7.196   -0.034  -3.615  1.00 39.62  ? 65  VAL A CG2 1 
ATOM   511  N  N   . GLU A 1 66  ? 6.245   3.756   -6.166  1.00 62.99  ? 66  GLU A N   1 
ATOM   512  C  CA  . GLU A 1 66  ? 5.852   5.158   -6.400  1.00 60.58  ? 66  GLU A CA  1 
ATOM   513  C  C   . GLU A 1 66  ? 4.581   5.369   -7.233  1.00 59.55  ? 66  GLU A C   1 
ATOM   514  O  O   . GLU A 1 66  ? 4.043   6.474   -7.315  1.00 60.91  ? 66  GLU A O   1 
ATOM   515  C  CB  . GLU A 1 66  ? 7.012   5.952   -6.998  1.00 63.01  ? 66  GLU A CB  1 
ATOM   516  C  CG  . GLU A 1 66  ? 8.038   6.351   -5.966  1.00 68.13  ? 66  GLU A CG  1 
ATOM   517  C  CD  . GLU A 1 66  ? 9.333   6.875   -6.585  1.00 77.81  ? 66  GLU A CD  1 
ATOM   518  O  OE1 . GLU A 1 66  ? 9.453   6.867   -7.847  1.00 81.71  ? 66  GLU A OE1 1 
ATOM   519  O  OE2 . GLU A 1 66  ? 10.231  7.291   -5.799  1.00 79.39  ? 66  GLU A OE2 1 
ATOM   520  N  N   . LYS A 1 67  ? 4.108   4.304   -7.867  1.00 59.09  ? 67  LYS A N   1 
ATOM   521  C  CA  . LYS A 1 67  ? 2.887   4.365   -8.641  1.00 63.85  ? 67  LYS A CA  1 
ATOM   522  C  C   . LYS A 1 67  ? 1.648   4.655   -7.754  1.00 69.84  ? 67  LYS A C   1 
ATOM   523  O  O   . LYS A 1 67  ? 0.541   4.858   -8.268  1.00 82.51  ? 67  LYS A O   1 
ATOM   524  C  CB  . LYS A 1 67  ? 2.690   3.040   -9.385  1.00 57.73  ? 67  LYS A CB  1 
ATOM   525  C  CG  . LYS A 1 67  ? 3.467   2.966   -10.651 1.00 59.38  ? 67  LYS A CG  1 
ATOM   526  C  CD  . LYS A 1 67  ? 2.849   1.999   -11.623 1.00 70.05  ? 67  LYS A CD  1 
ATOM   527  C  CE  . LYS A 1 67  ? 2.963   2.515   -13.065 1.00 80.45  ? 67  LYS A CE  1 
ATOM   528  N  NZ  . LYS A 1 67  ? 4.188   3.353   -13.219 1.00 83.73  ? 67  LYS A NZ  1 
ATOM   529  N  N   . ILE A 1 68  ? 1.824   4.569   -6.435  1.00 69.79  ? 68  ILE A N   1 
ATOM   530  C  CA  . ILE A 1 68  ? 0.775   4.818   -5.452  1.00 61.56  ? 68  ILE A CA  1 
ATOM   531  C  C   . ILE A 1 68  ? 0.731   6.333   -5.320  1.00 60.46  ? 68  ILE A C   1 
ATOM   532  O  O   . ILE A 1 68  ? -0.289  6.952   -5.609  1.00 62.55  ? 68  ILE A O   1 
ATOM   533  C  CB  . ILE A 1 68  ? 1.124   4.126   -4.115  1.00 56.00  ? 68  ILE A CB  1 
ATOM   534  C  CG1 . ILE A 1 68  ? 0.802   2.639   -4.207  1.00 54.50  ? 68  ILE A CG1 1 
ATOM   535  C  CG2 . ILE A 1 68  ? 0.382   4.734   -2.975  1.00 51.39  ? 68  ILE A CG2 1 
ATOM   536  C  CD1 . ILE A 1 68  ? 1.526   1.817   -3.166  1.00 50.58  ? 68  ILE A CD1 1 
ATOM   537  N  N   . LYS A 1 69  ? 1.864   6.932   -4.959  1.00 60.16  ? 69  LYS A N   1 
ATOM   538  C  CA  . LYS A 1 69  ? 1.947   8.382   -4.830  1.00 63.69  ? 69  LYS A CA  1 
ATOM   539  C  C   . LYS A 1 69  ? 1.540   9.063   -6.125  1.00 66.75  ? 69  LYS A C   1 
ATOM   540  O  O   . LYS A 1 69  ? 0.789   10.037  -6.139  1.00 66.65  ? 69  LYS A O   1 
ATOM   541  C  CB  . LYS A 1 69  ? 3.378   8.825   -4.475  1.00 64.80  ? 69  LYS A CB  1 
ATOM   542  C  CG  . LYS A 1 69  ? 3.476   10.340  -4.176  1.00 69.58  ? 69  LYS A CG  1 
ATOM   543  C  CD  . LYS A 1 69  ? 4.754   10.760  -3.434  1.00 78.93  ? 69  LYS A CD  1 
ATOM   544  C  CE  . LYS A 1 69  ? 4.581   12.108  -2.676  1.00 82.31  ? 69  LYS A CE  1 
ATOM   545  N  NZ  . LYS A 1 69  ? 5.855   12.645  -2.051  1.00 81.22  ? 69  LYS A NZ  1 
ATOM   546  N  N   . LYS A 1 70  ? 2.020   8.512   -7.235  1.00 72.84  ? 70  LYS A N   1 
ATOM   547  C  CA  . LYS A 1 70  ? 1.736   9.098   -8.536  1.00 73.27  ? 70  LYS A CA  1 
ATOM   548  C  C   . LYS A 1 70  ? 0.290   8.958   -8.960  1.00 72.20  ? 70  LYS A C   1 
ATOM   549  O  O   . LYS A 1 70  ? -0.211  9.802   -9.684  1.00 80.45  ? 70  LYS A O   1 
ATOM   550  C  CB  . LYS A 1 70  ? 2.721   8.603   -9.619  1.00 72.37  ? 70  LYS A CB  1 
ATOM   551  C  CG  . LYS A 1 70  ? 4.179   9.072   -9.334  1.00 75.28  ? 70  LYS A CG  1 
ATOM   552  C  CD  . LYS A 1 70  ? 5.163   8.741   -10.455 1.00 72.74  ? 70  LYS A CD  1 
ATOM   553  C  CE  . LYS A 1 70  ? 6.591   8.749   -9.915  1.00 63.87  ? 70  LYS A CE  1 
ATOM   554  N  NZ  . LYS A 1 70  ? 7.535   8.449   -10.984 1.00 74.61  ? 70  LYS A NZ  1 
ATOM   555  N  N   . SER A 1 71  ? -0.427  7.960   -8.450  1.00 69.84  ? 71  SER A N   1 
ATOM   556  C  CA  . SER A 1 71  ? -1.833  7.819   -8.824  1.00 67.67  ? 71  SER A CA  1 
ATOM   557  C  C   . SER A 1 71  ? -2.665  8.780   -7.959  1.00 67.54  ? 71  SER A C   1 
ATOM   558  O  O   . SER A 1 71  ? -3.906  8.764   -8.024  1.00 69.18  ? 71  SER A O   1 
ATOM   559  C  CB  . SER A 1 71  ? -2.329  6.383   -8.647  1.00 69.25  ? 71  SER A CB  1 
ATOM   560  O  OG  . SER A 1 71  ? -2.614  6.110   -7.280  1.00 73.06  ? 71  SER A OG  1 
ATOM   561  N  N   . GLY A 1 72  ? -1.982  9.616   -7.175  1.00 63.11  ? 72  GLY A N   1 
ATOM   562  C  CA  . GLY A 1 72  ? -2.659  10.602  -6.348  1.00 64.48  ? 72  GLY A CA  1 
ATOM   563  C  C   . GLY A 1 72  ? -2.969  10.187  -4.926  1.00 67.87  ? 72  GLY A C   1 
ATOM   564  O  O   . GLY A 1 72  ? -3.114  11.052  -4.046  1.00 65.72  ? 72  GLY A O   1 
ATOM   565  N  N   . ALA A 1 73  ? -3.024  8.870   -4.706  1.00 64.05  ? 73  ALA A N   1 
ATOM   566  C  CA  . ALA A 1 73  ? -3.333  8.282   -3.409  1.00 54.94  ? 73  ALA A CA  1 
ATOM   567  C  C   . ALA A 1 73  ? -2.523  8.814   -2.254  1.00 53.42  ? 73  ALA A C   1 
ATOM   568  O  O   . ALA A 1 73  ? -1.376  9.246   -2.420  1.00 55.53  ? 73  ALA A O   1 
ATOM   569  C  CB  . ALA A 1 73  ? -3.194  6.790   -3.473  1.00 52.11  ? 73  ALA A CB  1 
ATOM   570  N  N   . ASN A 1 74  ? -3.144  8.824   -1.083  1.00 51.22  ? 74  ASN A N   1 
ATOM   571  C  CA  . ASN A 1 74  ? -2.462  9.280   0.116   1.00 51.70  ? 74  ASN A CA  1 
ATOM   572  C  C   . ASN A 1 74  ? -2.723  8.268   1.214   1.00 49.33  ? 74  ASN A C   1 
ATOM   573  O  O   . ASN A 1 74  ? -2.316  8.470   2.361   1.00 42.22  ? 74  ASN A O   1 
ATOM   574  C  CB  . ASN A 1 74  ? -2.922  10.659  0.527   1.00 57.31  ? 74  ASN A CB  1 
ATOM   575  C  CG  . ASN A 1 74  ? -4.411  10.713  0.829   1.00 66.98  ? 74  ASN A CG  1 
ATOM   576  O  OD1 . ASN A 1 74  ? -5.239  9.907   0.306   1.00 62.12  ? 74  ASN A OD1 1 
ATOM   577  N  ND2 . ASN A 1 74  ? -4.776  11.680  1.673   1.00 67.62  ? 74  ASN A ND2 1 
ATOM   578  N  N   . VAL A 1 75  ? -3.386  7.173   0.841   1.00 44.60  ? 75  VAL A N   1 
ATOM   579  C  CA  . VAL A 1 75  ? -3.653  6.061   1.745   1.00 48.59  ? 75  VAL A CA  1 
ATOM   580  C  C   . VAL A 1 75  ? -3.654  4.761   0.948   1.00 51.90  ? 75  VAL A C   1 
ATOM   581  O  O   . VAL A 1 75  ? -4.259  4.672   -0.147  1.00 54.14  ? 75  VAL A O   1 
ATOM   582  C  CB  . VAL A 1 75  ? -5.001  6.209   2.476   1.00 49.76  ? 75  VAL A CB  1 
ATOM   583  C  CG1 . VAL A 1 75  ? -5.435  4.858   3.074   1.00 41.00  ? 75  VAL A CG1 1 
ATOM   584  C  CG2 . VAL A 1 75  ? -4.858  7.236   3.625   1.00 45.19  ? 75  VAL A CG2 1 
ATOM   585  N  N   . VAL A 1 76  ? -2.954  3.753   1.471   1.00 50.16  ? 76  VAL A N   1 
ATOM   586  C  CA  . VAL A 1 76  ? -2.922  2.465   0.776   1.00 45.81  ? 76  VAL A CA  1 
ATOM   587  C  C   . VAL A 1 76  ? -3.166  1.358   1.771   1.00 42.27  ? 76  VAL A C   1 
ATOM   588  O  O   . VAL A 1 76  ? -2.573  1.331   2.847   1.00 41.53  ? 76  VAL A O   1 
ATOM   589  C  CB  . VAL A 1 76  ? -1.567  2.246   0.025   1.00 47.32  ? 76  VAL A CB  1 
ATOM   590  C  CG1 . VAL A 1 76  ? -0.369  2.403   0.978   1.00 51.14  ? 76  VAL A CG1 1 
ATOM   591  C  CG2 . VAL A 1 76  ? -1.547  0.882   -0.664  1.00 44.34  ? 76  VAL A CG2 1 
ATOM   592  N  N   . LEU A 1 77  ? -4.122  0.503   1.466   1.00 41.30  ? 77  LEU A N   1 
ATOM   593  C  CA  . LEU A 1 77  ? -4.398  -0.599  2.362   1.00 48.85  ? 77  LEU A CA  1 
ATOM   594  C  C   . LEU A 1 77  ? -4.085  -1.809  1.534   1.00 49.83  ? 77  LEU A C   1 
ATOM   595  O  O   . LEU A 1 77  ? -4.685  -1.991  0.483   1.00 54.08  ? 77  LEU A O   1 
ATOM   596  C  CB  . LEU A 1 77  ? -5.860  -0.592  2.761   1.00 47.58  ? 77  LEU A CB  1 
ATOM   597  C  CG  . LEU A 1 77  ? -6.287  0.756   3.343   1.00 44.82  ? 77  LEU A CG  1 
ATOM   598  C  CD1 . LEU A 1 77  ? -7.739  0.713   3.618   1.00 58.31  ? 77  LEU A CD1 1 
ATOM   599  C  CD2 . LEU A 1 77  ? -5.602  1.024   4.620   1.00 45.72  ? 77  LEU A CD2 1 
ATOM   600  N  N   . CYS A 1 78  ? -3.092  -2.595  1.950   1.00 45.55  ? 78  CYS A N   1 
ATOM   601  C  CA  . CYS A 1 78  ? -2.710  -3.755  1.166   1.00 43.79  ? 78  CYS A CA  1 
ATOM   602  C  C   . CYS A 1 78  ? -3.237  -5.001  1.798   1.00 44.59  ? 78  CYS A C   1 
ATOM   603  O  O   . CYS A 1 78  ? -3.230  -5.116  3.015   1.00 50.13  ? 78  CYS A O   1 
ATOM   604  C  CB  . CYS A 1 78  ? -1.189  -3.844  1.037   1.00 46.62  ? 78  CYS A CB  1 
ATOM   605  S  SG  . CYS A 1 78  ? -0.643  -5.308  0.091   1.00 53.05  ? 78  CYS A SG  1 
ATOM   606  N  N   . GLN A 1 79  ? -3.724  -5.933  0.978   1.00 47.16  ? 79  GLN A N   1 
ATOM   607  C  CA  . GLN A 1 79  ? -4.260  -7.171  1.519   1.00 48.75  ? 79  GLN A CA  1 
ATOM   608  C  C   . GLN A 1 79  ? -3.183  -8.119  1.994   1.00 51.43  ? 79  GLN A C   1 
ATOM   609  O  O   . GLN A 1 79  ? -3.459  -9.059  2.741   1.00 50.73  ? 79  GLN A O   1 
ATOM   610  C  CB  . GLN A 1 79  ? -5.119  -7.869  0.498   1.00 52.60  ? 79  GLN A CB  1 
ATOM   611  C  CG  . GLN A 1 79  ? -5.861  -9.005  1.116   1.00 57.16  ? 79  GLN A CG  1 
ATOM   612  C  CD  . GLN A 1 79  ? -6.692  -9.731  0.120   1.00 65.92  ? 79  GLN A CD  1 
ATOM   613  O  OE1 . GLN A 1 79  ? -6.314  -10.824 -0.305  1.00 79.74  ? 79  GLN A OE1 1 
ATOM   614  N  NE2 . GLN A 1 79  ? -7.818  -9.125  -0.298  1.00 69.62  ? 79  GLN A NE2 1 
ATOM   615  N  N   . LYS A 1 80  ? -1.959  -7.904  1.511   1.00 55.65  ? 80  LYS A N   1 
ATOM   616  C  CA  . LYS A 1 80  ? -0.810  -8.725  1.912   1.00 55.62  ? 80  LYS A CA  1 
ATOM   617  C  C   . LYS A 1 80  ? 0.324   -7.923  2.536   1.00 53.00  ? 80  LYS A C   1 
ATOM   618  O  O   . LYS A 1 80  ? 0.118   -6.815  3.011   1.00 56.15  ? 80  LYS A O   1 
ATOM   619  C  CB  . LYS A 1 80  ? -0.297  -9.598  0.770   1.00 58.57  ? 80  LYS A CB  1 
ATOM   620  C  CG  . LYS A 1 80  ? -1.066  -10.897 0.656   1.00 63.14  ? 80  LYS A CG  1 
ATOM   621  C  CD  . LYS A 1 80  ? -1.589  -11.096 -0.760  1.00 71.74  ? 80  LYS A CD  1 
ATOM   622  C  CE  . LYS A 1 80  ? -2.329  -12.437 -0.873  1.00 72.68  ? 80  LYS A CE  1 
ATOM   623  N  NZ  . LYS A 1 80  ? -2.836  -12.602 -2.268  1.00 78.86  ? 80  LYS A NZ  1 
ATOM   624  N  N   . GLY A 1 81  ? 1.517   -8.497  2.585   1.00 47.70  ? 81  GLY A N   1 
ATOM   625  C  CA  . GLY A 1 81  ? 2.619   -7.793  3.210   1.00 37.94  ? 81  GLY A CA  1 
ATOM   626  C  C   . GLY A 1 81  ? 3.170   -6.680  2.350   1.00 38.69  ? 81  GLY A C   1 
ATOM   627  O  O   . GLY A 1 81  ? 2.860   -6.588  1.152   1.00 37.83  ? 81  GLY A O   1 
ATOM   628  N  N   . ILE A 1 82  ? 3.967   -5.825  2.963   1.00 37.14  ? 82  ILE A N   1 
ATOM   629  C  CA  . ILE A 1 82  ? 4.579   -4.726  2.259   1.00 41.96  ? 82  ILE A CA  1 
ATOM   630  C  C   . ILE A 1 82  ? 6.071   -4.817  2.641   1.00 46.49  ? 82  ILE A C   1 
ATOM   631  O  O   . ILE A 1 82  ? 6.412   -4.951  3.805   1.00 50.80  ? 82  ILE A O   1 
ATOM   632  C  CB  . ILE A 1 82  ? 3.964   -3.407  2.732   1.00 37.11  ? 82  ILE A CB  1 
ATOM   633  C  CG1 . ILE A 1 82  ? 2.508   -3.352  2.350   1.00 36.67  ? 82  ILE A CG1 1 
ATOM   634  C  CG2 . ILE A 1 82  ? 4.577   -2.256  2.040   1.00 31.67  ? 82  ILE A CG2 1 
ATOM   635  C  CD1 . ILE A 1 82  ? 1.810   -2.099  2.902   1.00 41.48  ? 82  ILE A CD1 1 
ATOM   636  N  N   . ASP A 1 83  ? 6.944   -4.861  1.640   1.00 41.20  ? 83  ASP A N   1 
ATOM   637  C  CA  . ASP A 1 83  ? 8.367   -4.962  1.863   1.00 38.72  ? 83  ASP A CA  1 
ATOM   638  C  C   . ASP A 1 83  ? 8.785   -3.822  2.759   1.00 39.19  ? 83  ASP A C   1 
ATOM   639  O  O   . ASP A 1 83  ? 8.334   -2.704  2.606   1.00 48.21  ? 83  ASP A O   1 
ATOM   640  C  CB  . ASP A 1 83  ? 9.090   -4.890  0.507   1.00 44.48  ? 83  ASP A CB  1 
ATOM   641  C  CG  . ASP A 1 83  ? 10.605  -4.806  0.651   1.00 45.44  ? 83  ASP A CG  1 
ATOM   642  O  OD1 . ASP A 1 83  ? 11.104  -3.693  0.943   1.00 50.13  ? 83  ASP A OD1 1 
ATOM   643  O  OD2 . ASP A 1 83  ? 11.297  -5.846  0.495   1.00 46.52  ? 83  ASP A OD2 1 
ATOM   644  N  N   . ASP A 1 84  ? 9.665   -4.101  3.700   1.00 39.55  ? 84  ASP A N   1 
ATOM   645  C  CA  . ASP A 1 84  ? 10.158  -3.085  4.627   1.00 39.76  ? 84  ASP A CA  1 
ATOM   646  C  C   . ASP A 1 84  ? 10.714  -1.820  4.028   1.00 41.55  ? 84  ASP A C   1 
ATOM   647  O  O   . ASP A 1 84  ? 10.606  -0.776  4.627   1.00 48.66  ? 84  ASP A O   1 
ATOM   648  C  CB  . ASP A 1 84  ? 11.227  -3.673  5.532   1.00 43.28  ? 84  ASP A CB  1 
ATOM   649  C  CG  . ASP A 1 84  ? 10.684  -4.746  6.438   1.00 45.72  ? 84  ASP A CG  1 
ATOM   650  O  OD1 . ASP A 1 84  ? 9.518   -5.143  6.276   1.00 53.87  ? 84  ASP A OD1 1 
ATOM   651  O  OD2 . ASP A 1 84  ? 11.417  -5.200  7.333   1.00 49.87  ? 84  ASP A OD2 1 
ATOM   652  N  N   . VAL A 1 85  ? 11.433  -1.919  2.927   1.00 41.25  ? 85  VAL A N   1 
ATOM   653  C  CA  . VAL A 1 85  ? 11.980  -0.714  2.333   1.00 40.79  ? 85  VAL A CA  1 
ATOM   654  C  C   . VAL A 1 85  ? 10.833  -0.017  1.657   1.00 38.38  ? 85  VAL A C   1 
ATOM   655  O  O   . VAL A 1 85  ? 10.767  1.194   1.642   1.00 46.74  ? 85  VAL A O   1 
ATOM   656  C  CB  . VAL A 1 85  ? 13.097  -1.036  1.330   1.00 40.88  ? 85  VAL A CB  1 
ATOM   657  C  CG1 . VAL A 1 85  ? 13.562  0.235   0.620   1.00 37.11  ? 85  VAL A CG1 1 
ATOM   658  C  CG2 . VAL A 1 85  ? 14.286  -1.611  2.082   1.00 37.79  ? 85  VAL A CG2 1 
ATOM   659  N  N   . ALA A 1 86  ? 9.887   -0.782  1.141   1.00 39.48  ? 86  ALA A N   1 
ATOM   660  C  CA  . ALA A 1 86  ? 8.765   -0.169  0.481   1.00 35.37  ? 86  ALA A CA  1 
ATOM   661  C  C   . ALA A 1 86  ? 8.035   0.593   1.543   1.00 39.58  ? 86  ALA A C   1 
ATOM   662  O  O   . ALA A 1 86  ? 7.583   1.700   1.308   1.00 47.45  ? 86  ALA A O   1 
ATOM   663  C  CB  . ALA A 1 86  ? 7.850   -1.212  -0.143  1.00 36.03  ? 86  ALA A CB  1 
ATOM   664  N  N   . GLN A 1 87  ? 7.961   0.046   2.750   1.00 40.80  ? 87  GLN A N   1 
ATOM   665  C  CA  . GLN A 1 87  ? 7.263   0.769   3.813   1.00 41.10  ? 87  GLN A CA  1 
ATOM   666  C  C   . GLN A 1 87  ? 7.987   2.098   4.094   1.00 47.79  ? 87  GLN A C   1 
ATOM   667  O  O   . GLN A 1 87  ? 7.367   3.084   4.532   1.00 51.17  ? 87  GLN A O   1 
ATOM   668  C  CB  . GLN A 1 87  ? 7.208   -0.057  5.097   1.00 36.85  ? 87  GLN A CB  1 
ATOM   669  C  CG  . GLN A 1 87  ? 6.412   -1.338  4.966   1.00 39.04  ? 87  GLN A CG  1 
ATOM   670  C  CD  . GLN A 1 87  ? 6.499   -2.116  6.236   1.00 38.31  ? 87  GLN A CD  1 
ATOM   671  O  OE1 . GLN A 1 87  ? 6.836   -1.534  7.276   1.00 39.43  ? 87  GLN A OE1 1 
ATOM   672  N  NE2 . GLN A 1 87  ? 6.259   -3.441  6.181   1.00 34.41  ? 87  GLN A NE2 1 
ATOM   673  N  N   . HIS A 1 88  ? 9.299   2.123   3.875   1.00 50.42  ? 88  HIS A N   1 
ATOM   674  C  CA  . HIS A 1 88  ? 10.083  3.335   4.133   1.00 51.36  ? 88  HIS A CA  1 
ATOM   675  C  C   . HIS A 1 88  ? 9.734   4.396   3.108   1.00 52.01  ? 88  HIS A C   1 
ATOM   676  O  O   . HIS A 1 88  ? 9.527   5.569   3.440   1.00 49.72  ? 88  HIS A O   1 
ATOM   677  C  CB  . HIS A 1 88  ? 11.556  2.989   4.045   1.00 58.72  ? 88  HIS A CB  1 
ATOM   678  C  CG  . HIS A 1 88  ? 12.466  4.179   3.935   1.00 68.15  ? 88  HIS A CG  1 
ATOM   679  N  ND1 . HIS A 1 88  ? 12.936  4.865   5.037   1.00 73.34  ? 88  HIS A ND1 1 
ATOM   680  C  CD2 . HIS A 1 88  ? 13.020  4.765   2.854   1.00 68.51  ? 88  HIS A CD2 1 
ATOM   681  C  CE1 . HIS A 1 88  ? 13.744  5.825   4.631   1.00 72.12  ? 88  HIS A CE1 1 
ATOM   682  N  NE2 . HIS A 1 88  ? 13.812  5.790   3.315   1.00 72.20  ? 88  HIS A NE2 1 
ATOM   683  N  N   . TYR A 1 89  ? 9.684   3.968   1.855   1.00 50.51  ? 89  TYR A N   1 
ATOM   684  C  CA  . TYR A 1 89  ? 9.359   4.866   0.758   1.00 51.12  ? 89  TYR A CA  1 
ATOM   685  C  C   . TYR A 1 89  ? 8.025   5.565   1.008   1.00 52.03  ? 89  TYR A C   1 
ATOM   686  O  O   . TYR A 1 89  ? 7.901   6.773   0.846   1.00 54.97  ? 89  TYR A O   1 
ATOM   687  C  CB  . TYR A 1 89  ? 9.256   4.076   -0.543  1.00 49.02  ? 89  TYR A CB  1 
ATOM   688  C  CG  . TYR A 1 89  ? 10.530  3.408   -1.014  1.00 43.60  ? 89  TYR A CG  1 
ATOM   689  C  CD1 . TYR A 1 89  ? 11.782  3.881   -0.655  1.00 45.10  ? 89  TYR A CD1 1 
ATOM   690  C  CD2 . TYR A 1 89  ? 10.473  2.341   -1.883  1.00 43.10  ? 89  TYR A CD2 1 
ATOM   691  C  CE1 . TYR A 1 89  ? 12.937  3.298   -1.168  1.00 44.29  ? 89  TYR A CE1 1 
ATOM   692  C  CE2 . TYR A 1 89  ? 11.612  1.752   -2.395  1.00 45.45  ? 89  TYR A CE2 1 
ATOM   693  C  CZ  . TYR A 1 89  ? 12.831  2.236   -2.039  1.00 46.31  ? 89  TYR A CZ  1 
ATOM   694  O  OH  . TYR A 1 89  ? 13.936  1.634   -2.561  1.00 44.06  ? 89  TYR A OH  1 
ATOM   695  N  N   . LEU A 1 90  ? 7.006   4.799   1.374   1.00 52.50  ? 90  LEU A N   1 
ATOM   696  C  CA  . LEU A 1 90  ? 5.701   5.387   1.631   1.00 46.71  ? 90  LEU A CA  1 
ATOM   697  C  C   . LEU A 1 90  ? 5.768   6.318   2.860   1.00 46.46  ? 90  LEU A C   1 
ATOM   698  O  O   . LEU A 1 90  ? 5.238   7.415   2.831   1.00 50.50  ? 90  LEU A O   1 
ATOM   699  C  CB  . LEU A 1 90  ? 4.668   4.277   1.807   1.00 39.33  ? 90  LEU A CB  1 
ATOM   700  C  CG  . LEU A 1 90  ? 4.507   3.293   0.641   1.00 34.56  ? 90  LEU A CG  1 
ATOM   701  C  CD1 . LEU A 1 90  ? 3.806   2.048   1.116   1.00 34.72  ? 90  LEU A CD1 1 
ATOM   702  C  CD2 . LEU A 1 90  ? 3.669   3.884   -0.453  1.00 33.84  ? 90  LEU A CD2 1 
ATOM   703  N  N   . ALA A 1 91  ? 6.493   5.940   3.902   1.00 44.39  ? 91  ALA A N   1 
ATOM   704  C  CA  . ALA A 1 91  ? 6.572   6.798   5.063   1.00 44.46  ? 91  ALA A CA  1 
ATOM   705  C  C   . ALA A 1 91  ? 7.195   8.138   4.718   1.00 55.64  ? 91  ALA A C   1 
ATOM   706  O  O   . ALA A 1 91  ? 6.943   9.146   5.366   1.00 66.10  ? 91  ALA A O   1 
ATOM   707  C  CB  . ALA A 1 91  ? 7.384   6.131   6.135   1.00 41.80  ? 91  ALA A CB  1 
ATOM   708  N  N   . LYS A 1 92  ? 8.090   8.123   3.736   1.00 58.32  ? 92  LYS A N   1 
ATOM   709  C  CA  . LYS A 1 92  ? 8.788   9.334   3.295   1.00 58.66  ? 92  LYS A CA  1 
ATOM   710  C  C   . LYS A 1 92  ? 7.801   10.108  2.413   1.00 58.34  ? 92  LYS A C   1 
ATOM   711  O  O   . LYS A 1 92  ? 7.630   11.324  2.558   1.00 62.35  ? 92  LYS A O   1 
ATOM   712  C  CB  . LYS A 1 92  ? 10.052  8.945   2.487   1.00 60.82  ? 92  LYS A CB  1 
ATOM   713  C  CG  . LYS A 1 92  ? 11.403  9.552   2.938   1.00 70.52  ? 92  LYS A CG  1 
ATOM   714  C  CD  . LYS A 1 92  ? 11.867  9.099   4.372   1.00 80.23  ? 92  LYS A CD  1 
ATOM   715  C  CE  . LYS A 1 92  ? 13.325  9.602   4.753   1.00 81.75  ? 92  LYS A CE  1 
ATOM   716  N  NZ  . LYS A 1 92  ? 13.847  9.246   6.139   1.00 78.79  ? 92  LYS A NZ  1 
ATOM   717  N  N   . GLU A 1 93  ? 7.114   9.384   1.533   1.00 56.42  ? 93  GLU A N   1 
ATOM   718  C  CA  . GLU A 1 93  ? 6.135   9.989   0.643   1.00 57.77  ? 93  GLU A CA  1 
ATOM   719  C  C   . GLU A 1 93  ? 4.944   10.509  1.472   1.00 59.36  ? 93  GLU A C   1 
ATOM   720  O  O   . GLU A 1 93  ? 4.000   11.060  0.920   1.00 63.50  ? 93  GLU A O   1 
ATOM   721  C  CB  . GLU A 1 93  ? 5.618   8.962   -0.382  1.00 56.04  ? 93  GLU A CB  1 
ATOM   722  C  CG  . GLU A 1 93  ? 6.670   8.177   -1.125  1.00 51.20  ? 93  GLU A CG  1 
ATOM   723  C  CD  . GLU A 1 93  ? 6.122   7.284   -2.226  1.00 60.84  ? 93  GLU A CD  1 
ATOM   724  O  OE1 . GLU A 1 93  ? 4.976   6.765   -2.178  1.00 50.25  ? 93  GLU A OE1 1 
ATOM   725  O  OE2 . GLU A 1 93  ? 6.883   7.097   -3.190  1.00 74.17  ? 93  GLU A OE2 1 
ATOM   726  N  N   . GLY A 1 94  ? 4.973   10.265  2.791   1.00 59.76  ? 94  GLY A N   1 
ATOM   727  C  CA  . GLY A 1 94  ? 3.912   10.681  3.700   1.00 55.39  ? 94  GLY A CA  1 
ATOM   728  C  C   . GLY A 1 94  ? 2.552   10.004  3.550   1.00 58.41  ? 94  GLY A C   1 
ATOM   729  O  O   . GLY A 1 94  ? 1.522   10.574  3.947   1.00 62.75  ? 94  GLY A O   1 
ATOM   730  N  N   . ILE A 1 95  ? 2.539   8.794   2.979   1.00 58.90  ? 95  ILE A N   1 
ATOM   731  C  CA  . ILE A 1 95  ? 1.316   8.003   2.747   1.00 53.94  ? 95  ILE A CA  1 
ATOM   732  C  C   . ILE A 1 95  ? 0.965   7.058   3.904   1.00 53.97  ? 95  ILE A C   1 
ATOM   733  O  O   . ILE A 1 95  ? 1.848   6.511   4.542   1.00 55.23  ? 95  ILE A O   1 
ATOM   734  C  CB  . ILE A 1 95  ? 1.463   7.207   1.455   1.00 54.39  ? 95  ILE A CB  1 
ATOM   735  C  CG1 . ILE A 1 95  ? 1.666   8.215   0.312   1.00 56.25  ? 95  ILE A CG1 1 
ATOM   736  C  CG2 . ILE A 1 95  ? 0.282   6.221   1.255   1.00 45.23  ? 95  ILE A CG2 1 
ATOM   737  C  CD1 . ILE A 1 95  ? 1.685   7.621   -1.063  1.00 51.92  ? 95  ILE A CD1 1 
ATOM   738  N  N   . TYR A 1 96  ? -0.326  6.932   4.217   1.00 53.93  ? 96  TYR A N   1 
ATOM   739  C  CA  . TYR A 1 96  ? -0.800  6.092   5.318   1.00 49.20  ? 96  TYR A CA  1 
ATOM   740  C  C   . TYR A 1 96  ? -0.974  4.725   4.705   1.00 46.91  ? 96  TYR A C   1 
ATOM   741  O  O   . TYR A 1 96  ? -1.847  4.521   3.836   1.00 45.59  ? 96  TYR A O   1 
ATOM   742  C  CB  . TYR A 1 96  ? -2.158  6.603   5.840   1.00 53.25  ? 96  TYR A CB  1 
ATOM   743  C  CG  . TYR A 1 96  ? -2.679  5.968   7.131   1.00 50.42  ? 96  TYR A CG  1 
ATOM   744  C  CD1 . TYR A 1 96  ? -3.343  4.744   7.114   1.00 43.08  ? 96  TYR A CD1 1 
ATOM   745  C  CD2 . TYR A 1 96  ? -2.506  6.603   8.369   1.00 46.13  ? 96  TYR A CD2 1 
ATOM   746  C  CE1 . TYR A 1 96  ? -3.817  4.173   8.271   1.00 45.30  ? 96  TYR A CE1 1 
ATOM   747  C  CE2 . TYR A 1 96  ? -2.977  6.038   9.535   1.00 44.56  ? 96  TYR A CE2 1 
ATOM   748  C  CZ  . TYR A 1 96  ? -3.632  4.814   9.487   1.00 48.98  ? 96  TYR A CZ  1 
ATOM   749  O  OH  . TYR A 1 96  ? -4.081  4.211   10.665  1.00 49.65  ? 96  TYR A OH  1 
ATOM   750  N  N   . ALA A 1 97  ? -0.097  3.809   5.118   1.00 44.88  ? 97  ALA A N   1 
ATOM   751  C  CA  . ALA A 1 97  ? -0.117  2.451   4.592   1.00 40.85  ? 97  ALA A CA  1 
ATOM   752  C  C   . ALA A 1 97  ? -0.440  1.445   5.656   1.00 42.47  ? 97  ALA A C   1 
ATOM   753  O  O   . ALA A 1 97  ? 0.031   1.572   6.797   1.00 44.41  ? 97  ALA A O   1 
ATOM   754  C  CB  . ALA A 1 97  ? 1.215   2.106   3.992   1.00 38.80  ? 97  ALA A CB  1 
ATOM   755  N  N   . VAL A 1 98  ? -1.186  0.417   5.245   1.00 40.93  ? 98  VAL A N   1 
ATOM   756  C  CA  . VAL A 1 98  ? -1.619  -0.659  6.120   1.00 39.09  ? 98  VAL A CA  1 
ATOM   757  C  C   . VAL A 1 98  ? -1.410  -1.952  5.351   1.00 38.20  ? 98  VAL A C   1 
ATOM   758  O  O   . VAL A 1 98  ? -1.710  -2.025  4.164   1.00 38.80  ? 98  VAL A O   1 
ATOM   759  C  CB  . VAL A 1 98  ? -3.144  -0.516  6.443   1.00 39.75  ? 98  VAL A CB  1 
ATOM   760  C  CG1 . VAL A 1 98  ? -3.637  -1.698  7.229   1.00 34.50  ? 98  VAL A CG1 1 
ATOM   761  C  CG2 . VAL A 1 98  ? -3.391  0.740   7.276   1.00 37.21  ? 98  VAL A CG2 1 
ATOM   762  N  N   . ARG A 1 99  ? -0.886  -2.967  6.022   1.00 39.55  ? 99  ARG A N   1 
ATOM   763  C  CA  . ARG A 1 99  ? -0.664  -4.240  5.362   1.00 42.17  ? 99  ARG A CA  1 
ATOM   764  C  C   . ARG A 1 99  ? -1.448  -5.340  6.036   1.00 49.26  ? 99  ARG A C   1 
ATOM   765  O  O   . ARG A 1 99  ? -1.801  -5.235  7.218   1.00 50.26  ? 99  ARG A O   1 
ATOM   766  C  CB  . ARG A 1 99  ? 0.793   -4.635  5.424   1.00 41.61  ? 99  ARG A CB  1 
ATOM   767  C  CG  . ARG A 1 99  ? 1.179   -5.080  6.793   1.00 39.24  ? 99  ARG A CG  1 
ATOM   768  C  CD  . ARG A 1 99  ? 2.608   -5.587  6.833   1.00 42.89  ? 99  ARG A CD  1 
ATOM   769  N  NE  . ARG A 1 99  ? 3.044   -5.699  8.206   1.00 44.90  ? 99  ARG A NE  1 
ATOM   770  C  CZ  . ARG A 1 99  ? 4.297   -5.936  8.568   1.00 51.79  ? 99  ARG A CZ  1 
ATOM   771  N  NH1 . ARG A 1 99  ? 5.253   -6.099  7.636   1.00 51.57  ? 99  ARG A NH1 1 
ATOM   772  N  NH2 . ARG A 1 99  ? 4.591   -5.935  9.853   1.00 47.12  ? 99  ARG A NH2 1 
ATOM   773  N  N   . ARG A 1 100 ? -1.665  -6.412  5.270   1.00 49.04  ? 100 ARG A N   1 
ATOM   774  C  CA  . ARG A 1 100 ? -2.376  -7.600  5.702   1.00 49.27  ? 100 ARG A CA  1 
ATOM   775  C  C   . ARG A 1 100 ? -3.825  -7.374  6.103   1.00 53.33  ? 100 ARG A C   1 
ATOM   776  O  O   . ARG A 1 100 ? -4.349  -8.045  7.020   1.00 53.45  ? 100 ARG A O   1 
ATOM   777  C  CB  . ARG A 1 100 ? -1.606  -8.255  6.825   1.00 48.37  ? 100 ARG A CB  1 
ATOM   778  C  CG  . ARG A 1 100 ? -0.184  -8.614  6.438   1.00 54.47  ? 100 ARG A CG  1 
ATOM   779  C  CD  . ARG A 1 100 ? 0.515   -9.194  7.651   1.00 66.86  ? 100 ARG A CD  1 
ATOM   780  N  NE  . ARG A 1 100 ? 1.964   -9.374  7.493   1.00 69.65  ? 100 ARG A NE  1 
ATOM   781  C  CZ  . ARG A 1 100 ? 2.827   -9.199  8.486   1.00 65.11  ? 100 ARG A CZ  1 
ATOM   782  N  NH1 . ARG A 1 100 ? 2.393   -8.844  9.702   1.00 70.31  ? 100 ARG A NH1 1 
ATOM   783  N  NH2 . ARG A 1 100 ? 4.122   -9.366  8.265   1.00 68.79  ? 100 ARG A NH2 1 
ATOM   784  N  N   . VAL A 1 101 ? -4.474  -6.431  5.424   1.00 54.06  ? 101 VAL A N   1 
ATOM   785  C  CA  . VAL A 1 101 ? -5.873  -6.112  5.702   1.00 51.44  ? 101 VAL A CA  1 
ATOM   786  C  C   . VAL A 1 101 ? -6.697  -7.319  5.216   1.00 54.98  ? 101 VAL A C   1 
ATOM   787  O  O   . VAL A 1 101 ? -6.489  -7.770  4.092   1.00 51.96  ? 101 VAL A O   1 
ATOM   788  C  CB  . VAL A 1 101 ? -6.273  -4.860  4.912   1.00 43.39  ? 101 VAL A CB  1 
ATOM   789  C  CG1 . VAL A 1 101 ? -7.724  -4.562  5.097   1.00 42.27  ? 101 VAL A CG1 1 
ATOM   790  C  CG2 . VAL A 1 101 ? -5.462  -3.690  5.383   1.00 35.98  ? 101 VAL A CG2 1 
ATOM   791  N  N   . LYS A 1 102 ? -7.591  -7.865  6.050   1.00 57.08  ? 102 LYS A N   1 
ATOM   792  C  CA  . LYS A 1 102 ? -8.412  -9.027  5.661   1.00 55.03  ? 102 LYS A CA  1 
ATOM   793  C  C   . LYS A 1 102 ? -9.181  -8.823  4.361   1.00 56.62  ? 102 LYS A C   1 
ATOM   794  O  O   . LYS A 1 102 ? -9.720  -7.745  4.114   1.00 52.86  ? 102 LYS A O   1 
ATOM   795  C  CB  . LYS A 1 102 ? -9.434  -9.351  6.733   1.00 53.87  ? 102 LYS A CB  1 
ATOM   796  C  CG  . LYS A 1 102 ? -8.898  -9.714  8.082   1.00 62.78  ? 102 LYS A CG  1 
ATOM   797  C  CD  . LYS A 1 102 ? -10.099 -10.009 8.977   1.00 67.70  ? 102 LYS A CD  1 
ATOM   798  C  CE  . LYS A 1 102 ? -9.701  -10.331 10.396  1.00 68.08  ? 102 LYS A CE  1 
ATOM   799  N  NZ  . LYS A 1 102 ? -10.953 -10.633 11.168  1.00 75.83  ? 102 LYS A NZ  1 
ATOM   800  N  N   . LYS A 1 103 ? -9.332  -9.895  3.599   1.00 58.69  ? 103 LYS A N   1 
ATOM   801  C  CA  . LYS A 1 103 ? -10.038 -9.821  2.329   1.00 63.96  ? 103 LYS A CA  1 
ATOM   802  C  C   . LYS A 1 103 ? -11.453 -9.261  2.460   1.00 65.70  ? 103 LYS A C   1 
ATOM   803  O  O   . LYS A 1 103 ? -11.922 -8.491  1.621   1.00 67.94  ? 103 LYS A O   1 
ATOM   804  C  CB  . LYS A 1 103 ? -10.091 -11.197 1.681   1.00 66.83  ? 103 LYS A CB  1 
ATOM   805  C  CG  . LYS A 1 103 ? -10.642 -11.199 0.248   1.00 80.16  ? 103 LYS A CG  1 
ATOM   806  C  CD  . LYS A 1 103 ? -10.927 -12.641 -0.201  1.00 85.46  ? 103 LYS A CD  1 
ATOM   807  C  CE  . LYS A 1 103 ? -11.620 -12.695 -1.567  1.00 88.41  ? 103 LYS A CE  1 
ATOM   808  N  NZ  . LYS A 1 103 ? -12.040 -14.110 -1.846  1.00 86.99  ? 103 LYS A NZ  1 
ATOM   809  N  N   . SER A 1 104 ? -12.129 -9.647  3.535   1.00 65.57  ? 104 SER A N   1 
ATOM   810  C  CA  . SER A 1 104 ? -13.483 -9.192  3.787   1.00 62.48  ? 104 SER A CA  1 
ATOM   811  C  C   . SER A 1 104 ? -13.448 -7.662  3.966   1.00 64.46  ? 104 SER A C   1 
ATOM   812  O  O   . SER A 1 104 ? -14.253 -6.947  3.360   1.00 67.91  ? 104 SER A O   1 
ATOM   813  C  CB  . SER A 1 104 ? -14.039 -9.884  5.027   1.00 57.89  ? 104 SER A CB  1 
ATOM   814  O  OG  . SER A 1 104 ? -13.430 -9.350  6.182   1.00 67.04  ? 104 SER A OG  1 
ATOM   815  N  N   . ASP A 1 105 ? -12.489 -7.154  4.739   1.00 59.36  ? 105 ASP A N   1 
ATOM   816  C  CA  . ASP A 1 105 ? -12.361 -5.724  4.946   1.00 51.12  ? 105 ASP A CA  1 
ATOM   817  C  C   . ASP A 1 105 ? -12.053 -5.008  3.663   1.00 55.90  ? 105 ASP A C   1 
ATOM   818  O  O   . ASP A 1 105 ? -12.415 -3.847  3.499   1.00 57.87  ? 105 ASP A O   1 
ATOM   819  C  CB  . ASP A 1 105 ? -11.219 -5.445  5.892   1.00 53.57  ? 105 ASP A CB  1 
ATOM   820  C  CG  . ASP A 1 105 ? -11.590 -5.665  7.344   1.00 53.05  ? 105 ASP A CG  1 
ATOM   821  O  OD1 . ASP A 1 105 ? -12.799 -5.665  7.663   1.00 64.68  ? 105 ASP A OD1 1 
ATOM   822  O  OD2 . ASP A 1 105 ? -10.670 -5.805  8.183   1.00 60.03  ? 105 ASP A OD2 1 
ATOM   823  N  N   . MET A 1 106 ? -11.304 -5.671  2.783   1.00 57.54  ? 106 MET A N   1 
ATOM   824  C  CA  . MET A 1 106 ? -10.907 -5.054  1.526   1.00 55.46  ? 106 MET A CA  1 
ATOM   825  C  C   . MET A 1 106 ? -12.145 -4.839  0.704   1.00 58.13  ? 106 MET A C   1 
ATOM   826  O  O   . MET A 1 106 ? -12.309 -3.789  0.076   1.00 61.87  ? 106 MET A O   1 
ATOM   827  C  CB  . MET A 1 106 ? -9.920  -5.939  0.744   1.00 56.07  ? 106 MET A CB  1 
ATOM   828  C  CG  . MET A 1 106 ? -8.550  -6.094  1.376   1.00 52.70  ? 106 MET A CG  1 
ATOM   829  S  SD  . MET A 1 106 ? -7.660  -4.539  1.295   1.00 51.99  ? 106 MET A SD  1 
ATOM   830  C  CE  . MET A 1 106 ? -7.324  -4.520  -0.429  1.00 44.88  ? 106 MET A CE  1 
ATOM   831  N  N   . GLU A 1 107 ? -13.038 -5.828  0.723   1.00 61.86  ? 107 GLU A N   1 
ATOM   832  C  CA  . GLU A 1 107 ? -14.271 -5.723  -0.063  1.00 66.76  ? 107 GLU A CA  1 
ATOM   833  C  C   . GLU A 1 107 ? -15.256 -4.767  0.601   1.00 64.90  ? 107 GLU A C   1 
ATOM   834  O  O   . GLU A 1 107 ? -15.797 -3.856  -0.043  1.00 68.78  ? 107 GLU A O   1 
ATOM   835  C  CB  . GLU A 1 107 ? -14.842 -7.110  -0.356  1.00 63.62  ? 107 GLU A CB  1 
ATOM   836  C  CG  . GLU A 1 107 ? -13.965 -7.813  -1.408  1.00 74.10  ? 107 GLU A CG  1 
ATOM   837  C  CD  . GLU A 1 107 ? -14.039 -9.336  -1.396  1.00 89.04  ? 107 GLU A CD  1 
ATOM   838  O  OE1 . GLU A 1 107 ? -14.267 -9.942  -0.311  1.00 94.93  ? 107 GLU A OE1 1 
ATOM   839  O  OE2 . GLU A 1 107 ? -13.840 -9.930  -2.488  1.00 94.40  ? 107 GLU A OE2 1 
ATOM   840  N  N   . LYS A 1 108 ? -15.338 -4.863  1.918   1.00 59.78  ? 108 LYS A N   1 
ATOM   841  C  CA  . LYS A 1 108 ? -16.194 -4.000  2.704   1.00 54.89  ? 108 LYS A CA  1 
ATOM   842  C  C   . LYS A 1 108 ? -15.794 -2.549  2.450   1.00 53.09  ? 108 LYS A C   1 
ATOM   843  O  O   . LYS A 1 108 ? -16.637 -1.688  2.257   1.00 57.45  ? 108 LYS A O   1 
ATOM   844  C  CB  . LYS A 1 108 ? -15.998 -4.388  4.160   1.00 57.15  ? 108 LYS A CB  1 
ATOM   845  C  CG  . LYS A 1 108 ? -16.766 -3.620  5.211   1.00 60.14  ? 108 LYS A CG  1 
ATOM   846  C  CD  . LYS A 1 108 ? -16.887 -4.492  6.493   1.00 68.03  ? 108 LYS A CD  1 
ATOM   847  C  CE  . LYS A 1 108 ? -17.331 -5.930  6.104   1.00 77.38  ? 108 LYS A CE  1 
ATOM   848  N  NZ  . LYS A 1 108 ? -17.867 -6.805  7.210   1.00 67.11  ? 108 LYS A NZ  1 
ATOM   849  N  N   . LEU A 1 109 ? -14.495 -2.295  2.369   1.00 51.91  ? 109 LEU A N   1 
ATOM   850  C  CA  . LEU A 1 109 ? -14.010 -0.943  2.130   1.00 52.76  ? 109 LEU A CA  1 
ATOM   851  C  C   . LEU A 1 109 ? -14.173 -0.527  0.678   1.00 58.50  ? 109 LEU A C   1 
ATOM   852  O  O   . LEU A 1 109 ? -14.266 0.675   0.345   1.00 57.28  ? 109 LEU A O   1 
ATOM   853  C  CB  . LEU A 1 109 ? -12.545 -0.869  2.464   1.00 52.39  ? 109 LEU A CB  1 
ATOM   854  C  CG  . LEU A 1 109 ? -12.149 -0.682  3.902   1.00 55.29  ? 109 LEU A CG  1 
ATOM   855  C  CD1 . LEU A 1 109 ? -10.764 -1.271  4.088   1.00 63.25  ? 109 LEU A CD1 1 
ATOM   856  C  CD2 . LEU A 1 109 ? -12.185 0.797   4.249   1.00 53.41  ? 109 LEU A CD2 1 
ATOM   857  N  N   . ALA A 1 110 ? -14.120 -1.519  -0.203  1.00 64.81  ? 110 ALA A N   1 
ATOM   858  C  CA  . ALA A 1 110 ? -14.259 -1.246  -1.623  1.00 71.62  ? 110 ALA A CA  1 
ATOM   859  C  C   . ALA A 1 110 ? -15.626 -0.608  -1.871  1.00 76.74  ? 110 ALA A C   1 
ATOM   860  O  O   . ALA A 1 110 ? -15.702 0.496   -2.426  1.00 78.73  ? 110 ALA A O   1 
ATOM   861  C  CB  . ALA A 1 110 ? -14.104 -2.523  -2.422  1.00 67.50  ? 110 ALA A CB  1 
ATOM   862  N  N   . LYS A 1 111 ? -16.689 -1.290  -1.415  1.00 75.93  ? 111 LYS A N   1 
ATOM   863  C  CA  . LYS A 1 111 ? -18.056 -0.799  -1.569  1.00 72.89  ? 111 LYS A CA  1 
ATOM   864  C  C   . LYS A 1 111 ? -18.160 0.555   -0.863  1.00 70.99  ? 111 LYS A C   1 
ATOM   865  O  O   . LYS A 1 111 ? -18.356 1.570   -1.496  1.00 70.43  ? 111 LYS A O   1 
ATOM   866  C  CB  . LYS A 1 111 ? -19.095 -1.813  -1.022  1.00 72.23  ? 111 LYS A CB  1 
ATOM   867  C  CG  . LYS A 1 111 ? -20.564 -1.399  -1.215  0.00 69.44  ? 111 LYS A CG  1 
ATOM   868  C  CD  . LYS A 1 111 ? -20.963 -1.326  -2.689  0.00 67.78  ? 111 LYS A CD  1 
ATOM   869  C  CE  . LYS A 1 111 ? -20.910 -2.692  -3.358  0.00 66.68  ? 111 LYS A CE  1 
ATOM   870  N  NZ  . LYS A 1 111 ? -21.299 -2.625  -4.794  0.00 65.87  ? 111 LYS A NZ  1 
ATOM   871  N  N   . ALA A 1 112 ? -17.887 0.592   0.431   1.00 68.45  ? 112 ALA A N   1 
ATOM   872  C  CA  . ALA A 1 112 ? -17.978 1.832   1.185   1.00 63.11  ? 112 ALA A CA  1 
ATOM   873  C  C   . ALA A 1 112 ? -17.269 3.060   0.638   1.00 66.98  ? 112 ALA A C   1 
ATOM   874  O  O   . ALA A 1 112 ? -17.840 4.145   0.659   1.00 72.57  ? 112 ALA A O   1 
ATOM   875  C  CB  . ALA A 1 112 ? -17.552 1.598   2.606   1.00 57.10  ? 112 ALA A CB  1 
ATOM   876  N  N   . THR A 1 113 ? -16.049 2.925   0.131   1.00 69.09  ? 113 THR A N   1 
ATOM   877  C  CA  . THR A 1 113 ? -15.353 4.131   -0.329  1.00 68.82  ? 113 THR A CA  1 
ATOM   878  C  C   . THR A 1 113 ? -15.358 4.317   -1.837  1.00 70.90  ? 113 THR A C   1 
ATOM   879  O  O   . THR A 1 113 ? -14.900 5.368   -2.369  1.00 66.93  ? 113 THR A O   1 
ATOM   880  C  CB  . THR A 1 113 ? -13.918 4.152   0.149   1.00 71.13  ? 113 THR A CB  1 
ATOM   881  O  OG1 . THR A 1 113 ? -13.194 3.134   -0.548  1.00 74.03  ? 113 THR A OG1 1 
ATOM   882  C  CG2 . THR A 1 113 ? -13.853 3.880   1.652   1.00 67.23  ? 113 THR A CG2 1 
ATOM   883  N  N   . GLY A 1 114 ? -15.815 3.262   -2.512  1.00 70.68  ? 114 GLY A N   1 
ATOM   884  C  CA  . GLY A 1 114 ? -15.920 3.280   -3.960  1.00 72.43  ? 114 GLY A CA  1 
ATOM   885  C  C   . GLY A 1 114 ? -14.662 2.991   -4.743  1.00 77.57  ? 114 GLY A C   1 
ATOM   886  O  O   . GLY A 1 114 ? -14.562 3.310   -5.928  1.00 80.80  ? 114 GLY A O   1 
ATOM   887  N  N   . ALA A 1 115 ? -13.678 2.395   -4.096  1.00 76.33  ? 115 ALA A N   1 
ATOM   888  C  CA  . ALA A 1 115 ? -12.464 2.089   -4.804  1.00 71.96  ? 115 ALA A CA  1 
ATOM   889  C  C   . ALA A 1 115 ? -12.589 0.710   -5.462  1.00 72.03  ? 115 ALA A C   1 
ATOM   890  O  O   . ALA A 1 115 ? -13.554 -0.044  -5.191  1.00 65.38  ? 115 ALA A O   1 
ATOM   891  C  CB  . ALA A 1 115 ? -11.308 2.141   -3.852  1.00 71.25  ? 115 ALA A CB  1 
ATOM   892  N  N   . LYS A 1 116 ? -11.681 0.457   -6.416  1.00 70.65  ? 116 LYS A N   1 
ATOM   893  C  CA  . LYS A 1 116 ? -11.594 -0.827  -7.114  1.00 70.22  ? 116 LYS A CA  1 
ATOM   894  C  C   . LYS A 1 116 ? -10.300 -1.490  -6.631  1.00 67.83  ? 116 LYS A C   1 
ATOM   895  O  O   . LYS A 1 116 ? -9.212  -0.891  -6.718  1.00 66.07  ? 116 LYS A O   1 
ATOM   896  C  CB  . LYS A 1 116 ? -11.554 -0.642  -8.639  1.00 73.47  ? 116 LYS A CB  1 
ATOM   897  C  CG  . LYS A 1 116 ? -12.802 0.001   -9.238  0.00 69.56  ? 116 LYS A CG  1 
ATOM   898  C  CD  . LYS A 1 116 ? -14.046 -0.860  -9.052  0.00 68.05  ? 116 LYS A CD  1 
ATOM   899  C  CE  . LYS A 1 116 ? -13.938 -2.179  -9.802  0.00 66.70  ? 116 LYS A CE  1 
ATOM   900  N  NZ  . LYS A 1 116 ? -15.143 -3.032  -9.604  0.00 65.93  ? 116 LYS A NZ  1 
ATOM   901  N  N   . ILE A 1 117 ? -10.444 -2.675  -6.043  1.00 63.67  ? 117 ILE A N   1 
ATOM   902  C  CA  . ILE A 1 117 ? -9.309  -3.428  -5.525  1.00 65.01  ? 117 ILE A CA  1 
ATOM   903  C  C   . ILE A 1 117 ? -8.488  -3.922  -6.717  1.00 69.05  ? 117 ILE A C   1 
ATOM   904  O  O   . ILE A 1 117 ? -8.950  -4.804  -7.448  1.00 68.87  ? 117 ILE A O   1 
ATOM   905  C  CB  . ILE A 1 117 ? -9.778  -4.689  -4.765  1.00 62.29  ? 117 ILE A CB  1 
ATOM   906  C  CG1 . ILE A 1 117 ? -10.679 -4.340  -3.602  1.00 54.60  ? 117 ILE A CG1 1 
ATOM   907  C  CG2 . ILE A 1 117 ? -8.602  -5.446  -4.176  1.00 65.91  ? 117 ILE A CG2 1 
ATOM   908  C  CD1 . ILE A 1 117 ? -11.127 -5.597  -2.897  1.00 55.04  ? 117 ILE A CD1 1 
ATOM   909  N  N   . VAL A 1 118 ? -7.297  -3.362  -6.931  1.00 69.68  ? 118 VAL A N   1 
ATOM   910  C  CA  . VAL A 1 118 ? -6.443  -3.809  -8.034  1.00 66.28  ? 118 VAL A CA  1 
ATOM   911  C  C   . VAL A 1 118 ? -5.462  -4.897  -7.571  1.00 66.61  ? 118 VAL A C   1 
ATOM   912  O  O   . VAL A 1 118 ? -5.429  -5.268  -6.412  1.00 68.78  ? 118 VAL A O   1 
ATOM   913  C  CB  . VAL A 1 118 ? -5.648  -2.634  -8.624  1.00 60.55  ? 118 VAL A CB  1 
ATOM   914  C  CG1 . VAL A 1 118 ? -6.546  -1.425  -8.814  1.00 62.32  ? 118 VAL A CG1 1 
ATOM   915  C  CG2 . VAL A 1 118 ? -4.530  -2.259  -7.741  1.00 60.94  ? 118 VAL A CG2 1 
ATOM   916  N  N   . THR A 1 119 ? -4.747  -5.495  -8.503  1.00 65.91  ? 119 THR A N   1 
ATOM   917  C  CA  . THR A 1 119 ? -3.745  -6.475  -8.144  1.00 68.67  ? 119 THR A CA  1 
ATOM   918  C  C   . THR A 1 119 ? -2.527  -5.912  -8.855  1.00 76.26  ? 119 THR A C   1 
ATOM   919  O  O   . THR A 1 119 ? -1.606  -5.415  -8.213  1.00 76.85  ? 119 THR A O   1 
ATOM   920  C  CB  . THR A 1 119 ? -4.054  -7.893  -8.631  1.00 66.25  ? 119 THR A CB  1 
ATOM   921  O  OG1 . THR A 1 119 ? -5.373  -7.963  -9.153  1.00 61.73  ? 119 THR A OG1 1 
ATOM   922  C  CG2 . THR A 1 119 ? -4.007  -8.841  -7.471  1.00 73.18  ? 119 THR A CG2 1 
ATOM   923  N  N   . ASP A 1 120 ? -2.595  -5.864  -10.184 1.00 88.40  ? 120 ASP A N   1 
ATOM   924  C  CA  . ASP A 1 120 ? -1.509  -5.318  -11.028 1.00 94.40  ? 120 ASP A CA  1 
ATOM   925  C  C   . ASP A 1 120 ? -1.444  -3.768  -10.893 1.00 98.51  ? 120 ASP A C   1 
ATOM   926  O  O   . ASP A 1 120 ? -2.282  -3.042  -11.449 1.00 99.12  ? 120 ASP A O   1 
ATOM   927  C  CB  . ASP A 1 120 ? -1.681  -5.737  -12.516 1.00 88.97  ? 120 ASP A CB  1 
ATOM   928  C  CG  . ASP A 1 120 ? -1.650  -7.265  -12.708 0.00 87.11  ? 120 ASP A CG  1 
ATOM   929  O  OD1 . ASP A 1 120 ? -2.728  -7.897  -12.619 0.00 85.09  ? 120 ASP A OD1 1 
ATOM   930  O  OD2 . ASP A 1 120 ? -0.557  -7.820  -12.969 0.00 85.09  ? 120 ASP A OD2 1 
ATOM   931  N  N   . LEU A 1 121 ? -0.432  -3.327  -10.105 1.00 97.13  ? 121 LEU A N   1 
ATOM   932  C  CA  . LEU A 1 121 ? -0.111  -1.905  -9.783  1.00 93.69  ? 121 LEU A CA  1 
ATOM   933  C  C   . LEU A 1 121 ? 0.141   -0.995  -10.974 1.00 97.48  ? 121 LEU A C   1 
ATOM   934  O  O   . LEU A 1 121 ? 0.889   -0.032  -10.882 1.00 99.98  ? 121 LEU A O   1 
ATOM   935  C  CB  . LEU A 1 121 ? 1.183   -1.822  -8.976  1.00 81.78  ? 121 LEU A CB  1 
ATOM   936  C  CG  . LEU A 1 121 ? 1.238   -2.223  -7.539  1.00 78.41  ? 121 LEU A CG  1 
ATOM   937  C  CD1 . LEU A 1 121 ? 1.682   -1.014  -6.678  1.00 73.52  ? 121 LEU A CD1 1 
ATOM   938  C  CD2 . LEU A 1 121 ? -0.139  -2.747  -7.158  1.00 80.09  ? 121 LEU A CD2 1 
ATOM   939  N  N   . ASP A 1 122 ? -0.461  -1.288  -12.111 1.00 99.63  ? 122 ASP A N   1 
ATOM   940  C  CA  . ASP A 1 122 ? -0.233  -0.470  -13.285 1.00 100.00 ? 122 ASP A CA  1 
ATOM   941  C  C   . ASP A 1 122 ? -1.611  -0.024  -13.700 1.00 99.96  ? 122 ASP A C   1 
ATOM   942  O  O   . ASP A 1 122 ? -1.788  0.932   -14.440 1.00 100.00 ? 122 ASP A O   1 
ATOM   943  C  CB  . ASP A 1 122 ? 0.448   -1.331  -14.344 1.00 92.30  ? 122 ASP A CB  1 
ATOM   944  C  CG  . ASP A 1 122 ? 0.012   -2.777  -14.243 0.00 93.52  ? 122 ASP A CG  1 
ATOM   945  O  OD1 . ASP A 1 122 ? -1.018  -3.129  -14.857 0.00 92.21  ? 122 ASP A OD1 1 
ATOM   946  O  OD2 . ASP A 1 122 ? 0.680   -3.544  -13.513 0.00 92.21  ? 122 ASP A OD2 1 
ATOM   947  N  N   . ASP A 1 123 ? -2.575  -0.786  -13.170 1.00 99.97  ? 123 ASP A N   1 
ATOM   948  C  CA  . ASP A 1 123 ? -3.981  -0.537  -13.360 1.00 98.10  ? 123 ASP A CA  1 
ATOM   949  C  C   . ASP A 1 123 ? -4.421  0.460   -12.242 1.00 95.13  ? 123 ASP A C   1 
ATOM   950  O  O   . ASP A 1 123 ? -5.565  0.899   -12.186 1.00 99.05  ? 123 ASP A O   1 
ATOM   951  C  CB  . ASP A 1 123 ? -4.722  -1.890  -13.348 1.00 93.71  ? 123 ASP A CB  1 
ATOM   952  C  CG  . ASP A 1 123 ? -4.342  -2.763  -14.558 0.00 92.89  ? 123 ASP A CG  1 
ATOM   953  O  OD1 . ASP A 1 123 ? -4.356  -2.244  -15.698 0.00 91.60  ? 123 ASP A OD1 1 
ATOM   954  O  OD2 . ASP A 1 123 ? -4.031  -3.962  -14.361 0.00 91.60  ? 123 ASP A OD2 1 
ATOM   955  N  N   . LEU A 1 124 ? -3.430  0.903   -11.452 1.00 86.70  ? 124 LEU A N   1 
ATOM   956  C  CA  . LEU A 1 124 ? -3.645  1.864   -10.369 1.00 80.62  ? 124 LEU A CA  1 
ATOM   957  C  C   . LEU A 1 124 ? -3.922  3.279   -10.862 1.00 83.79  ? 124 LEU A C   1 
ATOM   958  O  O   . LEU A 1 124 ? -3.200  4.221   -10.513 1.00 82.96  ? 124 LEU A O   1 
ATOM   959  C  CB  . LEU A 1 124 ? -2.428  1.900   -9.443  1.00 73.89  ? 124 LEU A CB  1 
ATOM   960  C  CG  . LEU A 1 124 ? -2.706  1.639   -7.951  1.00 67.70  ? 124 LEU A CG  1 
ATOM   961  C  CD1 . LEU A 1 124 ? -2.075  2.696   -7.069  1.00 53.49  ? 124 LEU A CD1 1 
ATOM   962  C  CD2 . LEU A 1 124 ? -4.187  1.546   -7.704  1.00 61.67  ? 124 LEU A CD2 1 
ATOM   963  N  N   . THR A 1 125 ? -4.978  3.426   -11.661 1.00 87.66  ? 125 THR A N   1 
ATOM   964  C  CA  . THR A 1 125 ? -5.410  4.716   -12.234 1.00 88.59  ? 125 THR A CA  1 
ATOM   965  C  C   . THR A 1 125 ? -6.064  5.530   -11.134 1.00 86.60  ? 125 THR A C   1 
ATOM   966  O  O   . THR A 1 125 ? -6.568  4.960   -10.179 1.00 88.83  ? 125 THR A O   1 
ATOM   967  C  CB  . THR A 1 125 ? -6.442  4.517   -13.377 1.00 88.98  ? 125 THR A CB  1 
ATOM   968  O  OG1 . THR A 1 125 ? -7.399  3.522   -13.005 1.00 93.93  ? 125 THR A OG1 1 
ATOM   969  C  CG2 . THR A 1 125 ? -5.762  4.071   -14.655 1.00 94.00  ? 125 THR A CG2 1 
ATOM   970  N  N   . PRO A 1 126 ? -6.038  6.870   -11.230 1.00 83.95  ? 126 PRO A N   1 
ATOM   971  C  CA  . PRO A 1 126 ? -6.690  7.586   -10.122 1.00 83.61  ? 126 PRO A CA  1 
ATOM   972  C  C   . PRO A 1 126 ? -8.213  7.414   -10.057 1.00 80.60  ? 126 PRO A C   1 
ATOM   973  O  O   . PRO A 1 126 ? -8.869  7.901   -9.142  1.00 75.47  ? 126 PRO A O   1 
ATOM   974  C  CB  . PRO A 1 126 ? -6.183  9.039   -10.288 1.00 73.30  ? 126 PRO A CB  1 
ATOM   975  C  CG  . PRO A 1 126 ? -5.876  9.148   -11.709 1.00 76.57  ? 126 PRO A CG  1 
ATOM   976  C  CD  . PRO A 1 126 ? -5.309  7.794   -12.100 1.00 81.19  ? 126 PRO A CD  1 
ATOM   977  N  N   . SER A 1 127 ? -8.758  6.631   -10.987 1.00 81.17  ? 127 SER A N   1 
ATOM   978  C  CA  . SER A 1 127 ? -10.198 6.370   -11.019 1.00 83.03  ? 127 SER A CA  1 
ATOM   979  C  C   . SER A 1 127 ? -10.593 5.202   -10.096 1.00 82.10  ? 127 SER A C   1 
ATOM   980  O  O   . SER A 1 127 ? -11.735 5.139   -9.604  1.00 83.96  ? 127 SER A O   1 
ATOM   981  C  CB  . SER A 1 127 ? -10.694 6.127   -12.463 1.00 81.99  ? 127 SER A CB  1 
ATOM   982  O  OG  . SER A 1 127 ? -9.909  5.167   -13.155 1.00 82.85  ? 127 SER A OG  1 
ATOM   983  N  N   . VAL A 1 128 ? -9.638  4.304   -9.828  1.00 79.22  ? 128 VAL A N   1 
ATOM   984  C  CA  . VAL A 1 128 ? -9.892  3.139   -8.971  1.00 71.63  ? 128 VAL A CA  1 
ATOM   985  C  C   . VAL A 1 128 ? -9.717  3.418   -7.482  1.00 69.38  ? 128 VAL A C   1 
ATOM   986  O  O   . VAL A 1 128 ? -9.835  2.496   -6.666  1.00 70.63  ? 128 VAL A O   1 
ATOM   987  C  CB  . VAL A 1 128 ? -9.026  1.910   -9.354  1.00 71.16  ? 128 VAL A CB  1 
ATOM   988  C  CG1 . VAL A 1 128 ? -9.354  1.446   -10.742 1.00 65.30  ? 128 VAL A CG1 1 
ATOM   989  C  CG2 . VAL A 1 128 ? -7.546  2.230   -9.252  1.00 68.46  ? 128 VAL A CG2 1 
ATOM   990  N  N   . LEU A 1 129 ? -9.451  4.677   -7.129  1.00 61.68  ? 129 LEU A N   1 
ATOM   991  C  CA  . LEU A 1 129 ? -9.273  5.058   -5.727  1.00 64.55  ? 129 LEU A CA  1 
ATOM   992  C  C   . LEU A 1 129 ? -10.595 5.246   -4.954  1.00 69.90  ? 129 LEU A C   1 
ATOM   993  O  O   . LEU A 1 129 ? -11.646 5.493   -5.555  1.00 79.38  ? 129 LEU A O   1 
ATOM   994  C  CB  . LEU A 1 129 ? -8.464  6.340   -5.627  1.00 52.30  ? 129 LEU A CB  1 
ATOM   995  C  CG  . LEU A 1 129 ? -7.113  6.337   -6.313  1.00 51.25  ? 129 LEU A CG  1 
ATOM   996  C  CD1 . LEU A 1 129 ? -6.289  7.501   -5.752  1.00 44.17  ? 129 LEU A CD1 1 
ATOM   997  C  CD2 . LEU A 1 129 ? -6.385  5.034   -6.072  1.00 54.31  ? 129 LEU A CD2 1 
ATOM   998  N  N   . GLY A 1 130 ? -10.565 5.088   -3.635  1.00 68.52  ? 130 GLY A N   1 
ATOM   999  C  CA  . GLY A 1 130 ? -11.782 5.289   -2.870  1.00 64.18  ? 130 GLY A CA  1 
ATOM   1000 C  C   . GLY A 1 130 ? -11.695 6.642   -2.178  1.00 64.23  ? 130 GLY A C   1 
ATOM   1001 O  O   . GLY A 1 130 ? -10.648 7.311   -2.257  1.00 55.44  ? 130 GLY A O   1 
ATOM   1002 N  N   . GLU A 1 131 ? -12.774 7.052   -1.503  1.00 67.20  ? 131 GLU A N   1 
ATOM   1003 C  CA  . GLU A 1 131 ? -12.766 8.332   -0.779  1.00 69.68  ? 131 GLU A CA  1 
ATOM   1004 C  C   . GLU A 1 131 ? -13.367 8.255   0.629   1.00 58.59  ? 131 GLU A C   1 
ATOM   1005 O  O   . GLU A 1 131 ? -14.248 7.450   0.875   1.00 56.90  ? 131 GLU A O   1 
ATOM   1006 C  CB  . GLU A 1 131 ? -13.473 9.412   -1.597  1.00 83.60  ? 131 GLU A CB  1 
ATOM   1007 C  CG  . GLU A 1 131 ? -12.692 9.898   -2.822  1.00 93.84  ? 131 GLU A CG  1 
ATOM   1008 C  CD  . GLU A 1 131 ? -13.436 9.664   -4.122  1.00 98.80  ? 131 GLU A CD  1 
ATOM   1009 O  OE1 . GLU A 1 131 ? -13.542 8.488   -4.551  1.00 96.03  ? 131 GLU A OE1 1 
ATOM   1010 O  OE2 . GLU A 1 131 ? -13.921 10.661  -4.703  1.00 99.98  ? 131 GLU A OE2 1 
ATOM   1011 N  N   . ALA A 1 132 ? -12.877 9.082   1.545   1.00 44.86  ? 132 ALA A N   1 
ATOM   1012 C  CA  . ALA A 1 132 ? -13.364 9.073   2.906   1.00 48.50  ? 132 ALA A CA  1 
ATOM   1013 C  C   . ALA A 1 132 ? -12.962 10.381  3.528   1.00 51.50  ? 132 ALA A C   1 
ATOM   1014 O  O   . ALA A 1 132 ? -11.946 10.928  3.172   1.00 54.27  ? 132 ALA A O   1 
ATOM   1015 C  CB  . ALA A 1 132 ? -12.741 7.947   3.661   1.00 45.99  ? 132 ALA A CB  1 
ATOM   1016 N  N   . GLU A 1 133 ? -13.751 10.883  4.465   1.00 59.30  ? 133 GLU A N   1 
ATOM   1017 C  CA  . GLU A 1 133 ? -13.439 12.157  5.087   1.00 66.42  ? 133 GLU A CA  1 
ATOM   1018 C  C   . GLU A 1 133 ? -12.132 12.112  5.824   1.00 66.21  ? 133 GLU A C   1 
ATOM   1019 O  O   . GLU A 1 133 ? -11.312 13.034  5.739   1.00 68.93  ? 133 GLU A O   1 
ATOM   1020 C  CB  . GLU A 1 133 ? -14.548 12.588  6.037   1.00 76.90  ? 133 GLU A CB  1 
ATOM   1021 C  CG  . GLU A 1 133 ? -15.738 13.324  5.324   1.00 92.09  ? 133 GLU A CG  1 
ATOM   1022 C  CD  . GLU A 1 133 ? -15.385 14.790  4.916   1.00 99.98  ? 133 GLU A CD  1 
ATOM   1023 O  OE1 . GLU A 1 133 ? -14.965 15.565  5.746   1.00 99.98  ? 133 GLU A OE1 1 
ATOM   1024 O  OE2 . GLU A 1 133 ? -15.596 15.159  3.753   1.00 99.99  ? 133 GLU A OE2 1 
ATOM   1025 N  N   . THR A 1 134 ? -11.964 11.075  6.623   1.00 67.46  ? 134 THR A N   1 
ATOM   1026 C  CA  . THR A 1 134 ? -10.720 10.938  7.357   1.00 68.25  ? 134 THR A CA  1 
ATOM   1027 C  C   . THR A 1 134 ? -10.324 9.455   7.475   1.00 68.01  ? 134 THR A C   1 
ATOM   1028 O  O   . THR A 1 134 ? -11.173 8.566   7.318   1.00 69.72  ? 134 THR A O   1 
ATOM   1029 C  CB  . THR A 1 134 ? -10.831 11.538  8.767   1.00 66.57  ? 134 THR A CB  1 
ATOM   1030 O  OG1 . THR A 1 134 ? -11.460 10.587  9.619   1.00 72.85  ? 134 THR A OG1 1 
ATOM   1031 C  CG2 . THR A 1 134 ? -11.694 12.774  8.772   1.00 70.85  ? 134 THR A CG2 1 
ATOM   1032 N  N   . VAL A 1 135 ? -9.021  9.201   7.615   1.00 65.20  ? 135 VAL A N   1 
ATOM   1033 C  CA  . VAL A 1 135 ? -8.482  7.850   7.838   1.00 55.29  ? 135 VAL A CA  1 
ATOM   1034 C  C   . VAL A 1 135 ? -7.535  8.123   9.009   1.00 51.11  ? 135 VAL A C   1 
ATOM   1035 O  O   . VAL A 1 135 ? -6.723  9.052   8.951   1.00 49.42  ? 135 VAL A O   1 
ATOM   1036 C  CB  . VAL A 1 135 ? -7.765  7.280   6.606   1.00 50.29  ? 135 VAL A CB  1 
ATOM   1037 C  CG1 . VAL A 1 135 ? -7.161  5.954   6.938   1.00 48.56  ? 135 VAL A CG1 1 
ATOM   1038 C  CG2 . VAL A 1 135 ? -8.765  7.045   5.492   1.00 43.86  ? 135 VAL A CG2 1 
ATOM   1039 N  N   . GLU A 1 136 ? -7.722  7.416   10.112  1.00 47.91  ? 136 GLU A N   1 
ATOM   1040 C  CA  . GLU A 1 136 ? -6.894  7.692   11.264  1.00 49.63  ? 136 GLU A CA  1 
ATOM   1041 C  C   . GLU A 1 136 ? -6.484  6.495   12.053  1.00 49.46  ? 136 GLU A C   1 
ATOM   1042 O  O   . GLU A 1 136 ? -7.140  5.465   12.043  1.00 48.47  ? 136 GLU A O   1 
ATOM   1043 C  CB  . GLU A 1 136 ? -7.635  8.638   12.202  1.00 54.79  ? 136 GLU A CB  1 
ATOM   1044 C  CG  . GLU A 1 136 ? -9.023  8.139   12.588  1.00 57.31  ? 136 GLU A CG  1 
ATOM   1045 C  CD  . GLU A 1 136 ? -9.922  9.225   13.177  1.00 56.21  ? 136 GLU A CD  1 
ATOM   1046 O  OE1 . GLU A 1 136 ? -10.047 10.283  12.564  1.00 59.60  ? 136 GLU A OE1 1 
ATOM   1047 O  OE2 . GLU A 1 136 ? -10.537 9.024   14.239  1.00 60.10  ? 136 GLU A OE2 1 
ATOM   1048 N  N   . GLU A 1 137 ? -5.377  6.655   12.747  1.00 51.46  ? 137 GLU A N   1 
ATOM   1049 C  CA  . GLU A 1 137 ? -4.853  5.617   13.615  1.00 56.52  ? 137 GLU A CA  1 
ATOM   1050 C  C   . GLU A 1 137 ? -5.699  5.831   14.863  1.00 54.19  ? 137 GLU A C   1 
ATOM   1051 O  O   . GLU A 1 137 ? -6.037  6.966   15.199  1.00 51.78  ? 137 GLU A O   1 
ATOM   1052 C  CB  . GLU A 1 137 ? -3.378  5.917   13.913  1.00 67.33  ? 137 GLU A CB  1 
ATOM   1053 C  CG  . GLU A 1 137 ? -2.693  5.094   15.023  1.00 77.88  ? 137 GLU A CG  1 
ATOM   1054 C  CD  . GLU A 1 137 ? -2.043  3.789   14.535  1.00 85.74  ? 137 GLU A CD  1 
ATOM   1055 O  OE1 . GLU A 1 137 ? -2.609  3.111   13.644  1.00 89.19  ? 137 GLU A OE1 1 
ATOM   1056 O  OE2 . GLU A 1 137 ? -0.953  3.431   15.053  1.00 89.24  ? 137 GLU A OE2 1 
ATOM   1057 N  N   . ARG A 1 138 ? -6.052  4.752   15.540  1.00 54.37  ? 138 ARG A N   1 
ATOM   1058 C  CA  . ARG A 1 138 ? -6.873  4.857   16.725  1.00 50.26  ? 138 ARG A CA  1 
ATOM   1059 C  C   . ARG A 1 138 ? -6.501  3.711   17.659  1.00 49.22  ? 138 ARG A C   1 
ATOM   1060 O  O   . ARG A 1 138 ? -6.371  2.586   17.203  1.00 57.25  ? 138 ARG A O   1 
ATOM   1061 C  CB  . ARG A 1 138 ? -8.313  4.721   16.293  1.00 51.79  ? 138 ARG A CB  1 
ATOM   1062 C  CG  . ARG A 1 138 ? -9.251  5.419   17.196  1.00 63.53  ? 138 ARG A CG  1 
ATOM   1063 C  CD  . ARG A 1 138 ? -8.701  6.758   17.576  1.00 66.18  ? 138 ARG A CD  1 
ATOM   1064 N  NE  . ARG A 1 138 ? -8.899  7.748   16.531  1.00 69.56  ? 138 ARG A NE  1 
ATOM   1065 C  CZ  . ARG A 1 138 ? -8.559  9.023   16.678  1.00 72.15  ? 138 ARG A CZ  1 
ATOM   1066 N  NH1 . ARG A 1 138 ? -8.018  9.424   17.814  1.00 75.87  ? 138 ARG A NH1 1 
ATOM   1067 N  NH2 . ARG A 1 138 ? -8.759  9.895   15.694  1.00 72.51  ? 138 ARG A NH2 1 
ATOM   1068 N  N   . LYS A 1 139 ? -6.303  3.953   18.952  1.00 50.93  ? 139 LYS A N   1 
ATOM   1069 C  CA  . LYS A 1 139 ? -5.933  2.841   19.843  1.00 49.14  ? 139 LYS A CA  1 
ATOM   1070 C  C   . LYS A 1 139 ? -6.993  2.429   20.848  1.00 48.44  ? 139 LYS A C   1 
ATOM   1071 O  O   . LYS A 1 139 ? -7.191  3.101   21.832  1.00 52.04  ? 139 LYS A O   1 
ATOM   1072 C  CB  . LYS A 1 139 ? -4.638  3.148   20.583  1.00 51.10  ? 139 LYS A CB  1 
ATOM   1073 C  CG  . LYS A 1 139 ? -4.138  2.006   21.449  1.00 56.83  ? 139 LYS A CG  1 
ATOM   1074 C  CD  . LYS A 1 139 ? -2.936  2.461   22.298  1.00 66.36  ? 139 LYS A CD  1 
ATOM   1075 C  CE  . LYS A 1 139 ? -2.560  1.431   23.352  1.00 73.41  ? 139 LYS A CE  1 
ATOM   1076 N  NZ  . LYS A 1 139 ? -1.916  2.080   24.531  1.00 71.54  ? 139 LYS A NZ  1 
ATOM   1077 N  N   . ILE A 1 140 ? -7.695  1.330   20.588  1.00 49.78  ? 140 ILE A N   1 
ATOM   1078 C  CA  . ILE A 1 140 ? -8.726  0.874   21.487  1.00 43.97  ? 140 ILE A CA  1 
ATOM   1079 C  C   . ILE A 1 140 ? -8.099  -0.204  22.331  1.00 44.28  ? 140 ILE A C   1 
ATOM   1080 O  O   . ILE A 1 140 ? -7.610  -1.205  21.844  1.00 46.88  ? 140 ILE A O   1 
ATOM   1081 C  CB  . ILE A 1 140 ? -9.934  0.321   20.720  1.00 47.26  ? 140 ILE A CB  1 
ATOM   1082 C  CG1 . ILE A 1 140 ? -10.766 1.452   20.117  1.00 47.11  ? 140 ILE A CG1 1 
ATOM   1083 C  CG2 . ILE A 1 140 ? -10.896 -0.375  21.672  1.00 45.95  ? 140 ILE A CG2 1 
ATOM   1084 C  CD1 . ILE A 1 140 ? -10.091 2.186   19.027  1.00 49.96  ? 140 ILE A CD1 1 
ATOM   1085 N  N   . GLY A 1 141 ? -8.046  0.031   23.626  1.00 48.39  ? 141 GLY A N   1 
ATOM   1086 C  CA  . GLY A 1 141 ? -7.463  -0.956  24.488  1.00 48.72  ? 141 GLY A CA  1 
ATOM   1087 C  C   . GLY A 1 141 ? -6.022  -1.063  24.115  1.00 55.79  ? 141 GLY A C   1 
ATOM   1088 O  O   . GLY A 1 141 ? -5.294  -0.052  24.159  1.00 54.93  ? 141 GLY A O   1 
ATOM   1089 N  N   . ASP A 1 142 ? -5.578  -2.253  23.745  1.00 62.43  ? 142 ASP A N   1 
ATOM   1090 C  CA  . ASP A 1 142 ? -4.188  -2.384  23.366  1.00 65.56  ? 142 ASP A CA  1 
ATOM   1091 C  C   . ASP A 1 142 ? -4.048  -2.667  21.879  1.00 61.90  ? 142 ASP A C   1 
ATOM   1092 O  O   . ASP A 1 142 ? -2.992  -3.070  21.428  1.00 64.64  ? 142 ASP A O   1 
ATOM   1093 C  CB  . ASP A 1 142 ? -3.484  -3.478  24.197  1.00 72.56  ? 142 ASP A CB  1 
ATOM   1094 C  CG  . ASP A 1 142 ? -4.043  -4.908  24.056  1.00 84.52  ? 142 ASP A CG  1 
ATOM   1095 O  OD1 . ASP A 1 142 ? -5.064  -5.061  23.378  1.00 92.44  ? 142 ASP A OD1 1 
ATOM   1096 O  OD2 . ASP A 1 142 ? -3.420  -5.836  24.643  1.00 82.59  ? 142 ASP A OD2 1 
ATOM   1097 N  N   . ASP A 1 143 ? -5.121  -2.463  21.102  1.00 59.40  ? 143 ASP A N   1 
ATOM   1098 C  CA  . ASP A 1 143 ? -5.065  -2.641  19.642  1.00 56.29  ? 143 ASP A CA  1 
ATOM   1099 C  C   . ASP A 1 143 ? -4.874  -1.266  19.002  1.00 53.94  ? 143 ASP A C   1 
ATOM   1100 O  O   . ASP A 1 143 ? -5.448  -0.291  19.483  1.00 59.33  ? 143 ASP A O   1 
ATOM   1101 C  CB  . ASP A 1 143 ? -6.388  -3.162  19.089  1.00 64.55  ? 143 ASP A CB  1 
ATOM   1102 C  CG  . ASP A 1 143 ? -6.644  -4.635  19.390  1.00 69.31  ? 143 ASP A CG  1 
ATOM   1103 O  OD1 . ASP A 1 143 ? -6.266  -5.132  20.484  1.00 74.80  ? 143 ASP A OD1 1 
ATOM   1104 O  OD2 . ASP A 1 143 ? -7.296  -5.281  18.525  1.00 76.01  ? 143 ASP A OD2 1 
ATOM   1105 N  N   . ARG A 1 144 ? -4.080  -1.184  17.937  1.00 51.01  ? 144 ARG A N   1 
ATOM   1106 C  CA  . ARG A 1 144 ? -3.921  0.056   17.217  1.00 46.38  ? 144 ARG A CA  1 
ATOM   1107 C  C   . ARG A 1 144 ? -4.674  -0.298  15.960  1.00 47.72  ? 144 ARG A C   1 
ATOM   1108 O  O   . ARG A 1 144 ? -4.366  -1.304  15.336  1.00 48.51  ? 144 ARG A O   1 
ATOM   1109 C  CB  . ARG A 1 144 ? -2.471  0.314   16.902  1.00 47.81  ? 144 ARG A CB  1 
ATOM   1110 C  CG  . ARG A 1 144 ? -1.594  0.449   18.136  1.00 58.73  ? 144 ARG A CG  1 
ATOM   1111 C  CD  . ARG A 1 144 ? -0.177  0.955   17.792  1.00 69.91  ? 144 ARG A CD  1 
ATOM   1112 N  NE  . ARG A 1 144 ? 0.721   0.870   18.940  1.00 79.83  ? 144 ARG A NE  1 
ATOM   1113 C  CZ  . ARG A 1 144 ? 0.902   1.842   19.833  1.00 82.60  ? 144 ARG A CZ  1 
ATOM   1114 N  NH1 . ARG A 1 144 ? 0.258   3.000   19.715  1.00 73.03  ? 144 ARG A NH1 1 
ATOM   1115 N  NH2 . ARG A 1 144 ? 1.686   1.633   20.891  1.00 85.71  ? 144 ARG A NH2 1 
ATOM   1116 N  N   . MET A 1 145 ? -5.752  0.426   15.679  1.00 51.39  ? 145 MET A N   1 
ATOM   1117 C  CA  . MET A 1 145 ? -6.575  0.144   14.511  1.00 44.20  ? 145 MET A CA  1 
ATOM   1118 C  C   . MET A 1 145 ? -6.662  1.350   13.634  1.00 43.45  ? 145 MET A C   1 
ATOM   1119 O  O   . MET A 1 145 ? -6.142  2.422   13.957  1.00 43.19  ? 145 MET A O   1 
ATOM   1120 C  CB  . MET A 1 145 ? -7.998  -0.297  14.877  1.00 47.24  ? 145 MET A CB  1 
ATOM   1121 C  CG  . MET A 1 145 ? -8.329  -0.401  16.347  1.00 48.10  ? 145 MET A CG  1 
ATOM   1122 S  SD  . MET A 1 145 ? -9.721  -1.483  16.440  1.00 57.28  ? 145 MET A SD  1 
ATOM   1123 C  CE  . MET A 1 145 ? -9.425  -2.206  17.922  1.00 48.92  ? 145 MET A CE  1 
ATOM   1124 N  N   . THR A 1 146 ? -7.360  1.169   12.522  1.00 45.74  ? 146 THR A N   1 
ATOM   1125 C  CA  . THR A 1 146 ? -7.515  2.220   11.555  1.00 46.44  ? 146 THR A CA  1 
ATOM   1126 C  C   . THR A 1 146 ? -9.005  2.436   11.338  1.00 46.88  ? 146 THR A C   1 
ATOM   1127 O  O   . THR A 1 146 ? -9.752  1.469   11.120  1.00 46.09  ? 146 THR A O   1 
ATOM   1128 C  CB  . THR A 1 146 ? -6.813  1.795   10.243  1.00 46.07  ? 146 THR A CB  1 
ATOM   1129 O  OG1 . THR A 1 146 ? -5.413  2.048   10.367  1.00 52.30  ? 146 THR A OG1 1 
ATOM   1130 C  CG2 . THR A 1 146 ? -7.324  2.550   9.048   1.00 45.13  ? 146 THR A CG2 1 
ATOM   1131 N  N   . PHE A 1 147 ? -9.427  3.691   11.484  1.00 48.90  ? 147 PHE A N   1 
ATOM   1132 C  CA  . PHE A 1 147 ? -10.815 4.079   11.278  1.00 46.10  ? 147 PHE A CA  1 
ATOM   1133 C  C   . PHE A 1 147 ? -10.909 4.756   9.925   1.00 43.72  ? 147 PHE A C   1 
ATOM   1134 O  O   . PHE A 1 147 ? -10.079 5.640   9.614   1.00 41.10  ? 147 PHE A O   1 
ATOM   1135 C  CB  . PHE A 1 147 ? -11.251 5.089   12.338  1.00 48.64  ? 147 PHE A CB  1 
ATOM   1136 C  CG  . PHE A 1 147 ? -11.580 4.490   13.695  1.00 51.68  ? 147 PHE A CG  1 
ATOM   1137 C  CD1 . PHE A 1 147 ? -11.205 3.201   14.024  1.00 55.02  ? 147 PHE A CD1 1 
ATOM   1138 C  CD2 . PHE A 1 147 ? -12.250 5.235   14.654  1.00 50.70  ? 147 PHE A CD2 1 
ATOM   1139 C  CE1 . PHE A 1 147 ? -11.478 2.668   15.294  1.00 52.62  ? 147 PHE A CE1 1 
ATOM   1140 C  CE2 . PHE A 1 147 ? -12.520 4.712   15.902  1.00 50.21  ? 147 PHE A CE2 1 
ATOM   1141 C  CZ  . PHE A 1 147 ? -12.139 3.422   16.226  1.00 47.17  ? 147 PHE A CZ  1 
ATOM   1142 N  N   . VAL A 1 148 ? -11.856 4.297   9.115   1.00 44.79  ? 148 VAL A N   1 
ATOM   1143 C  CA  . VAL A 1 148 ? -12.088 4.873   7.807   1.00 49.87  ? 148 VAL A CA  1 
ATOM   1144 C  C   . VAL A 1 148 ? -13.498 5.483   7.913   1.00 56.24  ? 148 VAL A C   1 
ATOM   1145 O  O   . VAL A 1 148 ? -14.514 4.773   7.794   1.00 55.36  ? 148 VAL A O   1 
ATOM   1146 C  CB  . VAL A 1 148 ? -12.049 3.802   6.735   1.00 47.13  ? 148 VAL A CB  1 
ATOM   1147 C  CG1 . VAL A 1 148 ? -12.178 4.411   5.362   1.00 48.73  ? 148 VAL A CG1 1 
ATOM   1148 C  CG2 . VAL A 1 148 ? -10.751 3.047   6.820   1.00 49.21  ? 148 VAL A CG2 1 
ATOM   1149 N  N   . MET A 1 149 ? -13.535 6.784   8.219   1.00 58.40  ? 149 MET A N   1 
ATOM   1150 C  CA  . MET A 1 149 ? -14.792 7.526   8.414   1.00 59.12  ? 149 MET A CA  1 
ATOM   1151 C  C   . MET A 1 149 ? -15.179 8.456   7.269   1.00 61.96  ? 149 MET A C   1 
ATOM   1152 O  O   . MET A 1 149 ? -14.321 8.984   6.552   1.00 70.05  ? 149 MET A O   1 
ATOM   1153 C  CB  . MET A 1 149 ? -14.682 8.384   9.661   1.00 57.24  ? 149 MET A CB  1 
ATOM   1154 C  CG  . MET A 1 149 ? -14.362 7.585   10.876  1.00 52.20  ? 149 MET A CG  1 
ATOM   1155 S  SD  . MET A 1 149 ? -13.641 8.650   12.106  1.00 68.54  ? 149 MET A SD  1 
ATOM   1156 C  CE  . MET A 1 149 ? -15.131 9.510   12.748  1.00 72.04  ? 149 MET A CE  1 
ATOM   1157 N  N   . GLY A 1 150 ? -16.496 8.684   7.160   1.00 61.85  ? 150 GLY A N   1 
ATOM   1158 C  CA  . GLY A 1 150 ? -16.997 9.582   6.141   1.00 63.06  ? 150 GLY A CA  1 
ATOM   1159 C  C   . GLY A 1 150 ? -16.872 8.965   4.775   1.00 64.23  ? 150 GLY A C   1 
ATOM   1160 O  O   . GLY A 1 150 ? -16.649 9.672   3.788   1.00 62.08  ? 150 GLY A O   1 
ATOM   1161 N  N   . CYS A 1 151 ? -17.065 7.653   4.738   1.00 65.44  ? 151 CYS A N   1 
ATOM   1162 C  CA  . CYS A 1 151 ? -16.939 6.955   3.481   1.00 75.82  ? 151 CYS A CA  1 
ATOM   1163 C  C   . CYS A 1 151 ? -17.880 7.472   2.423   1.00 81.92  ? 151 CYS A C   1 
ATOM   1164 O  O   . CYS A 1 151 ? -19.095 7.406   2.572   1.00 89.19  ? 151 CYS A O   1 
ATOM   1165 C  CB  . CYS A 1 151 ? -17.146 5.470   3.672   1.00 77.07  ? 151 CYS A CB  1 
ATOM   1166 S  SG  . CYS A 1 151 ? -15.862 4.737   4.671   1.00 80.38  ? 151 CYS A SG  1 
ATOM   1167 N  N   . LYS A 1 152 ? -17.279 7.939   1.329   1.00 89.38  ? 152 LYS A N   1 
ATOM   1168 C  CA  . LYS A 1 152 ? -17.986 8.552   0.191   1.00 94.62  ? 152 LYS A CA  1 
ATOM   1169 C  C   . LYS A 1 152 ? -18.037 7.780   -1.118  1.00 98.03  ? 152 LYS A C   1 
ATOM   1170 O  O   . LYS A 1 152 ? -17.091 7.918   -1.913  1.00 99.99  ? 152 LYS A O   1 
ATOM   1171 C  CB  . LYS A 1 152 ? -17.397 9.942   -0.054  1.00 97.91  ? 152 LYS A CB  1 
ATOM   1172 C  CG  . LYS A 1 152 ? -17.468 10.949  1.088   1.00 99.98  ? 152 LYS A CG  1 
ATOM   1173 C  CD  . LYS A 1 152 ? -16.389 12.006  0.939   1.00 99.99  ? 152 LYS A CD  1 
ATOM   1174 C  CE  . LYS A 1 152 ? -16.529 13.148  1.895   1.00 99.99  ? 152 LYS A CE  1 
ATOM   1175 N  NZ  . LYS A 1 152 ? -15.454 14.119  1.595   1.00 99.12  ? 152 LYS A NZ  1 
HETATM 1176 NA NA  . NA  B 2 .   ? -10.091 -9.443  -2.560  1.00 52.87  ? 160 NA  A NA  1 
HETATM 1177 P  P   . PO4 C 3 .   ? 11.105  6.083   8.464   1.00 100.00 ? 161 PO4 A P   1 
HETATM 1178 O  O1  . PO4 C 3 .   ? 10.745  6.896   7.304   1.00 97.06  ? 161 PO4 A O1  1 
HETATM 1179 O  O2  . PO4 C 3 .   ? 12.075  5.055   8.110   1.00 100.00 ? 161 PO4 A O2  1 
HETATM 1180 O  O3  . PO4 C 3 .   ? 11.713  6.896   9.467   1.00 100.00 ? 161 PO4 A O3  1 
HETATM 1181 O  O4  . PO4 C 3 .   ? 9.924   5.509   9.083   1.00 100.00 ? 161 PO4 A O4  1 
HETATM 1182 P  P   . PO4 D 3 .   ? 29.541  -16.528 -10.840 1.00 98.05  ? 162 PO4 A P   1 
HETATM 1183 O  O1  . PO4 D 3 .   ? 29.092  -15.184 -11.106 1.00 89.86  ? 162 PO4 A O1  1 
HETATM 1184 O  O2  . PO4 D 3 .   ? 29.284  -17.387 -11.976 1.00 87.99  ? 162 PO4 A O2  1 
HETATM 1185 O  O3  . PO4 D 3 .   ? 30.959  -16.416 -10.586 1.00 100.00 ? 162 PO4 A O3  1 
HETATM 1186 O  O4  . PO4 D 3 .   ? 28.883  -17.130 -9.680  1.00 100.00 ? 162 PO4 A O4  1 
HETATM 1187 P  P   . PO4 E 3 .   ? 33.840  -12.869 -16.497 1.00 86.17  ? 163 PO4 A P   1 
HETATM 1188 O  O1  . PO4 E 3 .   ? 33.640  -12.862 -15.061 1.00 84.44  ? 163 PO4 A O1  1 
HETATM 1189 O  O2  . PO4 E 3 .   ? 33.500  -11.574 -17.069 1.00 74.29  ? 163 PO4 A O2  1 
HETATM 1190 O  O3  . PO4 E 3 .   ? 35.240  -13.190 -16.743 1.00 83.12  ? 163 PO4 A O3  1 
HETATM 1191 O  O4  . PO4 E 3 .   ? 32.987  -13.910 -17.058 1.00 85.96  ? 163 PO4 A O4  1 
HETATM 1192 O  O   . HOH F 4 .   ? 8.046   -16.285 -5.916  1.00 43.96  ? 164 HOH A O   1 
HETATM 1193 O  O   . HOH F 4 .   ? 1.731   -4.029  11.487  1.00 47.51  ? 165 HOH A O   1 
HETATM 1194 O  O   . HOH F 4 .   ? 29.552  -9.712  -9.909  1.00 36.10  ? 166 HOH A O   1 
HETATM 1195 O  O   . HOH F 4 .   ? -0.430  -3.155  9.023   1.00 52.66  ? 167 HOH A O   1 
HETATM 1196 O  O   . HOH F 4 .   ? 13.938  -2.708  8.644   1.00 70.64  ? 168 HOH A O   1 
HETATM 1197 O  O   . HOH F 4 .   ? 21.827  -9.135  -15.818 1.00 63.35  ? 169 HOH A O   1 
HETATM 1198 O  O   . HOH F 4 .   ? 13.662  -0.298  -4.093  1.00 49.20  ? 170 HOH A O   1 
HETATM 1199 O  O   . HOH F 4 .   ? 0.514   -12.372 4.085   1.00 46.69  ? 171 HOH A O   1 
HETATM 1200 O  O   . HOH F 4 .   ? 15.755  6.642   0.488   1.00 50.41  ? 172 HOH A O   1 
HETATM 1201 O  O   . HOH F 4 .   ? 30.746  -11.617 -17.984 1.00 55.35  ? 173 HOH A O   1 
HETATM 1202 O  O   . HOH F 4 .   ? 10.246  8.911   -2.815  1.00 50.41  ? 174 HOH A O   1 
HETATM 1203 O  O   . HOH F 4 .   ? 16.163  8.313   2.700   1.00 54.73  ? 175 HOH A O   1 
HETATM 1204 O  O   . HOH F 4 .   ? 28.184  0.534   -13.538 1.00 58.75  ? 176 HOH A O   1 
HETATM 1205 O  O   . HOH F 4 .   ? 26.677  -17.256 -17.598 1.00 80.41  ? 177 HOH A O   1 
HETATM 1206 O  O   . HOH F 4 .   ? 12.345  9.311   -1.340  1.00 76.20  ? 178 HOH A O   1 
HETATM 1207 O  O   . HOH F 4 .   ? -2.243  -3.905  16.992  1.00 54.85  ? 179 HOH A O   1 
HETATM 1208 O  O   . HOH F 4 .   ? 27.412  -5.388  -12.529 1.00 52.82  ? 180 HOH A O   1 
HETATM 1209 O  O   . HOH F 4 .   ? 2.133   4.389   16.932  1.00 67.06  ? 181 HOH A O   1 
HETATM 1210 O  O   . HOH F 4 .   ? 9.470   4.538   12.031  1.00 56.29  ? 182 HOH A O   1 
HETATM 1211 O  O   . HOH F 4 .   ? 16.309  1.327   -1.092  1.00 50.51  ? 183 HOH A O   1 
HETATM 1212 O  O   . HOH F 4 .   ? -1.235  10.260  3.634   1.00 60.54  ? 184 HOH A O   1 
HETATM 1213 O  O   . HOH F 4 .   ? 31.351  -6.416  -19.939 1.00 54.27  ? 185 HOH A O   1 
HETATM 1214 O  O   . HOH F 4 .   ? 13.750  2.252   8.386   1.00 62.14  ? 186 HOH A O   1 
HETATM 1215 O  O   . HOH F 4 .   ? 16.410  2.937   1.189   1.00 60.17  ? 187 HOH A O   1 
HETATM 1216 O  O   . HOH F 4 .   ? 18.774  2.369   -2.259  1.00 66.48  ? 188 HOH A O   1 
HETATM 1217 O  O   . HOH F 4 .   ? 8.741   2.110   12.543  1.00 59.53  ? 189 HOH A O   1 
HETATM 1218 O  O   . HOH F 4 .   ? 27.959  -18.468 -13.821 1.00 96.63  ? 190 HOH A O   1 
HETATM 1219 O  O   . HOH F 4 .   ? 24.401  0.542   -11.406 1.00 99.99  ? 191 HOH A O   1 
HETATM 1220 O  O   . HOH F 4 .   ? -14.800 -13.366 2.134   1.00 86.09  ? 192 HOH A O   1 
HETATM 1221 O  O   . HOH F 4 .   ? 1.926   -13.590 -12.942 1.00 98.30  ? 193 HOH A O   1 
HETATM 1222 O  O   . HOH F 4 .   ? -0.749  -9.298  11.528  1.00 76.82  ? 194 HOH A O   1 
HETATM 1223 O  O   . HOH F 4 .   ? -11.926 8.541   17.267  1.00 76.84  ? 195 HOH A O   1 
HETATM 1224 O  O   . HOH F 4 .   ? 19.591  -10.615 -15.196 1.00 83.68  ? 196 HOH A O   1 
HETATM 1225 O  O   . HOH F 4 .   ? -14.330 -3.963  9.201   1.00 100.00 ? 197 HOH A O   1 
HETATM 1226 O  O   . HOH F 4 .   ? 14.369  2.729   -11.839 1.00 93.67  ? 198 HOH A O   1 
# 
